data_7K35
#
_entry.id   7K35
#
_cell.length_a   50.220
_cell.length_b   180.220
_cell.length_c   86.860
_cell.angle_alpha   90.000
_cell.angle_beta   106.120
_cell.angle_gamma   90.000
#
_symmetry.space_group_name_H-M   'P 1 21 1'
#
loop_
_entity.id
_entity.type
_entity.pdbx_description
1 polymer 'Alcohol dehydrogenase E chain'
2 non-polymer 'ZINC ION'
3 non-polymer '1,4-DIHYDRONICOTINAMIDE ADENINE DINUCLEOTIDE'
4 non-polymer (4-methylphenyl)methanol
5 non-polymer (4R)-2-METHYLPENTANE-2,4-DIOL
6 water water
#
_entity_poly.entity_id   1
_entity_poly.type   'polypeptide(L)'
_entity_poly.pdbx_seq_one_letter_code
;STAGKVIKCKAAVLWEEKKPFSIEEVEVAPPKAHEVRIKMVATGICRSDDHVVSGTLVTPLPVIAGHEAAGIVESIGEGV
TTVRPGDKVIPLFTPQCGKCRVCKHPEGNFCLKNDLSMPRGTMQDGTSRFTCRGKPIHHFLGTSTFSQYTVVDEISVAKI
DAASPLEKVCLIGCGFSTGYGSAVKVAKVTQGSTCAVFGLGGVGLSVIMGCKAAGAARIIGVDINKDKFAKAKEVGATEC
VNPQDYKKPIQEVLTEMSNGGVDFSFEVIGRLDTMVTALSCCQEAYGVSVIVGVPPDSQNLSMNPMLLLSGRTWKGAIFG
GFKSKDSVPKLVADFMAKKFALDPLITHVLPFEKINEGFDLLRSGESIRTILTF
;
_entity_poly.pdbx_strand_id   A,B,C,D
#
# COMPACT_ATOMS: atom_id res chain seq x y z
N SER A 1 56.07 12.80 12.69
CA SER A 1 56.93 11.67 12.25
C SER A 1 56.13 10.62 11.47
N THR A 2 54.80 10.51 11.64
CA THR A 2 53.94 9.59 10.86
C THR A 2 53.27 10.33 9.67
N ALA A 3 53.41 11.66 9.60
CA ALA A 3 52.72 12.51 8.61
C ALA A 3 53.06 11.98 7.21
N GLY A 4 52.05 11.82 6.38
CA GLY A 4 52.28 11.40 4.98
C GLY A 4 52.63 9.95 4.83
N LYS A 5 52.62 9.19 5.93
CA LYS A 5 52.92 7.75 5.93
C LYS A 5 51.71 6.92 6.30
N VAL A 6 51.64 5.72 5.78
CA VAL A 6 50.74 4.65 6.29
C VAL A 6 51.12 4.37 7.74
N ILE A 7 50.12 4.34 8.60
CA ILE A 7 50.29 3.90 10.00
C ILE A 7 49.84 2.45 10.14
N LYS A 8 50.69 1.65 10.78
CA LYS A 8 50.25 0.34 11.25
C LYS A 8 49.89 0.45 12.73
N CYS A 9 48.68 0.05 13.09
CA CYS A 9 48.19 0.18 14.47
C CYS A 9 47.20 -0.92 14.79
N LYS A 10 46.75 -0.99 16.03
CA LYS A 10 45.72 -1.94 16.48
C LYS A 10 44.34 -1.31 16.29
N ALA A 11 43.42 -2.12 15.84
CA ALA A 11 42.00 -1.72 15.77
C ALA A 11 41.15 -2.95 16.10
N ALA A 12 39.93 -2.68 16.52
CA ALA A 12 38.92 -3.69 16.77
C ALA A 12 38.09 -3.86 15.53
N VAL A 13 38.36 -4.93 14.78
CA VAL A 13 37.67 -5.18 13.51
C VAL A 13 36.49 -6.11 13.78
N LEU A 14 35.33 -5.76 13.26
CA LEU A 14 34.17 -6.68 13.27
C LEU A 14 34.06 -7.33 11.90
N TRP A 15 34.44 -8.60 11.82
CA TRP A 15 34.41 -9.35 10.54
C TRP A 15 33.01 -9.88 10.20
N GLU A 16 32.25 -10.25 11.23
CA GLU A 16 30.90 -10.84 11.08
C GLU A 16 30.01 -10.39 12.21
N GLU A 17 28.70 -10.40 11.95
CA GLU A 17 27.65 -10.22 12.98
C GLU A 17 27.80 -11.26 14.11
N LYS A 18 27.48 -10.87 15.34
CA LYS A 18 27.25 -11.76 16.49
C LYS A 18 28.56 -12.46 16.83
N LYS A 19 29.69 -11.84 16.54
CA LYS A 19 31.05 -12.30 16.91
C LYS A 19 31.78 -11.23 17.72
N PRO A 20 32.77 -11.63 18.53
CA PRO A 20 33.57 -10.70 19.29
C PRO A 20 34.32 -9.83 18.26
N PHE A 21 34.66 -8.62 18.69
CA PHE A 21 35.65 -7.82 17.95
C PHE A 21 36.97 -8.58 17.91
N SER A 22 37.68 -8.48 16.81
CA SER A 22 39.07 -8.98 16.66
C SER A 22 40.05 -7.82 16.80
N ILE A 23 40.91 -7.80 17.82
CA ILE A 23 41.92 -6.73 17.99
C ILE A 23 43.08 -7.16 17.11
N GLU A 24 43.33 -6.45 16.03
CA GLU A 24 44.45 -6.88 15.17
C GLU A 24 45.07 -5.68 14.50
N GLU A 25 46.16 -5.95 13.80
CA GLU A 25 46.90 -4.87 13.10
C GLU A 25 46.09 -4.46 11.88
N VAL A 26 45.94 -3.15 11.76
CA VAL A 26 45.44 -2.50 10.52
C VAL A 26 46.42 -1.49 9.96
N GLU A 27 46.24 -1.16 8.69
CA GLU A 27 46.97 -0.09 8.04
C GLU A 27 46.00 1.05 7.84
N VAL A 28 46.44 2.23 8.26
CA VAL A 28 45.64 3.46 8.17
C VAL A 28 46.32 4.43 7.21
N ALA A 29 45.70 4.64 6.06
CA ALA A 29 46.26 5.52 5.03
C ALA A 29 46.37 6.96 5.55
N PRO A 30 47.30 7.79 5.02
CA PRO A 30 47.33 9.18 5.36
C PRO A 30 46.10 9.87 4.78
N PRO A 31 45.77 11.03 5.37
CA PRO A 31 44.61 11.76 4.90
C PRO A 31 44.81 12.35 3.50
N LYS A 32 43.78 12.29 2.71
CA LYS A 32 43.69 12.94 1.38
C LYS A 32 43.13 14.34 1.62
N ALA A 33 42.83 15.04 0.53
CA ALA A 33 42.38 16.44 0.60
C ALA A 33 41.15 16.51 1.51
N HIS A 34 41.11 17.48 2.38
CA HIS A 34 39.92 17.71 3.24
C HIS A 34 39.65 16.53 4.17
N GLU A 35 40.69 15.81 4.57
CA GLU A 35 40.57 14.71 5.55
C GLU A 35 41.53 14.92 6.70
N VAL A 36 41.24 14.33 7.82
CA VAL A 36 41.96 14.55 9.08
C VAL A 36 42.22 13.17 9.70
N ARG A 37 43.48 12.88 10.03
CA ARG A 37 43.84 11.64 10.70
C ARG A 37 44.04 11.91 12.20
N ILE A 38 43.35 11.15 13.02
CA ILE A 38 43.21 11.40 14.47
C ILE A 38 43.80 10.24 15.23
N LYS A 39 44.66 10.52 16.21
CA LYS A 39 45.08 9.54 17.22
C LYS A 39 44.05 9.48 18.33
C LYS A 39 44.01 9.49 18.32
N MET A 40 43.43 8.30 18.49
N MET A 40 43.33 8.36 18.46
CA MET A 40 42.33 8.20 19.47
CA MET A 40 42.18 8.21 19.38
C MET A 40 42.90 8.28 20.89
C MET A 40 42.71 8.09 20.83
N VAL A 41 42.15 8.95 21.76
N VAL A 41 42.15 8.91 21.74
CA VAL A 41 42.53 8.96 23.19
C VAL A 41 41.51 8.21 24.00
N ALA A 42 40.23 8.39 23.70
CA ALA A 42 39.22 7.68 24.48
C ALA A 42 37.96 7.48 23.62
N THR A 43 37.31 6.36 23.86
CA THR A 43 36.04 6.03 23.12
C THR A 43 35.07 5.35 24.07
N GLY A 44 33.81 5.78 23.99
CA GLY A 44 32.75 5.11 24.75
C GLY A 44 32.17 3.98 23.96
N ILE A 45 31.51 3.09 24.65
CA ILE A 45 30.74 1.94 24.10
C ILE A 45 29.27 2.31 24.17
N CYS A 46 28.68 2.63 23.01
CA CYS A 46 27.27 3.03 22.86
C CYS A 46 26.46 1.78 22.46
N ARG A 47 25.19 1.81 22.83
CA ARG A 47 24.39 0.64 22.47
C ARG A 47 24.34 0.61 20.94
N SER A 48 24.44 1.72 20.20
CA SER A 48 24.40 1.62 18.71
C SER A 48 25.56 0.80 18.19
N ASP A 49 26.74 0.82 18.82
CA ASP A 49 27.85 -0.09 18.37
C ASP A 49 27.43 -1.55 18.54
N ASP A 50 26.75 -1.84 19.64
CA ASP A 50 26.27 -3.21 19.88
C ASP A 50 25.20 -3.56 18.85
N HIS A 51 24.35 -2.62 18.42
CA HIS A 51 23.35 -2.90 17.38
C HIS A 51 24.05 -3.31 16.09
N VAL A 52 25.25 -2.84 15.83
CA VAL A 52 25.98 -3.29 14.64
C VAL A 52 26.38 -4.76 14.82
N VAL A 53 26.87 -5.10 16.00
CA VAL A 53 27.25 -6.52 16.20
C VAL A 53 26.01 -7.42 16.07
N SER A 54 24.88 -6.96 16.58
CA SER A 54 23.66 -7.78 16.62
C SER A 54 22.98 -7.82 15.24
N GLY A 55 23.34 -6.94 14.34
CA GLY A 55 22.69 -6.77 13.02
C GLY A 55 21.37 -6.02 13.08
N THR A 56 21.02 -5.44 14.24
CA THR A 56 19.84 -4.57 14.45
C THR A 56 20.05 -3.26 13.65
N LEU A 57 21.31 -2.79 13.58
CA LEU A 57 21.69 -1.62 12.81
C LEU A 57 22.62 -2.11 11.72
N VAL A 58 22.18 -1.93 10.51
CA VAL A 58 22.88 -2.48 9.34
C VAL A 58 23.90 -1.46 8.87
N THR A 59 25.11 -1.91 8.70
CA THR A 59 26.16 -1.11 8.05
C THR A 59 27.08 -2.13 7.39
N PRO A 60 27.74 -1.79 6.28
CA PRO A 60 28.60 -2.82 5.65
C PRO A 60 29.69 -3.38 6.57
N LEU A 61 29.92 -4.69 6.48
CA LEU A 61 30.97 -5.44 7.21
C LEU A 61 31.96 -5.94 6.17
N PRO A 62 33.24 -6.16 6.49
CA PRO A 62 33.80 -5.90 7.81
C PRO A 62 33.91 -4.40 8.09
N VAL A 63 33.92 -4.09 9.39
CA VAL A 63 33.89 -2.67 9.76
C VAL A 63 34.77 -2.43 11.00
N ILE A 64 35.27 -1.18 11.08
CA ILE A 64 35.76 -0.64 12.37
C ILE A 64 34.60 0.21 12.90
N ALA A 65 33.97 -0.24 13.94
CA ALA A 65 32.86 0.49 14.57
C ALA A 65 33.40 1.58 15.52
N GLY A 66 32.55 2.01 16.43
CA GLY A 66 32.95 3.12 17.27
C GLY A 66 32.65 4.48 16.69
N HIS A 67 31.88 5.25 17.45
CA HIS A 67 31.52 6.59 17.01
C HIS A 67 31.47 7.67 18.11
N GLU A 68 31.69 7.31 19.35
CA GLU A 68 31.60 8.21 20.51
C GLU A 68 33.05 8.32 20.99
N ALA A 69 33.73 9.40 20.66
CA ALA A 69 35.18 9.41 20.97
C ALA A 69 35.77 10.80 21.01
N ALA A 70 37.06 10.83 21.44
CA ALA A 70 37.85 12.06 21.40
C ALA A 70 39.31 11.71 21.17
N GLY A 71 40.00 12.58 20.47
CA GLY A 71 41.40 12.31 20.16
C GLY A 71 42.14 13.58 19.83
N ILE A 72 43.32 13.38 19.26
CA ILE A 72 44.26 14.48 18.96
C ILE A 72 44.65 14.35 17.50
N VAL A 73 44.54 15.40 16.75
CA VAL A 73 44.86 15.39 15.30
C VAL A 73 46.33 14.99 15.12
N GLU A 74 46.60 13.92 14.37
CA GLU A 74 47.96 13.47 13.97
C GLU A 74 48.40 14.26 12.73
N SER A 75 47.56 14.43 11.76
CA SER A 75 47.89 15.13 10.50
C SER A 75 46.63 15.51 9.76
N ILE A 76 46.80 16.46 8.84
CA ILE A 76 45.69 17.01 8.02
C ILE A 76 46.02 16.86 6.55
N GLY A 77 45.01 16.60 5.76
CA GLY A 77 45.14 16.65 4.30
C GLY A 77 45.17 18.08 3.76
N GLU A 78 45.48 18.18 2.46
CA GLU A 78 45.48 19.48 1.72
C GLU A 78 44.12 20.14 1.90
N GLY A 79 44.10 21.43 2.20
CA GLY A 79 42.85 22.22 2.15
C GLY A 79 42.10 22.22 3.46
N VAL A 80 42.48 21.40 4.44
CA VAL A 80 41.85 21.44 5.79
C VAL A 80 42.09 22.83 6.40
N THR A 81 41.05 23.43 6.93
CA THR A 81 41.19 24.76 7.57
C THR A 81 40.72 24.80 9.03
N THR A 82 39.95 23.82 9.47
CA THR A 82 39.18 23.97 10.72
C THR A 82 39.88 23.28 11.86
N VAL A 83 40.92 22.47 11.62
CA VAL A 83 41.70 21.83 12.71
C VAL A 83 43.15 21.83 12.23
N ARG A 84 44.05 21.65 13.17
CA ARG A 84 45.51 21.54 12.91
C ARG A 84 46.09 20.36 13.71
N PRO A 85 47.26 19.85 13.30
CA PRO A 85 47.92 18.82 14.09
C PRO A 85 48.07 19.26 15.54
N GLY A 86 47.82 18.39 16.47
CA GLY A 86 47.90 18.66 17.90
C GLY A 86 46.58 19.08 18.52
N ASP A 87 45.61 19.50 17.70
CA ASP A 87 44.29 19.93 18.20
C ASP A 87 43.58 18.75 18.84
N LYS A 88 42.86 18.95 19.94
CA LYS A 88 41.89 17.98 20.45
C LYS A 88 40.58 18.10 19.65
N VAL A 89 40.04 16.92 19.34
CA VAL A 89 38.89 16.83 18.41
C VAL A 89 37.93 15.75 18.88
N ILE A 90 36.68 15.99 18.54
CA ILE A 90 35.65 14.93 18.61
C ILE A 90 35.16 14.69 17.20
N PRO A 91 35.15 13.38 16.80
CA PRO A 91 34.58 13.00 15.52
C PRO A 91 33.06 13.12 15.60
N LEU A 92 32.45 13.50 14.52
CA LEU A 92 31.04 13.80 14.38
C LEU A 92 30.38 12.69 13.56
N PHE A 93 29.55 11.85 14.16
CA PHE A 93 28.89 10.71 13.45
C PHE A 93 27.77 11.29 12.58
N THR A 94 27.30 12.50 12.93
CA THR A 94 26.38 13.25 12.08
C THR A 94 27.21 14.42 11.56
N PRO A 95 27.54 14.48 10.26
CA PRO A 95 28.40 15.59 9.86
C PRO A 95 27.69 16.97 9.85
N GLN A 96 28.48 18.02 9.55
CA GLN A 96 27.92 19.37 9.27
C GLN A 96 28.64 19.95 8.10
N CYS A 97 28.16 19.75 6.90
CA CYS A 97 28.80 20.22 5.66
C CYS A 97 28.68 21.74 5.59
N GLY A 98 27.62 22.32 6.17
CA GLY A 98 27.40 23.77 6.20
C GLY A 98 26.79 24.27 4.88
N LYS A 99 26.63 23.43 3.87
CA LYS A 99 26.25 23.81 2.50
C LYS A 99 24.86 23.33 2.08
N CYS A 100 24.37 22.22 2.66
CA CYS A 100 23.15 21.53 2.17
C CYS A 100 21.91 22.21 2.77
N ARG A 101 20.76 21.93 2.16
CA ARG A 101 19.49 22.58 2.58
C ARG A 101 19.23 22.33 4.06
N VAL A 102 19.65 21.18 4.59
CA VAL A 102 19.42 20.86 6.03
C VAL A 102 20.37 21.72 6.88
N CYS A 103 21.66 21.73 6.53
CA CYS A 103 22.64 22.51 7.31
C CYS A 103 22.22 23.98 7.33
N LYS A 104 21.60 24.45 6.26
CA LYS A 104 21.21 25.89 6.20
C LYS A 104 19.88 26.11 6.90
N HIS A 105 19.11 25.06 7.21
CA HIS A 105 17.79 25.21 7.89
C HIS A 105 18.03 25.47 9.36
N PRO A 106 17.27 26.37 9.99
CA PRO A 106 17.55 26.69 11.41
C PRO A 106 17.30 25.50 12.36
N GLU A 107 16.38 24.58 12.02
CA GLU A 107 16.01 23.45 12.91
CA GLU A 107 16.02 23.49 12.96
C GLU A 107 16.42 22.08 12.34
C GLU A 107 16.88 22.24 12.60
N GLY A 108 17.26 22.06 11.31
N GLY A 108 17.13 22.02 11.31
CA GLY A 108 17.70 20.76 10.78
C GLY A 108 19.11 20.47 11.27
N ASN A 109 19.41 19.21 11.55
CA ASN A 109 20.82 18.86 11.85
C ASN A 109 21.22 17.56 11.13
N PHE A 110 20.32 16.96 10.38
CA PHE A 110 20.62 15.68 9.72
C PHE A 110 21.20 15.93 8.35
N CYS A 111 22.46 16.38 8.37
CA CYS A 111 23.12 16.86 7.12
C CYS A 111 23.03 15.78 6.03
N LEU A 112 22.78 16.18 4.78
CA LEU A 112 22.59 15.26 3.64
C LEU A 112 23.86 14.52 3.30
N LYS A 113 25.03 14.86 3.87
CA LYS A 113 26.26 14.07 3.69
C LYS A 113 26.35 12.90 4.67
N ASN A 114 25.35 12.71 5.54
CA ASN A 114 25.43 11.62 6.54
C ASN A 114 25.55 10.24 5.89
N ASP A 115 26.13 9.31 6.64
CA ASP A 115 26.20 7.88 6.25
C ASP A 115 25.25 7.07 7.11
N LEU A 116 24.17 7.65 7.57
CA LEU A 116 23.26 6.92 8.49
C LEU A 116 22.04 6.43 7.73
N SER A 117 21.50 7.14 6.76
CA SER A 117 20.22 6.76 6.10
C SER A 117 20.47 5.52 5.27
N MET A 118 21.52 5.56 4.45
CA MET A 118 21.86 4.53 3.43
C MET A 118 23.31 4.16 3.65
N PRO A 119 23.70 3.48 4.76
CA PRO A 119 25.13 3.39 5.12
C PRO A 119 25.97 2.77 3.99
N ARG A 120 27.05 3.41 3.57
CA ARG A 120 28.04 2.91 2.58
C ARG A 120 29.30 2.46 3.33
N GLY A 121 29.55 2.98 4.52
CA GLY A 121 30.75 2.60 5.27
C GLY A 121 32.05 3.00 4.58
N THR A 122 32.04 4.18 3.98
CA THR A 122 33.20 4.82 3.33
C THR A 122 33.49 6.24 3.83
N MET A 123 34.61 6.74 3.34
CA MET A 123 34.87 8.16 3.35
C MET A 123 33.88 8.86 2.40
N GLN A 124 33.82 10.19 2.42
CA GLN A 124 32.94 10.92 1.48
C GLN A 124 33.29 10.57 0.04
N ASP A 125 34.54 10.28 -0.28
CA ASP A 125 34.91 10.01 -1.70
C ASP A 125 34.61 8.55 -2.10
N GLY A 126 33.95 7.73 -1.26
CA GLY A 126 33.46 6.38 -1.60
C GLY A 126 34.56 5.34 -1.45
N THR A 127 35.66 5.68 -0.81
CA THR A 127 36.79 4.77 -0.56
C THR A 127 37.10 4.66 0.95
N SER A 128 37.93 3.69 1.29
CA SER A 128 38.31 3.40 2.68
C SER A 128 39.76 3.79 2.89
N ARG A 129 40.07 4.13 4.11
CA ARG A 129 41.45 4.44 4.51
C ARG A 129 42.01 3.32 5.36
N PHE A 130 41.28 2.23 5.50
CA PHE A 130 41.66 1.09 6.35
C PHE A 130 41.88 -0.18 5.51
N THR A 131 43.01 -0.82 5.80
CA THR A 131 43.30 -2.19 5.27
C THR A 131 43.58 -3.12 6.46
N CYS A 132 43.14 -4.37 6.38
CA CYS A 132 43.39 -5.43 7.37
C CYS A 132 43.46 -6.75 6.64
N ARG A 133 44.57 -7.48 6.84
CA ARG A 133 44.75 -8.80 6.19
C ARG A 133 44.68 -8.62 4.67
N GLY A 134 45.17 -7.48 4.21
CA GLY A 134 45.22 -7.01 2.81
C GLY A 134 43.87 -6.70 2.23
N LYS A 135 42.80 -6.63 3.05
CA LYS A 135 41.43 -6.37 2.55
C LYS A 135 41.05 -4.94 2.97
N PRO A 136 40.25 -4.21 2.17
CA PRO A 136 39.64 -2.98 2.63
C PRO A 136 38.61 -3.23 3.73
N ILE A 137 38.60 -2.35 4.74
CA ILE A 137 37.68 -2.46 5.88
C ILE A 137 36.80 -1.21 5.82
N HIS A 138 35.52 -1.36 6.07
CA HIS A 138 34.55 -0.25 6.07
C HIS A 138 34.79 0.61 7.28
N HIS A 139 34.46 1.87 7.02
CA HIS A 139 34.26 2.92 8.06
C HIS A 139 32.86 2.84 8.67
N PHE A 140 32.61 3.48 9.81
CA PHE A 140 31.29 3.42 10.46
C PHE A 140 30.88 4.87 10.71
N LEU A 141 29.76 5.26 10.16
CA LEU A 141 29.26 6.65 10.31
C LEU A 141 30.28 7.77 10.08
N GLY A 142 31.28 7.54 9.23
CA GLY A 142 32.24 8.58 8.99
C GLY A 142 33.16 8.78 10.18
N THR A 143 33.24 7.88 11.13
CA THR A 143 34.01 8.04 12.37
C THR A 143 35.00 6.91 12.55
N SER A 144 34.57 5.72 12.92
CA SER A 144 35.39 4.49 13.16
C SER A 144 36.38 4.77 14.27
N THR A 145 35.93 4.69 15.48
CA THR A 145 36.76 5.20 16.61
C THR A 145 37.31 4.03 17.41
N PHE A 146 37.00 2.76 17.08
CA PHE A 146 37.57 1.53 17.73
C PHE A 146 38.90 1.20 17.04
N SER A 147 39.78 2.19 16.93
CA SER A 147 41.10 2.06 16.31
C SER A 147 42.03 3.06 16.96
N GLN A 148 43.30 2.72 17.04
CA GLN A 148 44.26 3.66 17.61
C GLN A 148 44.37 4.91 16.74
N TYR A 149 44.17 4.84 15.43
CA TYR A 149 44.10 6.00 14.54
C TYR A 149 42.92 5.83 13.59
N THR A 150 42.31 6.92 13.20
CA THR A 150 41.21 6.92 12.24
C THR A 150 41.41 8.07 11.30
N VAL A 151 40.71 8.10 10.20
CA VAL A 151 40.73 9.19 9.22
C VAL A 151 39.28 9.55 9.00
N VAL A 152 39.02 10.84 9.16
CA VAL A 152 37.66 11.39 8.99
C VAL A 152 37.67 12.54 7.98
N ASP A 153 36.55 12.74 7.34
CA ASP A 153 36.34 13.95 6.55
C ASP A 153 36.26 15.15 7.46
N GLU A 154 36.68 16.29 6.93
CA GLU A 154 36.70 17.55 7.70
C GLU A 154 35.32 17.92 8.23
N ILE A 155 34.28 17.66 7.46
CA ILE A 155 32.88 17.93 7.92
C ILE A 155 32.43 16.99 9.07
N SER A 156 33.26 16.01 9.42
CA SER A 156 32.95 15.00 10.46
C SER A 156 33.91 15.10 11.65
N VAL A 157 34.45 16.30 11.84
CA VAL A 157 35.29 16.53 13.05
C VAL A 157 35.15 17.97 13.60
N ALA A 158 35.17 18.08 14.91
CA ALA A 158 35.14 19.41 15.53
C ALA A 158 36.36 19.57 16.43
N LYS A 159 36.94 20.79 16.34
CA LYS A 159 38.04 21.18 17.25
C LYS A 159 37.40 21.52 18.58
N ILE A 160 37.96 21.02 19.66
CA ILE A 160 37.47 21.36 21.00
C ILE A 160 38.57 22.04 21.83
N ASP A 161 38.19 22.44 23.03
CA ASP A 161 39.08 23.15 23.99
C ASP A 161 40.38 22.36 24.15
N ALA A 162 41.51 23.03 24.06
CA ALA A 162 42.84 22.40 24.20
C ALA A 162 43.04 21.83 25.61
N ALA A 163 42.27 22.26 26.61
CA ALA A 163 42.41 21.74 28.00
C ALA A 163 41.32 20.75 28.37
N SER A 164 40.50 20.30 27.40
CA SER A 164 39.38 19.32 27.58
C SER A 164 39.92 18.01 28.13
N PRO A 165 39.27 17.32 29.11
CA PRO A 165 39.63 15.95 29.51
C PRO A 165 38.96 14.90 28.62
N LEU A 166 39.75 14.39 27.70
CA LEU A 166 39.22 13.60 26.58
C LEU A 166 38.57 12.31 27.07
N GLU A 167 38.95 11.81 28.26
CA GLU A 167 38.39 10.55 28.76
C GLU A 167 36.97 10.81 29.32
N LYS A 168 36.55 12.07 29.41
CA LYS A 168 35.14 12.39 29.73
C LYS A 168 34.41 12.91 28.49
N VAL A 169 34.97 13.89 27.79
CA VAL A 169 34.20 14.62 26.75
C VAL A 169 33.96 13.76 25.50
N CYS A 170 34.58 12.59 25.40
CA CYS A 170 34.16 11.62 24.39
C CYS A 170 32.64 11.42 24.39
N LEU A 171 32.00 11.48 25.56
CA LEU A 171 30.55 11.24 25.64
C LEU A 171 29.76 12.32 24.92
N ILE A 172 30.32 13.50 24.75
CA ILE A 172 29.69 14.60 23.96
C ILE A 172 29.61 14.17 22.48
N GLY A 173 30.41 13.19 22.08
CA GLY A 173 30.39 12.69 20.71
C GLY A 173 29.17 11.80 20.43
N CYS A 174 28.45 11.43 21.44
CA CYS A 174 27.19 10.70 21.14
C CYS A 174 26.23 10.78 22.32
N GLY A 175 26.40 9.91 23.32
CA GLY A 175 25.27 9.58 24.23
C GLY A 175 24.81 10.81 25.03
N PHE A 176 25.71 11.64 25.58
CA PHE A 176 25.27 12.81 26.39
C PHE A 176 24.54 13.81 25.51
N SER A 177 25.11 14.17 24.38
CA SER A 177 24.56 15.27 23.57
C SER A 177 23.22 14.80 23.01
N THR A 178 23.13 13.50 22.66
CA THR A 178 21.88 12.92 22.11
C THR A 178 20.78 13.07 23.16
N GLY A 179 21.04 12.60 24.37
CA GLY A 179 19.88 12.61 25.29
C GLY A 179 19.54 13.99 25.74
N TYR A 180 20.58 14.77 26.07
CA TYR A 180 20.40 16.13 26.56
C TYR A 180 19.66 17.01 25.53
N GLY A 181 20.06 16.93 24.29
CA GLY A 181 19.44 17.76 23.26
C GLY A 181 18.05 17.26 22.96
N SER A 182 17.83 15.94 23.06
CA SER A 182 16.46 15.29 22.83
C SER A 182 15.47 16.02 23.77
N ALA A 183 15.94 16.33 24.98
CA ALA A 183 15.05 17.07 25.94
C ALA A 183 15.05 18.57 25.67
N VAL A 184 16.21 19.26 25.62
CA VAL A 184 16.27 20.73 25.65
C VAL A 184 15.95 21.29 24.27
N LYS A 185 16.30 20.61 23.20
CA LYS A 185 16.21 21.17 21.85
C LYS A 185 15.03 20.55 21.11
N VAL A 186 14.91 19.22 21.12
CA VAL A 186 13.90 18.54 20.28
C VAL A 186 12.54 18.62 20.96
N ALA A 187 12.42 18.07 22.17
CA ALA A 187 11.12 18.14 22.85
C ALA A 187 10.84 19.58 23.28
N LYS A 188 11.87 20.36 23.68
CA LYS A 188 11.78 21.70 24.32
C LYS A 188 10.97 21.56 25.62
N VAL A 189 11.41 20.70 26.50
CA VAL A 189 10.76 20.48 27.82
C VAL A 189 10.60 21.83 28.52
N THR A 190 9.43 22.02 29.14
CA THR A 190 9.06 23.28 29.77
C THR A 190 9.19 23.18 31.30
N GLN A 191 9.43 24.35 31.89
CA GLN A 191 9.46 24.48 33.37
C GLN A 191 8.14 23.98 34.00
N GLY A 192 8.24 23.07 34.98
CA GLY A 192 7.06 22.60 35.73
C GLY A 192 6.36 21.45 35.06
N SER A 193 6.87 20.93 33.96
CA SER A 193 6.22 19.83 33.24
C SER A 193 6.50 18.48 33.89
N THR A 194 5.81 17.48 33.39
CA THR A 194 5.93 16.04 33.75
C THR A 194 6.51 15.32 32.53
N CYS A 195 7.65 14.70 32.74
CA CYS A 195 8.35 13.91 31.70
C CYS A 195 8.32 12.41 32.03
N ALA A 196 8.34 11.57 31.00
CA ALA A 196 8.51 10.11 31.14
C ALA A 196 9.66 9.69 30.23
N VAL A 197 10.63 8.97 30.76
CA VAL A 197 11.81 8.58 29.99
C VAL A 197 11.90 7.08 30.00
N PHE A 198 11.76 6.45 28.84
CA PHE A 198 11.77 5.00 28.66
C PHE A 198 13.20 4.58 28.32
N GLY A 199 13.87 3.94 29.26
CA GLY A 199 15.26 3.53 29.05
C GLY A 199 16.21 4.36 29.83
N LEU A 200 16.89 3.78 30.81
CA LEU A 200 17.79 4.52 31.71
C LEU A 200 19.23 4.05 31.55
N GLY A 201 19.63 3.88 30.29
CA GLY A 201 21.07 3.81 29.99
C GLY A 201 21.70 5.16 29.84
N GLY A 202 22.90 5.22 29.24
CA GLY A 202 23.54 6.53 29.17
C GLY A 202 22.75 7.58 28.43
N VAL A 203 22.06 7.23 27.37
CA VAL A 203 21.28 8.22 26.63
C VAL A 203 20.05 8.63 27.47
N GLY A 204 19.40 7.68 28.08
CA GLY A 204 18.19 7.99 28.88
C GLY A 204 18.55 8.82 30.10
N LEU A 205 19.67 8.50 30.73
CA LEU A 205 20.13 9.38 31.84
C LEU A 205 20.42 10.79 31.37
N SER A 206 20.94 10.95 30.10
CA SER A 206 21.21 12.26 29.61
C SER A 206 19.90 12.99 29.30
N VAL A 207 18.88 12.27 28.84
CA VAL A 207 17.51 12.87 28.68
C VAL A 207 17.02 13.39 30.05
N ILE A 208 17.20 12.60 31.08
CA ILE A 208 16.81 13.08 32.43
C ILE A 208 17.58 14.36 32.78
N MET A 209 18.88 14.35 32.62
CA MET A 209 19.64 15.56 32.88
C MET A 209 19.05 16.72 32.12
N GLY A 210 18.65 16.57 30.86
CA GLY A 210 18.14 17.70 30.11
C GLY A 210 16.77 18.09 30.64
N CYS A 211 15.96 17.12 31.00
CA CYS A 211 14.63 17.45 31.58
C CYS A 211 14.76 18.23 32.87
N LYS A 212 15.71 17.81 33.71
CA LYS A 212 15.99 18.55 34.97
C LYS A 212 16.52 19.98 34.67
N ALA A 213 17.43 20.15 33.73
CA ALA A 213 17.98 21.45 33.35
C ALA A 213 16.85 22.34 32.85
N ALA A 214 15.88 21.77 32.16
CA ALA A 214 14.76 22.54 31.59
C ALA A 214 13.76 22.88 32.68
N GLY A 215 13.96 22.39 33.91
CA GLY A 215 13.07 22.73 35.03
C GLY A 215 11.81 21.88 35.10
N ALA A 216 11.78 20.65 34.56
CA ALA A 216 10.63 19.71 34.73
C ALA A 216 10.36 19.56 36.25
N ALA A 217 9.09 19.51 36.63
CA ALA A 217 8.68 19.22 38.03
C ALA A 217 8.81 17.72 38.37
N ARG A 218 8.46 16.84 37.44
CA ARG A 218 8.35 15.38 37.58
C ARG A 218 9.07 14.77 36.40
N ILE A 219 9.91 13.81 36.69
CA ILE A 219 10.63 13.01 35.69
C ILE A 219 10.52 11.55 36.09
N ILE A 220 9.74 10.76 35.36
CA ILE A 220 9.43 9.36 35.65
C ILE A 220 10.33 8.52 34.78
N GLY A 221 11.29 7.87 35.40
CA GLY A 221 12.14 6.93 34.65
C GLY A 221 11.48 5.57 34.55
N VAL A 222 11.55 4.93 33.40
CA VAL A 222 10.93 3.62 33.14
C VAL A 222 12.01 2.69 32.63
N ASP A 223 12.18 1.56 33.29
CA ASP A 223 13.18 0.56 32.88
C ASP A 223 12.73 -0.77 33.48
N ILE A 224 12.93 -1.84 32.74
CA ILE A 224 12.68 -3.22 33.19
C ILE A 224 13.80 -3.70 34.11
N ASN A 225 14.90 -2.99 34.19
CA ASN A 225 16.06 -3.32 35.05
C ASN A 225 16.10 -2.34 36.22
N LYS A 226 15.55 -2.75 37.36
CA LYS A 226 15.43 -1.85 38.51
C LYS A 226 16.82 -1.44 39.07
N ASP A 227 17.90 -2.09 38.66
CA ASP A 227 19.27 -1.66 39.04
C ASP A 227 19.64 -0.34 38.39
N LYS A 228 18.86 0.11 37.39
CA LYS A 228 19.11 1.43 36.76
C LYS A 228 18.46 2.57 37.52
N PHE A 229 17.65 2.27 38.54
CA PHE A 229 16.85 3.37 39.16
C PHE A 229 17.67 4.33 40.02
N ALA A 230 18.61 3.76 40.79
CA ALA A 230 19.35 4.58 41.74
C ALA A 230 20.08 5.73 41.00
N LYS A 231 20.76 5.44 39.88
CA LYS A 231 21.49 6.50 39.14
C LYS A 231 20.51 7.45 38.47
N ALA A 232 19.40 6.94 37.96
CA ALA A 232 18.34 7.76 37.34
C ALA A 232 17.85 8.79 38.36
N LYS A 233 17.66 8.38 39.60
CA LYS A 233 17.25 9.35 40.65
C LYS A 233 18.39 10.34 40.94
N GLU A 234 19.64 9.87 41.00
CA GLU A 234 20.77 10.77 41.28
C GLU A 234 20.81 11.89 40.25
N VAL A 235 20.49 11.64 38.98
CA VAL A 235 20.60 12.69 37.95
C VAL A 235 19.26 13.37 37.70
N GLY A 236 18.19 13.05 38.43
CA GLY A 236 17.01 13.93 38.46
C GLY A 236 15.68 13.21 38.36
N ALA A 237 15.61 11.88 38.21
CA ALA A 237 14.32 11.15 38.17
C ALA A 237 13.65 11.36 39.53
N THR A 238 12.39 11.80 39.54
CA THR A 238 11.60 12.00 40.80
C THR A 238 10.97 10.67 41.22
N GLU A 239 10.68 9.80 40.27
CA GLU A 239 10.10 8.45 40.41
C GLU A 239 10.69 7.54 39.36
N CYS A 240 10.75 6.23 39.66
CA CYS A 240 11.08 5.21 38.67
C CYS A 240 10.06 4.09 38.74
N VAL A 241 9.68 3.59 37.59
CA VAL A 241 8.69 2.50 37.45
C VAL A 241 9.32 1.40 36.61
N ASN A 242 9.10 0.17 37.07
CA ASN A 242 9.42 -1.06 36.35
C ASN A 242 8.12 -1.61 35.79
N PRO A 243 7.88 -1.62 34.46
CA PRO A 243 6.67 -2.22 33.89
C PRO A 243 6.34 -3.64 34.36
N GLN A 244 7.37 -4.38 34.74
CA GLN A 244 7.20 -5.78 35.19
C GLN A 244 6.49 -5.86 36.55
N ASP A 245 6.44 -4.77 37.30
CA ASP A 245 5.83 -4.73 38.64
C ASP A 245 4.31 -4.47 38.56
N TYR A 246 3.75 -4.20 37.38
CA TYR A 246 2.34 -3.76 37.23
C TYR A 246 1.55 -4.77 36.42
N LYS A 247 0.28 -4.93 36.77
CA LYS A 247 -0.68 -5.73 35.98
C LYS A 247 -1.12 -4.97 34.73
N LYS A 248 -1.37 -3.66 34.83
CA LYS A 248 -1.78 -2.85 33.67
C LYS A 248 -0.58 -2.53 32.79
N PRO A 249 -0.82 -2.28 31.49
CA PRO A 249 0.26 -1.80 30.61
C PRO A 249 0.81 -0.48 31.14
N ILE A 250 2.10 -0.25 30.93
CA ILE A 250 2.74 0.92 31.56
C ILE A 250 2.16 2.24 31.02
N GLN A 251 1.67 2.32 29.77
CA GLN A 251 1.10 3.63 29.32
C GLN A 251 -0.07 4.01 30.24
N GLU A 252 -0.81 3.00 30.68
CA GLU A 252 -2.00 3.19 31.55
C GLU A 252 -1.57 3.65 32.95
N VAL A 253 -0.55 2.99 33.49
CA VAL A 253 0.12 3.35 34.76
C VAL A 253 0.60 4.80 34.68
N LEU A 254 1.41 5.19 33.67
CA LEU A 254 1.92 6.57 33.53
C LEU A 254 0.78 7.58 33.32
N THR A 255 -0.23 7.24 32.55
CA THR A 255 -1.40 8.14 32.35
C THR A 255 -2.06 8.41 33.70
N GLU A 256 -2.21 7.40 34.56
CA GLU A 256 -2.77 7.56 35.91
C GLU A 256 -1.85 8.42 36.79
N MET A 257 -0.58 8.04 36.87
CA MET A 257 0.42 8.75 37.70
C MET A 257 0.45 10.23 37.32
N SER A 258 0.23 10.58 36.05
CA SER A 258 0.35 12.00 35.60
C SER A 258 -1.03 12.64 35.44
N ASN A 259 -2.10 12.02 35.98
CA ASN A 259 -3.43 12.67 36.06
C ASN A 259 -3.87 12.99 34.63
N GLY A 260 -3.63 12.07 33.69
CA GLY A 260 -4.21 12.16 32.34
C GLY A 260 -3.16 12.17 31.25
N GLY A 261 -1.91 11.85 31.56
CA GLY A 261 -0.85 11.80 30.53
C GLY A 261 0.28 12.74 30.81
N VAL A 262 1.48 12.39 30.36
CA VAL A 262 2.66 13.25 30.59
C VAL A 262 2.76 14.34 29.53
N ASP A 263 3.49 15.42 29.83
CA ASP A 263 3.76 16.55 28.88
C ASP A 263 4.72 16.04 27.81
N PHE A 264 5.74 15.30 28.21
CA PHE A 264 6.81 14.89 27.28
C PHE A 264 7.19 13.46 27.60
N SER A 265 7.31 12.62 26.60
CA SER A 265 7.73 11.23 26.74
C SER A 265 8.91 11.00 25.77
N PHE A 266 9.78 10.10 26.11
CA PHE A 266 10.99 9.86 25.33
C PHE A 266 11.18 8.34 25.23
N GLU A 267 11.39 7.83 24.02
CA GLU A 267 11.70 6.41 23.82
C GLU A 267 13.21 6.30 23.62
N VAL A 268 13.91 5.71 24.56
CA VAL A 268 15.39 5.72 24.60
C VAL A 268 15.86 4.28 24.76
N ILE A 269 15.28 3.36 23.99
CA ILE A 269 15.56 1.92 24.03
C ILE A 269 15.89 1.42 22.64
N GLY A 270 14.93 1.53 21.75
CA GLY A 270 15.01 1.03 20.37
C GLY A 270 14.07 -0.14 20.08
N ARG A 271 12.92 -0.13 20.71
CA ARG A 271 11.94 -1.19 20.43
C ARG A 271 10.67 -0.58 19.84
N LEU A 272 10.09 -1.24 18.87
CA LEU A 272 8.86 -0.75 18.26
C LEU A 272 7.75 -0.61 19.30
N ASP A 273 7.62 -1.57 20.19
CA ASP A 273 6.50 -1.54 21.16
C ASP A 273 6.62 -0.33 22.08
N THR A 274 7.80 -0.07 22.63
CA THR A 274 7.98 1.09 23.52
C THR A 274 7.83 2.40 22.78
N MET A 275 8.10 2.44 21.47
CA MET A 275 7.83 3.68 20.73
C MET A 275 6.35 3.97 20.78
N VAL A 276 5.53 2.98 20.55
CA VAL A 276 4.07 3.22 20.61
C VAL A 276 3.57 3.48 22.02
N THR A 277 4.03 2.70 22.99
CA THR A 277 3.72 2.97 24.44
C THR A 277 4.11 4.40 24.82
N ALA A 278 5.35 4.85 24.51
CA ALA A 278 5.77 6.18 24.90
C ALA A 278 4.85 7.22 24.24
N LEU A 279 4.44 7.00 23.00
CA LEU A 279 3.52 7.95 22.39
C LEU A 279 2.19 7.99 23.18
N SER A 280 1.70 6.80 23.46
CA SER A 280 0.38 6.63 24.11
C SER A 280 0.38 7.32 25.48
N CYS A 281 1.48 7.27 26.25
CA CYS A 281 1.49 7.82 27.65
C CYS A 281 1.61 9.36 27.72
N CYS A 282 1.82 10.05 26.61
CA CYS A 282 1.79 11.53 26.61
CA CYS A 282 1.77 11.52 26.45
C CYS A 282 0.33 11.98 26.45
N GLN A 283 0.06 13.13 27.04
CA GLN A 283 -1.33 13.60 27.13
C GLN A 283 -1.92 13.72 25.71
N GLU A 284 -3.15 13.21 25.52
CA GLU A 284 -3.69 13.06 24.15
C GLU A 284 -3.88 14.34 23.37
N ALA A 285 -4.09 15.50 24.02
CA ALA A 285 -4.36 16.79 23.35
C ALA A 285 -3.09 17.64 23.15
N TYR A 286 -2.08 17.51 23.99
CA TYR A 286 -0.95 18.45 23.88
C TYR A 286 0.39 17.77 24.22
N GLY A 287 0.39 16.45 24.38
CA GLY A 287 1.60 15.69 24.67
C GLY A 287 2.58 15.67 23.52
N VAL A 288 3.86 15.55 23.85
CA VAL A 288 4.92 15.41 22.83
C VAL A 288 5.68 14.13 23.16
N SER A 289 5.99 13.33 22.16
CA SER A 289 6.75 12.06 22.32
C SER A 289 7.92 12.08 21.34
N VAL A 290 9.15 11.87 21.84
CA VAL A 290 10.40 11.87 21.03
C VAL A 290 10.93 10.43 20.98
N ILE A 291 11.17 9.99 19.80
CA ILE A 291 11.88 8.72 19.56
C ILE A 291 13.36 9.04 19.51
N VAL A 292 14.10 8.44 20.39
CA VAL A 292 15.59 8.54 20.37
C VAL A 292 16.19 7.17 20.04
N GLY A 293 15.62 6.04 20.49
CA GLY A 293 16.02 4.62 20.29
C GLY A 293 16.14 4.34 18.84
N VAL A 294 17.16 3.58 18.46
CA VAL A 294 17.33 3.14 17.05
C VAL A 294 16.60 1.82 16.83
N PRO A 295 15.61 1.84 15.90
CA PRO A 295 14.74 0.70 15.71
C PRO A 295 15.45 -0.41 14.96
N PRO A 296 14.94 -1.66 15.03
CA PRO A 296 15.53 -2.81 14.34
C PRO A 296 15.40 -2.58 12.82
N ASP A 297 16.44 -2.95 12.10
CA ASP A 297 16.54 -2.63 10.65
C ASP A 297 15.25 -3.02 9.86
N SER A 298 14.72 -2.09 9.10
CA SER A 298 13.69 -2.28 8.06
C SER A 298 12.33 -2.67 8.66
N GLN A 299 12.18 -2.67 9.96
CA GLN A 299 10.90 -3.11 10.57
C GLN A 299 9.94 -1.96 10.73
N ASN A 300 8.65 -2.15 10.49
CA ASN A 300 7.63 -1.11 10.69
C ASN A 300 6.93 -1.38 12.00
N LEU A 301 6.47 -0.32 12.60
CA LEU A 301 5.53 -0.40 13.72
C LEU A 301 4.09 -0.20 13.21
N SER A 302 3.18 -0.59 14.08
CA SER A 302 1.74 -0.46 13.85
C SER A 302 1.18 0.47 14.92
N MET A 303 0.34 1.42 14.52
CA MET A 303 -0.23 2.32 15.53
C MET A 303 -1.54 2.89 15.02
N ASN A 304 -2.34 3.29 15.98
CA ASN A 304 -3.67 3.91 15.72
C ASN A 304 -3.52 5.43 15.56
N PRO A 305 -3.77 5.98 14.34
CA PRO A 305 -3.53 7.39 14.11
C PRO A 305 -4.49 8.26 14.89
N MET A 306 -5.51 7.73 15.57
CA MET A 306 -6.28 8.55 16.52
C MET A 306 -5.38 9.04 17.68
N LEU A 307 -4.26 8.38 17.94
CA LEU A 307 -3.28 8.90 18.91
C LEU A 307 -2.80 10.30 18.51
N LEU A 308 -2.61 10.55 17.21
CA LEU A 308 -2.13 11.83 16.77
C LEU A 308 -3.33 12.77 16.57
N LEU A 309 -4.45 12.32 16.06
CA LEU A 309 -5.52 13.25 15.64
C LEU A 309 -6.04 13.99 16.85
N SER A 310 -5.93 13.43 18.05
CA SER A 310 -6.40 14.12 19.29
C SER A 310 -5.52 15.34 19.59
N GLY A 311 -4.26 15.31 19.11
CA GLY A 311 -3.40 16.48 19.29
C GLY A 311 -1.95 16.15 19.61
N ARG A 312 -1.62 14.90 19.85
CA ARG A 312 -0.22 14.55 20.15
C ARG A 312 0.70 14.99 19.02
N THR A 313 1.95 15.20 19.45
CA THR A 313 3.06 15.41 18.53
C THR A 313 4.06 14.27 18.70
N TRP A 314 4.50 13.75 17.60
CA TRP A 314 5.47 12.66 17.58
C TRP A 314 6.66 13.04 16.77
N LYS A 315 7.83 12.84 17.27
CA LYS A 315 9.00 13.28 16.49
C LYS A 315 10.18 12.43 16.90
N GLY A 316 11.21 12.46 16.12
CA GLY A 316 12.44 11.78 16.50
C GLY A 316 13.59 12.67 16.19
N ALA A 317 14.77 12.22 16.51
CA ALA A 317 15.94 13.06 16.20
C ALA A 317 17.23 12.25 16.29
N ILE A 318 18.21 12.65 15.51
CA ILE A 318 19.58 12.17 15.57
C ILE A 318 20.38 13.14 16.39
N PHE A 319 21.25 12.69 17.27
CA PHE A 319 22.25 13.50 17.98
C PHE A 319 21.55 14.65 18.68
N GLY A 320 20.38 14.44 19.25
CA GLY A 320 19.78 15.47 20.09
C GLY A 320 19.25 16.65 19.31
N GLY A 321 19.24 16.58 18.00
CA GLY A 321 18.93 17.76 17.20
C GLY A 321 20.04 18.79 17.11
N PHE A 322 21.22 18.43 17.55
CA PHE A 322 22.31 19.40 17.50
C PHE A 322 22.95 19.45 16.11
N LYS A 323 23.13 20.64 15.56
CA LYS A 323 24.08 20.85 14.42
C LYS A 323 25.47 20.54 14.93
N SER A 324 26.10 19.50 14.40
CA SER A 324 27.14 18.84 15.19
C SER A 324 28.39 19.73 15.36
N LYS A 325 28.86 20.27 14.26
CA LYS A 325 30.18 20.95 14.34
C LYS A 325 30.06 22.31 15.03
N ASP A 326 28.88 22.94 14.95
CA ASP A 326 28.64 24.19 15.71
C ASP A 326 28.51 23.82 17.19
N SER A 327 27.85 22.71 17.51
CA SER A 327 27.38 22.44 18.87
C SER A 327 28.42 21.77 19.73
N VAL A 328 29.19 20.83 19.16
CA VAL A 328 30.09 20.04 20.05
C VAL A 328 31.14 20.93 20.77
N PRO A 329 31.82 21.89 20.14
CA PRO A 329 32.77 22.77 20.86
C PRO A 329 32.08 23.55 22.02
N LYS A 330 30.86 24.01 21.78
CA LYS A 330 30.08 24.79 22.75
C LYS A 330 29.75 23.91 23.93
N LEU A 331 29.33 22.67 23.65
CA LEU A 331 29.01 21.63 24.67
C LEU A 331 30.25 21.35 25.51
N VAL A 332 31.38 21.18 24.86
CA VAL A 332 32.63 20.98 25.64
C VAL A 332 32.89 22.24 26.50
N ALA A 333 32.75 23.47 25.98
CA ALA A 333 32.98 24.76 26.74
C ALA A 333 32.05 24.75 27.94
N ASP A 334 30.77 24.37 27.74
CA ASP A 334 29.82 24.25 28.88
C ASP A 334 30.24 23.18 29.89
N PHE A 335 30.73 22.04 29.43
CA PHE A 335 31.22 20.98 30.35
C PHE A 335 32.39 21.55 31.18
N MET A 336 33.28 22.32 30.55
CA MET A 336 34.47 22.88 31.24
CA MET A 336 34.45 22.77 31.35
C MET A 336 34.02 23.88 32.33
N ALA A 337 32.89 24.54 32.10
CA ALA A 337 32.30 25.53 33.01
C ALA A 337 31.37 24.85 34.02
N LYS A 338 31.27 23.52 33.99
CA LYS A 338 30.50 22.61 34.88
C LYS A 338 28.98 22.87 34.73
N LYS A 339 28.50 23.23 33.53
CA LYS A 339 27.04 23.43 33.32
C LYS A 339 26.28 22.12 33.32
N PHE A 340 26.94 20.98 33.09
CA PHE A 340 26.41 19.63 33.20
C PHE A 340 27.54 18.73 33.66
N ALA A 341 27.18 17.54 34.06
CA ALA A 341 28.11 16.52 34.58
C ALA A 341 28.14 15.35 33.58
N LEU A 342 29.32 14.74 33.37
CA LEU A 342 29.44 13.48 32.61
C LEU A 342 29.79 12.34 33.52
N ASP A 343 30.42 12.56 34.67
CA ASP A 343 30.86 11.42 35.52
C ASP A 343 29.71 10.47 35.89
N PRO A 344 28.44 10.95 36.11
CA PRO A 344 27.37 9.99 36.40
C PRO A 344 27.13 8.95 35.32
N LEU A 345 27.54 9.25 34.06
CA LEU A 345 27.34 8.26 32.99
C LEU A 345 28.47 7.24 32.94
N ILE A 346 29.63 7.55 33.55
CA ILE A 346 30.83 6.69 33.40
C ILE A 346 30.85 5.73 34.57
N THR A 347 30.63 4.44 34.31
CA THR A 347 30.58 3.42 35.39
C THR A 347 31.80 2.54 35.35
N HIS A 348 32.51 2.53 34.24
CA HIS A 348 33.64 1.62 34.02
C HIS A 348 34.67 2.28 33.11
N VAL A 349 35.92 1.99 33.35
CA VAL A 349 37.06 2.46 32.53
CA VAL A 349 37.02 2.45 32.47
C VAL A 349 37.91 1.22 32.24
N LEU A 350 38.24 1.01 30.99
CA LEU A 350 39.07 -0.13 30.58
C LEU A 350 40.03 0.32 29.50
N PRO A 351 41.18 -0.33 29.36
CA PRO A 351 42.02 -0.13 28.21
C PRO A 351 41.25 -0.65 26.99
N PHE A 352 41.54 -0.02 25.86
CA PHE A 352 41.05 -0.38 24.51
C PHE A 352 41.12 -1.89 24.30
N GLU A 353 42.25 -2.51 24.67
CA GLU A 353 42.41 -3.96 24.38
C GLU A 353 41.32 -4.81 25.05
N LYS A 354 40.62 -4.27 26.05
CA LYS A 354 39.53 -5.01 26.74
C LYS A 354 38.15 -4.62 26.20
N ILE A 355 38.09 -4.25 24.92
CA ILE A 355 36.81 -3.82 24.31
C ILE A 355 35.75 -4.91 24.47
N ASN A 356 36.07 -6.19 24.31
CA ASN A 356 35.04 -7.24 24.41
C ASN A 356 34.48 -7.36 25.83
N GLU A 357 35.30 -7.18 26.85
CA GLU A 357 34.78 -7.07 28.23
C GLU A 357 33.85 -5.87 28.35
N GLY A 358 34.17 -4.76 27.70
CA GLY A 358 33.31 -3.56 27.71
C GLY A 358 31.94 -3.87 27.12
N PHE A 359 31.90 -4.59 26.00
CA PHE A 359 30.61 -4.97 25.40
C PHE A 359 29.89 -5.95 26.32
N ASP A 360 30.62 -6.87 26.95
CA ASP A 360 29.99 -7.79 27.93
C ASP A 360 29.34 -7.02 29.07
N LEU A 361 29.98 -5.98 29.60
CA LEU A 361 29.44 -5.17 30.71
C LEU A 361 28.14 -4.50 30.24
N LEU A 362 28.10 -4.02 28.99
CA LEU A 362 26.86 -3.36 28.50
C LEU A 362 25.75 -4.40 28.36
N ARG A 363 26.04 -5.52 27.69
CA ARG A 363 25.04 -6.58 27.42
C ARG A 363 24.45 -7.19 28.71
N SER A 364 25.23 -7.30 29.77
CA SER A 364 24.79 -7.96 31.02
C SER A 364 23.88 -6.99 31.81
N GLY A 365 23.83 -5.71 31.46
CA GLY A 365 23.05 -4.73 32.23
C GLY A 365 23.85 -3.99 33.27
N GLU A 366 25.15 -4.32 33.42
CA GLU A 366 25.93 -3.81 34.57
C GLU A 366 26.43 -2.38 34.33
N SER A 367 26.75 -1.97 33.09
CA SER A 367 27.35 -0.65 32.85
C SER A 367 26.33 0.34 32.31
N ILE A 368 26.68 1.61 32.44
CA ILE A 368 26.06 2.70 31.67
C ILE A 368 27.06 2.94 30.55
N ARG A 369 28.07 3.78 30.76
CA ARG A 369 29.14 3.87 29.74
C ARG A 369 30.44 3.33 30.30
N THR A 370 31.06 2.46 29.51
CA THR A 370 32.47 2.10 29.63
C THR A 370 33.25 3.01 28.69
N ILE A 371 34.30 3.66 29.23
CA ILE A 371 35.24 4.48 28.43
C ILE A 371 36.49 3.65 28.21
N LEU A 372 36.83 3.44 26.93
CA LEU A 372 38.05 2.70 26.55
C LEU A 372 39.16 3.71 26.32
N THR A 373 40.33 3.46 26.91
CA THR A 373 41.50 4.36 26.77
CA THR A 373 41.53 4.34 26.81
C THR A 373 42.57 3.68 25.92
N PHE A 374 43.16 4.43 25.02
CA PHE A 374 44.16 3.89 24.07
C PHE A 374 45.56 3.96 24.66
N SER B 1 -42.23 31.96 23.03
CA SER B 1 -43.49 31.26 23.47
C SER B 1 -43.24 29.76 23.67
N THR B 2 -42.23 29.17 22.99
CA THR B 2 -41.93 27.72 23.10
C THR B 2 -41.01 27.40 24.28
N ALA B 3 -40.54 28.42 24.98
CA ALA B 3 -39.63 28.19 26.11
C ALA B 3 -40.30 27.23 27.10
N GLY B 4 -39.55 26.29 27.65
CA GLY B 4 -40.03 25.35 28.67
C GLY B 4 -41.00 24.30 28.13
N LYS B 5 -41.22 24.25 26.80
CA LYS B 5 -42.19 23.34 26.17
C LYS B 5 -41.45 22.40 25.23
N VAL B 6 -41.99 21.20 25.09
CA VAL B 6 -41.53 20.28 24.02
C VAL B 6 -41.79 20.95 22.66
N ILE B 7 -40.85 20.78 21.72
CA ILE B 7 -41.03 21.29 20.34
C ILE B 7 -41.15 20.02 19.49
N LYS B 8 -42.18 19.98 18.67
CA LYS B 8 -42.32 18.98 17.61
C LYS B 8 -41.77 19.59 16.34
N CYS B 9 -40.81 18.92 15.72
CA CYS B 9 -40.18 19.46 14.51
C CYS B 9 -39.64 18.33 13.66
N LYS B 10 -39.11 18.66 12.52
CA LYS B 10 -38.50 17.69 11.61
C LYS B 10 -37.00 17.56 11.89
N ALA B 11 -36.51 16.35 11.83
CA ALA B 11 -35.06 16.07 11.87
C ALA B 11 -34.74 14.98 10.88
N ALA B 12 -33.49 14.93 10.46
CA ALA B 12 -32.97 13.88 9.61
C ALA B 12 -32.39 12.85 10.56
N VAL B 13 -32.98 11.66 10.63
CA VAL B 13 -32.56 10.55 11.53
C VAL B 13 -31.84 9.48 10.65
N LEU B 14 -30.70 9.03 11.14
CA LEU B 14 -29.97 7.89 10.57
C LEU B 14 -30.26 6.71 11.47
N TRP B 15 -31.09 5.77 10.97
CA TRP B 15 -31.50 4.59 11.74
C TRP B 15 -30.50 3.45 11.61
N GLU B 16 -29.80 3.41 10.50
CA GLU B 16 -28.97 2.25 10.11
C GLU B 16 -27.81 2.74 9.28
N GLU B 17 -26.65 2.12 9.45
CA GLU B 17 -25.51 2.44 8.56
C GLU B 17 -25.90 2.20 7.08
N LYS B 18 -25.35 3.00 6.17
CA LYS B 18 -25.34 2.84 4.70
C LYS B 18 -26.76 3.04 4.13
N LYS B 19 -27.64 3.72 4.87
CA LYS B 19 -29.01 4.02 4.43
C LYS B 19 -29.16 5.52 4.27
N PRO B 20 -30.12 5.97 3.45
CA PRO B 20 -30.43 7.39 3.38
C PRO B 20 -30.85 7.89 4.77
N PHE B 21 -30.70 9.18 4.97
CA PHE B 21 -31.33 9.90 6.11
C PHE B 21 -32.85 9.85 5.92
N SER B 22 -33.55 9.77 7.04
CA SER B 22 -35.02 9.72 7.06
C SER B 22 -35.53 10.98 7.73
N ILE B 23 -36.32 11.80 7.03
CA ILE B 23 -36.91 13.03 7.63
C ILE B 23 -38.07 12.56 8.50
N GLU B 24 -37.97 12.77 9.79
CA GLU B 24 -38.93 12.26 10.78
C GLU B 24 -39.47 13.45 11.57
N GLU B 25 -40.67 13.27 12.09
CA GLU B 25 -41.21 14.12 13.16
CA GLU B 25 -41.20 14.14 13.15
C GLU B 25 -40.56 13.69 14.46
N VAL B 26 -39.85 14.60 15.09
CA VAL B 26 -39.24 14.28 16.39
C VAL B 26 -39.80 15.27 17.43
N GLU B 27 -39.66 14.88 18.69
CA GLU B 27 -39.90 15.78 19.83
C GLU B 27 -38.55 16.17 20.45
N VAL B 28 -38.39 17.47 20.62
CA VAL B 28 -37.16 18.09 21.20
C VAL B 28 -37.55 18.60 22.59
N ALA B 29 -37.02 17.98 23.61
CA ALA B 29 -37.27 18.35 25.01
C ALA B 29 -36.72 19.78 25.24
N PRO B 30 -37.30 20.52 26.21
CA PRO B 30 -36.73 21.83 26.56
C PRO B 30 -35.38 21.63 27.27
N PRO B 31 -34.52 22.65 27.24
CA PRO B 31 -33.18 22.51 27.81
C PRO B 31 -33.22 22.46 29.31
N LYS B 32 -32.43 21.57 29.88
CA LYS B 32 -32.24 21.45 31.34
C LYS B 32 -31.12 22.42 31.75
N ALA B 33 -30.71 22.32 33.01
CA ALA B 33 -29.74 23.28 33.53
C ALA B 33 -28.51 23.25 32.60
N HIS B 34 -28.00 24.44 32.31
CA HIS B 34 -26.75 24.63 31.55
C HIS B 34 -26.87 24.05 30.15
N GLU B 35 -28.07 24.14 29.59
CA GLU B 35 -28.35 23.65 28.22
C GLU B 35 -29.01 24.75 27.41
N VAL B 36 -28.88 24.68 26.10
CA VAL B 36 -29.33 25.74 25.17
C VAL B 36 -30.07 25.07 24.02
N ARG B 37 -31.28 25.50 23.73
CA ARG B 37 -32.03 24.99 22.58
C ARG B 37 -31.96 26.00 21.45
N ILE B 38 -31.54 25.56 20.28
CA ILE B 38 -31.15 26.39 19.14
C ILE B 38 -32.10 26.11 17.95
N LYS B 39 -32.64 27.11 17.31
CA LYS B 39 -33.36 26.98 16.04
C LYS B 39 -32.32 27.02 14.91
C LYS B 39 -32.32 27.07 14.90
N MET B 40 -32.32 26.01 14.06
N MET B 40 -31.83 25.92 14.41
CA MET B 40 -31.25 25.97 13.07
CA MET B 40 -30.83 25.92 13.31
C MET B 40 -31.53 26.94 11.93
C MET B 40 -31.29 26.86 12.19
N VAL B 41 -30.46 27.54 11.44
N VAL B 41 -30.36 27.53 11.47
CA VAL B 41 -30.57 28.41 10.27
C VAL B 41 -29.85 27.81 9.08
N ALA B 42 -28.66 27.23 9.28
CA ALA B 42 -27.93 26.62 8.17
C ALA B 42 -27.01 25.55 8.74
N THR B 43 -26.82 24.50 7.95
CA THR B 43 -25.90 23.44 8.35
C THR B 43 -25.18 22.97 7.10
N GLY B 44 -23.86 22.78 7.20
CA GLY B 44 -23.04 22.20 6.14
C GLY B 44 -23.02 20.71 6.16
N ILE B 45 -22.76 20.13 5.01
CA ILE B 45 -22.60 18.67 4.91
C ILE B 45 -21.08 18.43 4.87
N CYS B 46 -20.55 17.83 5.94
CA CYS B 46 -19.09 17.57 6.13
C CYS B 46 -18.90 16.08 5.82
N ARG B 47 -17.74 15.69 5.30
CA ARG B 47 -17.47 14.28 5.02
C ARG B 47 -17.54 13.52 6.32
N SER B 48 -17.31 14.12 7.49
CA SER B 48 -17.40 13.38 8.77
C SER B 48 -18.86 12.90 9.01
N ASP B 49 -19.86 13.66 8.62
CA ASP B 49 -21.26 13.17 8.69
C ASP B 49 -21.45 11.94 7.82
N ASP B 50 -20.86 11.95 6.63
CA ASP B 50 -20.90 10.82 5.71
C ASP B 50 -20.16 9.65 6.35
N HIS B 51 -19.08 9.84 7.09
CA HIS B 51 -18.37 8.75 7.77
C HIS B 51 -19.27 8.05 8.78
N VAL B 52 -20.28 8.69 9.33
CA VAL B 52 -21.25 8.02 10.21
C VAL B 52 -22.12 7.08 9.37
N VAL B 53 -22.55 7.53 8.21
CA VAL B 53 -23.42 6.67 7.34
C VAL B 53 -22.58 5.47 6.91
N SER B 54 -21.32 5.65 6.55
CA SER B 54 -20.48 4.59 5.96
C SER B 54 -20.01 3.64 7.06
N GLY B 55 -20.09 4.01 8.33
CA GLY B 55 -19.59 3.23 9.48
C GLY B 55 -18.09 3.41 9.67
N THR B 56 -17.43 4.29 8.90
CA THR B 56 -16.00 4.75 9.08
C THR B 56 -15.85 5.33 10.50
N LEU B 57 -16.82 6.14 10.88
CA LEU B 57 -16.87 6.81 12.17
C LEU B 57 -18.01 6.19 12.97
N VAL B 58 -17.67 5.56 14.08
CA VAL B 58 -18.64 4.82 14.90
C VAL B 58 -19.22 5.74 15.96
N THR B 59 -20.54 5.83 15.99
CA THR B 59 -21.28 6.62 17.00
C THR B 59 -22.58 5.83 17.20
N PRO B 60 -23.15 5.85 18.41
CA PRO B 60 -24.41 5.12 18.61
C PRO B 60 -25.56 5.55 17.69
N LEU B 61 -26.26 4.53 17.17
CA LEU B 61 -27.42 4.73 16.29
C LEU B 61 -28.66 4.27 17.05
N PRO B 62 -29.86 4.73 16.71
CA PRO B 62 -30.08 5.79 15.73
C PRO B 62 -29.56 7.18 16.20
N VAL B 63 -29.28 8.00 15.21
CA VAL B 63 -28.65 9.31 15.50
C VAL B 63 -29.20 10.45 14.64
N ILE B 64 -29.15 11.68 15.18
CA ILE B 64 -29.26 12.96 14.42
C ILE B 64 -27.85 13.47 14.26
N ALA B 65 -27.33 13.34 13.07
CA ALA B 65 -25.96 13.79 12.80
C ALA B 65 -25.96 15.30 12.49
N GLY B 66 -24.90 15.82 11.88
CA GLY B 66 -24.77 17.27 11.70
C GLY B 66 -23.99 17.89 12.82
N HIS B 67 -22.96 18.62 12.43
CA HIS B 67 -22.07 19.23 13.43
C HIS B 67 -21.55 20.60 12.99
N GLU B 68 -21.77 21.03 11.73
CA GLU B 68 -21.21 22.23 11.10
C GLU B 68 -22.42 23.14 10.84
N ALA B 69 -22.69 24.06 11.76
CA ALA B 69 -24.00 24.75 11.71
C ALA B 69 -23.94 26.14 12.36
N ALA B 70 -25.03 26.86 12.13
CA ALA B 70 -25.27 28.15 12.79
C ALA B 70 -26.77 28.24 13.02
N GLY B 71 -27.14 28.89 14.11
CA GLY B 71 -28.57 29.14 14.32
C GLY B 71 -28.79 30.18 15.39
N ILE B 72 -30.02 30.26 15.85
CA ILE B 72 -30.48 31.32 16.77
C ILE B 72 -30.99 30.65 18.04
N VAL B 73 -30.56 31.09 19.19
CA VAL B 73 -31.01 30.51 20.48
C VAL B 73 -32.53 30.75 20.63
N GLU B 74 -33.24 29.68 20.82
CA GLU B 74 -34.71 29.72 21.07
C GLU B 74 -34.93 29.87 22.58
N SER B 75 -34.17 29.15 23.42
CA SER B 75 -34.34 29.24 24.88
C SER B 75 -33.11 28.71 25.59
N ILE B 76 -32.97 29.09 26.86
CA ILE B 76 -31.81 28.69 27.70
C ILE B 76 -32.34 28.01 28.96
N GLY B 77 -31.64 26.98 29.39
CA GLY B 77 -31.90 26.30 30.65
C GLY B 77 -31.36 27.12 31.83
N GLU B 78 -31.67 26.65 33.02
CA GLU B 78 -31.30 27.30 34.29
C GLU B 78 -29.77 27.40 34.32
N GLY B 79 -29.29 28.57 34.63
CA GLY B 79 -27.87 28.80 34.93
C GLY B 79 -27.05 29.19 33.74
N VAL B 80 -27.62 29.24 32.57
CA VAL B 80 -26.85 29.57 31.34
C VAL B 80 -26.47 31.04 31.45
N THR B 81 -25.20 31.39 31.19
CA THR B 81 -24.70 32.77 31.31
C THR B 81 -24.05 33.26 30.04
N THR B 82 -23.77 32.42 29.05
CA THR B 82 -22.94 32.81 27.90
C THR B 82 -23.73 33.13 26.64
N VAL B 83 -25.02 32.78 26.60
CA VAL B 83 -25.90 33.06 25.45
C VAL B 83 -27.25 33.45 26.02
N ARG B 84 -28.00 34.20 25.22
CA ARG B 84 -29.41 34.51 25.55
C ARG B 84 -30.31 34.18 24.35
N PRO B 85 -31.64 34.05 24.59
CA PRO B 85 -32.57 33.92 23.49
C PRO B 85 -32.41 35.01 22.46
N GLY B 86 -32.37 34.65 21.19
CA GLY B 86 -32.25 35.57 20.07
C GLY B 86 -30.81 35.71 19.58
N ASP B 87 -29.85 35.24 20.35
CA ASP B 87 -28.43 35.33 19.95
C ASP B 87 -28.16 34.39 18.77
N LYS B 88 -27.39 34.83 17.80
CA LYS B 88 -26.74 33.94 16.83
C LYS B 88 -25.62 33.13 17.47
N VAL B 89 -25.60 31.82 17.16
CA VAL B 89 -24.67 30.85 17.80
C VAL B 89 -24.19 29.81 16.78
N ILE B 90 -22.99 29.35 17.05
CA ILE B 90 -22.44 28.18 16.33
C ILE B 90 -22.25 27.06 17.36
N PRO B 91 -22.84 25.85 17.19
CA PRO B 91 -22.57 24.69 18.06
C PRO B 91 -21.12 24.28 17.91
N LEU B 92 -20.57 23.76 18.98
CA LEU B 92 -19.15 23.41 19.04
C LEU B 92 -19.02 21.89 19.18
N PHE B 93 -18.55 21.23 18.15
CA PHE B 93 -18.48 19.76 18.17
C PHE B 93 -17.32 19.33 19.08
N THR B 94 -16.38 20.23 19.29
CA THR B 94 -15.36 20.09 20.34
C THR B 94 -15.71 21.12 21.40
N PRO B 95 -16.03 20.73 22.64
CA PRO B 95 -16.46 21.69 23.63
C PRO B 95 -15.28 22.50 24.17
N GLN B 96 -15.62 23.48 25.00
CA GLN B 96 -14.59 24.17 25.81
C GLN B 96 -15.16 24.42 27.20
N CYS B 97 -14.98 23.48 28.10
CA CYS B 97 -15.49 23.58 29.48
C CYS B 97 -14.76 24.70 30.27
N GLY B 98 -13.50 24.97 29.94
CA GLY B 98 -12.69 26.01 30.59
C GLY B 98 -12.09 25.57 31.92
N LYS B 99 -12.35 24.35 32.36
CA LYS B 99 -12.03 23.84 33.73
C LYS B 99 -11.07 22.64 33.70
N CYS B 100 -10.98 21.87 32.60
CA CYS B 100 -10.14 20.65 32.51
C CYS B 100 -8.68 21.03 32.19
N ARG B 101 -7.80 20.10 32.37
CA ARG B 101 -6.34 20.35 32.22
C ARG B 101 -6.06 20.77 30.79
N VAL B 102 -6.84 20.27 29.83
CA VAL B 102 -6.61 20.67 28.40
C VAL B 102 -7.07 22.11 28.22
N CYS B 103 -8.29 22.42 28.65
CA CYS B 103 -8.79 23.79 28.49
C CYS B 103 -7.85 24.79 29.15
N LYS B 104 -7.24 24.44 30.28
CA LYS B 104 -6.29 25.38 30.93
C LYS B 104 -4.91 25.42 30.23
N HIS B 105 -4.53 24.45 29.43
CA HIS B 105 -3.21 24.41 28.76
C HIS B 105 -3.22 25.43 27.61
N PRO B 106 -2.12 26.16 27.35
CA PRO B 106 -2.13 27.18 26.32
C PRO B 106 -2.34 26.67 24.89
N GLU B 107 -1.98 25.43 24.63
CA GLU B 107 -1.99 24.88 23.24
CA GLU B 107 -1.97 24.84 23.26
C GLU B 107 -3.27 24.04 23.08
C GLU B 107 -2.92 23.65 23.10
N GLY B 108 -3.58 23.21 24.08
N GLY B 108 -3.67 23.27 24.12
CA GLY B 108 -4.58 22.12 23.96
C GLY B 108 -5.95 22.63 23.59
N ASN B 109 -6.67 21.91 22.73
CA ASN B 109 -8.10 22.26 22.48
C ASN B 109 -9.02 21.05 22.64
N PHE B 110 -8.55 19.81 22.80
CA PHE B 110 -9.41 18.59 22.81
C PHE B 110 -9.94 18.44 24.24
N CYS B 111 -10.85 19.34 24.63
CA CYS B 111 -11.47 19.35 25.96
C CYS B 111 -11.87 17.92 26.37
N LEU B 112 -11.65 17.64 27.64
CA LEU B 112 -11.95 16.30 28.16
C LEU B 112 -13.45 16.01 28.23
N LYS B 113 -14.32 16.95 27.97
CA LYS B 113 -15.81 16.77 27.95
C LYS B 113 -16.26 16.36 26.55
N ASN B 114 -15.33 16.16 25.63
CA ASN B 114 -15.72 15.80 24.24
C ASN B 114 -16.37 14.40 24.13
N ASP B 115 -17.19 14.28 23.09
CA ASP B 115 -17.87 13.01 22.78
C ASP B 115 -17.25 12.38 21.52
N LEU B 116 -15.97 12.56 21.30
CA LEU B 116 -15.28 12.09 20.09
C LEU B 116 -14.46 10.84 20.41
N SER B 117 -13.82 10.75 21.56
CA SER B 117 -12.84 9.66 21.84
C SER B 117 -13.58 8.35 22.04
N MET B 118 -14.65 8.37 22.82
CA MET B 118 -15.48 7.14 23.00
C MET B 118 -16.94 7.55 22.89
N PRO B 119 -17.46 7.80 21.67
CA PRO B 119 -18.78 8.41 21.50
C PRO B 119 -19.88 7.70 22.29
N ARG B 120 -20.70 8.44 23.06
CA ARG B 120 -21.89 7.97 23.81
C ARG B 120 -23.14 8.48 23.09
N GLY B 121 -23.04 9.60 22.37
CA GLY B 121 -24.20 10.11 21.64
C GLY B 121 -25.30 10.59 22.56
N THR B 122 -24.89 11.32 23.61
CA THR B 122 -25.82 11.92 24.57
C THR B 122 -25.48 13.38 24.85
N MET B 123 -26.32 14.02 25.67
CA MET B 123 -25.96 15.27 26.38
C MET B 123 -24.91 14.96 27.45
N GLN B 124 -24.35 16.00 28.08
CA GLN B 124 -23.33 15.76 29.14
C GLN B 124 -23.93 14.87 30.24
N ASP B 125 -25.22 15.01 30.51
CA ASP B 125 -25.83 14.27 31.65
C ASP B 125 -26.12 12.82 31.29
N GLY B 126 -25.76 12.36 30.10
CA GLY B 126 -25.93 10.95 29.75
C GLY B 126 -27.31 10.63 29.21
N THR B 127 -28.14 11.62 28.92
CA THR B 127 -29.49 11.38 28.37
C THR B 127 -29.63 12.05 27.01
N SER B 128 -30.73 11.77 26.33
CA SER B 128 -31.08 12.39 25.03
C SER B 128 -32.25 13.38 25.16
N ARG B 129 -32.21 14.47 24.38
CA ARG B 129 -33.33 15.45 24.28
C ARG B 129 -34.28 15.12 23.12
N PHE B 130 -33.97 14.07 22.36
CA PHE B 130 -34.70 13.78 21.11
C PHE B 130 -35.46 12.45 21.24
N THR B 131 -36.72 12.49 20.82
CA THR B 131 -37.49 11.24 20.70
C THR B 131 -38.19 11.21 19.36
N CYS B 132 -38.31 10.00 18.84
CA CYS B 132 -39.05 9.75 17.59
C CYS B 132 -40.02 8.61 17.86
N ARG B 133 -41.32 8.90 17.88
CA ARG B 133 -42.34 7.86 18.23
C ARG B 133 -41.95 7.13 19.51
N GLY B 134 -41.66 7.87 20.56
CA GLY B 134 -41.34 7.31 21.87
C GLY B 134 -39.91 6.78 21.95
N LYS B 135 -39.16 6.67 20.85
CA LYS B 135 -37.81 6.04 20.90
C LYS B 135 -36.76 7.12 21.09
N PRO B 136 -35.87 7.01 22.08
CA PRO B 136 -34.76 7.98 22.17
C PRO B 136 -33.84 7.93 20.95
N ILE B 137 -33.48 9.10 20.46
CA ILE B 137 -32.54 9.25 19.32
C ILE B 137 -31.24 9.82 19.87
N HIS B 138 -30.13 9.24 19.45
CA HIS B 138 -28.81 9.75 19.92
C HIS B 138 -28.50 11.08 19.33
N HIS B 139 -27.67 11.84 20.13
CA HIS B 139 -26.99 13.07 19.72
C HIS B 139 -25.70 12.68 19.02
N PHE B 140 -25.12 13.62 18.29
CA PHE B 140 -23.84 13.37 17.62
C PHE B 140 -22.92 14.55 17.99
N LEU B 141 -21.77 14.18 18.59
CA LEU B 141 -20.68 15.12 18.99
C LEU B 141 -21.25 16.26 19.83
N GLY B 142 -22.30 16.06 20.60
CA GLY B 142 -22.94 17.10 21.40
C GLY B 142 -23.53 18.21 20.56
N THR B 143 -23.80 18.03 19.28
CA THR B 143 -24.29 19.10 18.40
C THR B 143 -25.62 18.68 17.76
N SER B 144 -25.64 17.68 16.90
CA SER B 144 -26.88 17.21 16.20
C SER B 144 -27.58 18.37 15.49
N THR B 145 -27.09 18.77 14.32
CA THR B 145 -27.55 20.00 13.67
C THR B 145 -28.45 19.73 12.47
N PHE B 146 -28.67 18.43 12.18
CA PHE B 146 -29.58 18.02 11.07
C PHE B 146 -31.00 17.91 11.64
N SER B 147 -31.45 19.01 12.16
CA SER B 147 -32.74 19.07 12.87
C SER B 147 -33.17 20.51 12.88
N GLN B 148 -34.46 20.77 12.83
CA GLN B 148 -34.91 22.17 12.88
C GLN B 148 -34.56 22.81 14.22
N TYR B 149 -34.58 22.04 15.29
CA TYR B 149 -34.16 22.47 16.63
C TYR B 149 -33.19 21.47 17.20
N THR B 150 -32.21 21.93 17.97
CA THR B 150 -31.37 20.99 18.72
C THR B 150 -31.22 21.51 20.15
N VAL B 151 -30.69 20.69 21.00
CA VAL B 151 -30.31 21.08 22.37
C VAL B 151 -28.85 20.72 22.56
N VAL B 152 -28.06 21.67 23.03
CA VAL B 152 -26.62 21.43 23.27
C VAL B 152 -26.30 21.83 24.71
N ASP B 153 -25.25 21.27 25.24
CA ASP B 153 -24.64 21.80 26.48
C ASP B 153 -24.00 23.17 26.26
N GLU B 154 -24.05 24.02 27.28
CA GLU B 154 -23.54 25.38 27.22
C GLU B 154 -22.05 25.38 26.80
N ILE B 155 -21.31 24.37 27.20
CA ILE B 155 -19.86 24.27 26.81
C ILE B 155 -19.72 23.97 25.32
N SER B 156 -20.81 23.63 24.65
CA SER B 156 -20.81 23.26 23.20
C SER B 156 -21.55 24.28 22.36
N VAL B 157 -21.52 25.56 22.78
CA VAL B 157 -22.11 26.62 21.93
C VAL B 157 -21.37 27.95 22.16
N ALA B 158 -21.12 28.70 21.09
CA ALA B 158 -20.54 30.05 21.15
C ALA B 158 -21.51 31.05 20.55
N LYS B 159 -21.60 32.19 21.23
CA LYS B 159 -22.30 33.38 20.71
C LYS B 159 -21.44 34.04 19.65
N ILE B 160 -22.02 34.39 18.54
CA ILE B 160 -21.30 35.10 17.45
C ILE B 160 -21.98 36.45 17.13
N ASP B 161 -21.36 37.18 16.22
CA ASP B 161 -21.75 38.55 15.82
C ASP B 161 -23.22 38.51 15.42
N ALA B 162 -24.01 39.43 15.95
CA ALA B 162 -25.46 39.51 15.65
C ALA B 162 -25.71 39.77 14.18
N ALA B 163 -24.76 40.34 13.48
CA ALA B 163 -24.91 40.75 12.06
C ALA B 163 -24.38 39.65 11.10
N SER B 164 -23.91 38.52 11.59
CA SER B 164 -23.18 37.56 10.72
C SER B 164 -24.14 36.74 9.87
N PRO B 165 -23.78 36.46 8.59
CA PRO B 165 -24.61 35.68 7.67
C PRO B 165 -24.50 34.16 7.93
N LEU B 166 -25.54 33.60 8.54
CA LEU B 166 -25.50 32.23 9.11
C LEU B 166 -25.31 31.21 7.99
N GLU B 167 -25.77 31.52 6.78
CA GLU B 167 -25.65 30.59 5.63
C GLU B 167 -24.20 30.47 5.16
N LYS B 168 -23.31 31.37 5.59
CA LYS B 168 -21.86 31.29 5.31
C LYS B 168 -21.09 30.85 6.58
N VAL B 169 -21.40 31.43 7.73
CA VAL B 169 -20.48 31.26 8.89
C VAL B 169 -20.67 29.90 9.56
N CYS B 170 -21.71 29.15 9.24
CA CYS B 170 -21.85 27.75 9.64
C CYS B 170 -20.54 26.99 9.30
N LEU B 171 -19.81 27.38 8.25
CA LEU B 171 -18.58 26.60 7.93
C LEU B 171 -17.49 26.86 8.94
N ILE B 172 -17.63 27.87 9.76
CA ILE B 172 -16.65 28.08 10.86
C ILE B 172 -16.85 27.03 11.95
N GLY B 173 -18.03 26.45 12.01
CA GLY B 173 -18.27 25.38 12.98
C GLY B 173 -17.47 24.12 12.68
N CYS B 174 -16.95 23.99 11.48
CA CYS B 174 -16.10 22.82 11.26
C CYS B 174 -15.10 23.05 10.13
N GLY B 175 -15.51 22.89 8.88
CA GLY B 175 -14.55 22.60 7.81
C GLY B 175 -13.56 23.72 7.63
N PHE B 176 -13.97 25.00 7.62
CA PHE B 176 -13.07 26.16 7.37
C PHE B 176 -12.07 26.18 8.54
N SER B 177 -12.58 26.24 9.75
CA SER B 177 -11.72 26.43 10.92
C SER B 177 -10.73 25.27 11.02
N THR B 178 -11.22 24.06 10.79
CA THR B 178 -10.32 22.85 10.84
C THR B 178 -9.14 23.08 9.86
N GLY B 179 -9.46 23.28 8.60
CA GLY B 179 -8.36 23.34 7.61
C GLY B 179 -7.46 24.54 7.84
N TYR B 180 -8.01 25.71 8.10
CA TYR B 180 -7.28 26.96 8.24
C TYR B 180 -6.39 26.81 9.46
N GLY B 181 -6.96 26.40 10.62
CA GLY B 181 -6.15 26.23 11.84
C GLY B 181 -5.06 25.18 11.66
N SER B 182 -5.38 24.08 10.98
CA SER B 182 -4.36 23.03 10.76
C SER B 182 -3.08 23.67 10.20
N ALA B 183 -3.27 24.52 9.22
CA ALA B 183 -2.13 25.24 8.61
C ALA B 183 -1.53 26.31 9.53
N VAL B 184 -2.37 27.20 10.08
CA VAL B 184 -1.81 28.44 10.70
C VAL B 184 -1.47 28.20 12.18
N LYS B 185 -2.13 27.27 12.83
CA LYS B 185 -1.94 27.06 14.27
C LYS B 185 -1.22 25.75 14.55
N VAL B 186 -1.60 24.65 13.89
CA VAL B 186 -1.06 23.29 14.23
C VAL B 186 0.31 23.16 13.52
N ALA B 187 0.34 23.24 12.20
CA ALA B 187 1.62 23.12 11.46
C ALA B 187 2.47 24.38 11.69
N LYS B 188 1.90 25.60 11.84
CA LYS B 188 2.59 26.92 11.88
C LYS B 188 3.42 27.03 10.62
N VAL B 189 2.72 26.96 9.49
CA VAL B 189 3.35 27.14 8.17
C VAL B 189 4.11 28.46 8.14
N THR B 190 5.31 28.43 7.55
CA THR B 190 6.18 29.64 7.58
C THR B 190 6.21 30.30 6.20
N GLN B 191 6.57 31.59 6.20
CA GLN B 191 6.67 32.37 4.93
C GLN B 191 7.72 31.73 4.02
N GLY B 192 7.40 31.56 2.75
CA GLY B 192 8.32 31.06 1.72
C GLY B 192 8.42 29.54 1.70
N SER B 193 7.68 28.82 2.55
CA SER B 193 7.72 27.34 2.60
C SER B 193 7.01 26.67 1.41
N THR B 194 7.27 25.37 1.27
CA THR B 194 6.57 24.48 0.34
C THR B 194 5.64 23.55 1.13
N CYS B 195 4.39 23.62 0.79
CA CYS B 195 3.37 22.76 1.43
C CYS B 195 2.76 21.80 0.41
N ALA B 196 2.37 20.62 0.85
CA ALA B 196 1.60 19.60 0.10
C ALA B 196 0.29 19.32 0.85
N VAL B 197 -0.81 19.42 0.17
CA VAL B 197 -2.15 19.20 0.81
C VAL B 197 -2.79 18.02 0.08
N PHE B 198 -3.04 16.90 0.76
CA PHE B 198 -3.65 15.63 0.30
C PHE B 198 -5.14 15.76 0.56
N GLY B 199 -5.94 15.92 -0.50
CA GLY B 199 -7.38 16.02 -0.38
C GLY B 199 -7.79 17.44 -0.54
N LEU B 200 -8.65 17.66 -1.56
CA LEU B 200 -9.01 19.02 -1.97
C LEU B 200 -10.52 19.23 -1.86
N GLY B 201 -11.10 18.67 -0.80
CA GLY B 201 -12.46 19.00 -0.39
C GLY B 201 -12.53 20.27 0.40
N GLY B 202 -13.66 20.52 1.08
CA GLY B 202 -13.72 21.78 1.80
C GLY B 202 -12.67 21.90 2.87
N VAL B 203 -12.29 20.85 3.57
CA VAL B 203 -11.27 21.02 4.61
C VAL B 203 -9.88 21.27 3.95
N GLY B 204 -9.55 20.54 2.89
CA GLY B 204 -8.28 20.71 2.19
C GLY B 204 -8.14 22.07 1.55
N LEU B 205 -9.23 22.57 0.96
CA LEU B 205 -9.23 23.96 0.46
C LEU B 205 -8.99 24.96 1.58
N SER B 206 -9.50 24.73 2.78
CA SER B 206 -9.27 25.64 3.93
C SER B 206 -7.84 25.50 4.42
N VAL B 207 -7.23 24.31 4.29
CA VAL B 207 -5.77 24.22 4.57
C VAL B 207 -5.02 25.06 3.52
N ILE B 208 -5.36 24.98 2.25
CA ILE B 208 -4.66 25.82 1.24
C ILE B 208 -4.86 27.30 1.60
N MET B 209 -6.08 27.72 1.95
CA MET B 209 -6.29 29.12 2.37
C MET B 209 -5.32 29.51 3.49
N GLY B 210 -5.17 28.63 4.48
CA GLY B 210 -4.27 28.86 5.60
C GLY B 210 -2.83 28.89 5.19
N CYS B 211 -2.39 27.98 4.34
CA CYS B 211 -1.01 28.00 3.83
C CYS B 211 -0.74 29.30 3.10
N LYS B 212 -1.68 29.72 2.26
CA LYS B 212 -1.48 30.99 1.53
C LYS B 212 -1.42 32.17 2.49
N ALA B 213 -2.31 32.22 3.48
CA ALA B 213 -2.32 33.30 4.48
C ALA B 213 -1.00 33.35 5.21
N ALA B 214 -0.39 32.19 5.44
CA ALA B 214 0.86 32.09 6.20
C ALA B 214 2.06 32.45 5.30
N GLY B 215 1.82 32.65 4.01
CA GLY B 215 2.86 33.15 3.07
C GLY B 215 3.66 32.03 2.45
N ALA B 216 3.13 30.81 2.40
CA ALA B 216 3.79 29.71 1.65
C ALA B 216 4.13 30.22 0.25
N ALA B 217 5.26 29.80 -0.26
CA ALA B 217 5.63 30.09 -1.65
C ALA B 217 5.04 29.07 -2.63
N ARG B 218 4.95 27.79 -2.27
CA ARG B 218 4.45 26.68 -3.09
C ARG B 218 3.45 25.87 -2.26
N ILE B 219 2.32 25.64 -2.87
CA ILE B 219 1.24 24.84 -2.27
C ILE B 219 0.79 23.84 -3.32
N ILE B 220 1.20 22.61 -3.13
CA ILE B 220 0.91 21.47 -4.03
C ILE B 220 -0.34 20.73 -3.60
N GLY B 221 -1.40 20.86 -4.34
CA GLY B 221 -2.59 20.09 -4.01
C GLY B 221 -2.54 18.68 -4.59
N VAL B 222 -3.01 17.67 -3.88
CA VAL B 222 -3.01 16.25 -4.32
C VAL B 222 -4.41 15.70 -4.20
N ASP B 223 -4.97 15.30 -5.32
CA ASP B 223 -6.32 14.68 -5.30
C ASP B 223 -6.41 13.73 -6.48
N ILE B 224 -7.10 12.61 -6.30
CA ILE B 224 -7.37 11.61 -7.38
C ILE B 224 -8.50 12.13 -8.28
N ASN B 225 -9.19 13.18 -7.88
CA ASN B 225 -10.30 13.75 -8.68
C ASN B 225 -9.84 15.07 -9.24
N LYS B 226 -9.42 15.04 -10.52
CA LYS B 226 -8.83 16.24 -11.12
C LYS B 226 -9.86 17.35 -11.33
N ASP B 227 -11.15 17.11 -11.18
CA ASP B 227 -12.15 18.22 -11.15
C ASP B 227 -11.97 19.10 -9.92
N LYS B 228 -11.21 18.68 -8.90
CA LYS B 228 -11.01 19.50 -7.69
C LYS B 228 -9.91 20.55 -7.89
N PHE B 229 -9.18 20.45 -8.99
CA PHE B 229 -7.94 21.25 -9.12
C PHE B 229 -8.21 22.74 -9.37
N ALA B 230 -9.27 23.05 -10.14
CA ALA B 230 -9.46 24.44 -10.54
C ALA B 230 -9.70 25.27 -9.29
N LYS B 231 -10.60 24.84 -8.43
CA LYS B 231 -10.95 25.57 -7.19
C LYS B 231 -9.76 25.55 -6.23
N ALA B 232 -8.98 24.48 -6.21
CA ALA B 232 -7.76 24.52 -5.39
C ALA B 232 -6.83 25.64 -5.85
N LYS B 233 -6.66 25.77 -7.17
CA LYS B 233 -5.75 26.83 -7.66
C LYS B 233 -6.36 28.20 -7.35
N GLU B 234 -7.69 28.34 -7.43
CA GLU B 234 -8.35 29.63 -7.15
C GLU B 234 -8.05 30.12 -5.73
N VAL B 235 -7.94 29.23 -4.75
CA VAL B 235 -7.74 29.59 -3.33
C VAL B 235 -6.25 29.51 -2.94
N GLY B 236 -5.35 29.14 -3.86
CA GLY B 236 -3.92 29.39 -3.69
C GLY B 236 -3.01 28.25 -4.08
N ALA B 237 -3.51 27.06 -4.47
CA ALA B 237 -2.58 26.01 -4.92
C ALA B 237 -1.77 26.50 -6.13
N THR B 238 -0.45 26.30 -6.05
CA THR B 238 0.43 26.70 -7.16
C THR B 238 0.55 25.60 -8.20
N GLU B 239 0.25 24.35 -7.84
CA GLU B 239 0.40 23.14 -8.65
C GLU B 239 -0.61 22.15 -8.09
N CYS B 240 -1.11 21.28 -8.93
CA CYS B 240 -1.93 20.13 -8.51
C CYS B 240 -1.42 18.88 -9.16
N VAL B 241 -1.45 17.80 -8.40
CA VAL B 241 -1.02 16.49 -8.92
C VAL B 241 -2.07 15.42 -8.60
N ASN B 242 -2.28 14.51 -9.56
CA ASN B 242 -3.19 13.36 -9.50
C ASN B 242 -2.33 12.13 -9.43
N PRO B 243 -2.28 11.45 -8.26
CA PRO B 243 -1.40 10.28 -8.14
C PRO B 243 -1.71 9.23 -9.21
N GLN B 244 -2.95 9.20 -9.73
CA GLN B 244 -3.33 8.19 -10.76
C GLN B 244 -2.63 8.47 -12.10
N ASP B 245 -2.07 9.65 -12.29
CA ASP B 245 -1.39 10.01 -13.57
C ASP B 245 0.02 9.42 -13.67
N TYR B 246 0.57 8.92 -12.58
CA TYR B 246 2.02 8.59 -12.43
C TYR B 246 2.19 7.09 -12.28
N LYS B 247 3.28 6.60 -12.86
CA LYS B 247 3.69 5.18 -12.84
C LYS B 247 4.65 4.93 -11.67
N LYS B 248 4.70 5.83 -10.69
CA LYS B 248 5.48 5.71 -9.42
C LYS B 248 4.75 6.40 -8.27
N PRO B 249 5.12 6.10 -7.00
CA PRO B 249 4.41 6.61 -5.81
C PRO B 249 4.47 8.13 -5.69
N ILE B 250 3.37 8.73 -5.26
CA ILE B 250 3.33 10.20 -5.23
C ILE B 250 4.35 10.77 -4.24
N GLN B 251 4.72 10.07 -3.17
CA GLN B 251 5.70 10.64 -2.20
C GLN B 251 7.02 10.89 -2.94
N GLU B 252 7.40 10.01 -3.87
CA GLU B 252 8.63 10.18 -4.69
C GLU B 252 8.49 11.38 -5.64
N VAL B 253 7.33 11.55 -6.28
CA VAL B 253 7.03 12.69 -7.19
C VAL B 253 7.17 13.98 -6.39
N LEU B 254 6.60 14.06 -5.21
CA LEU B 254 6.56 15.31 -4.41
C LEU B 254 7.95 15.56 -3.88
N THR B 255 8.70 14.55 -3.47
CA THR B 255 10.09 14.74 -3.00
C THR B 255 10.88 15.34 -4.17
N GLU B 256 10.72 14.85 -5.41
CA GLU B 256 11.45 15.36 -6.60
C GLU B 256 10.97 16.78 -6.94
N MET B 257 9.66 16.99 -6.95
CA MET B 257 9.09 18.34 -7.19
C MET B 257 9.65 19.35 -6.19
N SER B 258 9.84 18.96 -4.92
CA SER B 258 10.26 19.85 -3.80
C SER B 258 11.76 19.75 -3.57
N ASN B 259 12.48 19.11 -4.50
CA ASN B 259 13.95 19.03 -4.39
C ASN B 259 14.37 18.51 -3.00
N GLY B 260 13.73 17.43 -2.59
CA GLY B 260 14.13 16.60 -1.45
C GLY B 260 13.16 16.63 -0.29
N GLY B 261 11.92 17.07 -0.49
CA GLY B 261 10.84 16.97 0.50
C GLY B 261 10.23 18.31 0.76
N VAL B 262 8.96 18.34 1.13
CA VAL B 262 8.25 19.60 1.44
C VAL B 262 8.43 19.99 2.89
N ASP B 263 8.24 21.28 3.19
CA ASP B 263 8.29 21.78 4.57
C ASP B 263 7.11 21.27 5.42
N PHE B 264 5.91 21.29 4.85
CA PHE B 264 4.70 21.00 5.61
C PHE B 264 3.79 20.16 4.72
N SER B 265 3.27 19.05 5.20
CA SER B 265 2.32 18.19 4.48
C SER B 265 1.11 18.05 5.35
N PHE B 266 -0.02 17.82 4.70
CA PHE B 266 -1.32 17.70 5.36
C PHE B 266 -2.11 16.57 4.75
N GLU B 267 -2.60 15.67 5.60
CA GLU B 267 -3.48 14.56 5.16
C GLU B 267 -4.89 15.02 5.50
N VAL B 268 -5.67 15.23 4.44
CA VAL B 268 -7.02 15.86 4.58
C VAL B 268 -8.01 14.95 3.85
N ILE B 269 -7.92 13.59 3.98
CA ILE B 269 -8.72 12.56 3.29
C ILE B 269 -9.33 11.64 4.34
N GLY B 270 -8.49 10.99 5.12
CA GLY B 270 -8.88 9.96 6.08
C GLY B 270 -8.50 8.57 5.64
N ARG B 271 -7.38 8.39 4.96
CA ARG B 271 -6.88 7.08 4.55
C ARG B 271 -5.54 6.84 5.23
N LEU B 272 -5.37 5.62 5.73
CA LEU B 272 -4.08 5.31 6.37
C LEU B 272 -2.96 5.44 5.35
N ASP B 273 -3.12 5.02 4.11
CA ASP B 273 -1.97 5.04 3.17
C ASP B 273 -1.54 6.49 2.92
N THR B 274 -2.49 7.38 2.74
CA THR B 274 -2.16 8.78 2.52
C THR B 274 -1.59 9.42 3.77
N MET B 275 -1.93 8.98 4.96
CA MET B 275 -1.27 9.50 6.18
C MET B 275 0.23 9.19 6.08
N VAL B 276 0.59 7.96 5.71
CA VAL B 276 2.02 7.61 5.68
C VAL B 276 2.71 8.28 4.51
N THR B 277 2.05 8.33 3.37
CA THR B 277 2.57 9.04 2.18
C THR B 277 2.85 10.52 2.51
N ALA B 278 1.88 11.14 3.17
CA ALA B 278 2.06 12.52 3.50
C ALA B 278 3.26 12.67 4.44
N LEU B 279 3.42 11.84 5.44
CA LEU B 279 4.59 11.96 6.32
C LEU B 279 5.85 11.82 5.52
N SER B 280 5.93 10.85 4.65
CA SER B 280 7.13 10.53 3.87
C SER B 280 7.52 11.68 2.96
N CYS B 281 6.55 12.34 2.40
CA CYS B 281 6.88 13.42 1.43
C CYS B 281 7.44 14.71 2.09
N CYS B 282 7.34 14.88 3.44
CA CYS B 282 7.91 16.07 4.07
C CYS B 282 9.43 15.77 4.30
N GLN B 283 10.21 16.83 4.31
CA GLN B 283 11.67 16.69 4.32
C GLN B 283 12.11 15.93 5.59
N GLU B 284 13.08 15.02 5.40
CA GLU B 284 13.28 14.02 6.46
C GLU B 284 13.93 14.58 7.72
N ALA B 285 14.57 15.77 7.69
CA ALA B 285 15.30 16.36 8.83
C ALA B 285 14.47 17.39 9.56
N TYR B 286 13.57 18.07 8.82
CA TYR B 286 12.91 19.26 9.42
C TYR B 286 11.44 19.40 8.98
N GLY B 287 10.94 18.42 8.25
CA GLY B 287 9.58 18.47 7.74
C GLY B 287 8.54 18.19 8.82
N VAL B 288 7.36 18.74 8.63
CA VAL B 288 6.23 18.56 9.58
C VAL B 288 5.06 18.05 8.77
N SER B 289 4.36 17.03 9.30
CA SER B 289 3.19 16.46 8.62
C SER B 289 2.04 16.50 9.62
N VAL B 290 0.87 16.96 9.21
CA VAL B 290 -0.35 17.03 10.05
C VAL B 290 -1.43 16.15 9.48
N ILE B 291 -1.92 15.31 10.35
CA ILE B 291 -3.10 14.47 10.04
C ILE B 291 -4.32 15.30 10.42
N VAL B 292 -5.20 15.51 9.42
CA VAL B 292 -6.52 16.14 9.61
C VAL B 292 -7.61 15.07 9.38
N GLY B 293 -7.44 14.29 8.33
CA GLY B 293 -8.45 13.25 7.96
C GLY B 293 -8.81 12.34 9.11
N VAL B 294 -10.07 11.94 9.22
CA VAL B 294 -10.51 10.96 10.23
C VAL B 294 -10.31 9.55 9.70
N PRO B 295 -9.51 8.74 10.43
CA PRO B 295 -9.16 7.42 9.98
C PRO B 295 -10.38 6.51 10.16
N PRO B 296 -10.39 5.40 9.41
CA PRO B 296 -11.42 4.35 9.56
C PRO B 296 -11.34 3.60 10.90
N ASP B 297 -12.53 3.40 11.49
CA ASP B 297 -12.62 2.86 12.85
C ASP B 297 -11.72 1.66 13.10
N SER B 298 -10.96 1.79 14.16
CA SER B 298 -10.13 0.78 14.84
C SER B 298 -8.97 0.31 13.99
N GLN B 299 -8.65 0.94 12.88
CA GLN B 299 -7.61 0.43 11.99
C GLN B 299 -6.31 1.08 12.35
N ASN B 300 -5.23 0.32 12.33
CA ASN B 300 -3.88 0.83 12.58
C ASN B 300 -3.16 1.02 11.26
N LEU B 301 -2.31 2.05 11.19
CA LEU B 301 -1.37 2.16 10.06
C LEU B 301 -0.05 1.47 10.42
N SER B 302 0.72 1.29 9.39
CA SER B 302 2.06 0.72 9.44
C SER B 302 3.04 1.77 8.95
N MET B 303 4.17 1.96 9.65
CA MET B 303 5.16 2.95 9.21
C MET B 303 6.51 2.57 9.79
N ASN B 304 7.52 3.03 9.10
CA ASN B 304 8.92 2.86 9.50
C ASN B 304 9.33 4.03 10.39
N PRO B 305 9.66 3.80 11.69
CA PRO B 305 9.99 4.89 12.59
C PRO B 305 11.28 5.58 12.21
N MET B 306 12.08 5.09 11.30
CA MET B 306 13.20 5.89 10.79
C MET B 306 12.70 7.16 10.11
N LEU B 307 11.43 7.20 9.66
CA LEU B 307 10.90 8.44 9.08
C LEU B 307 10.91 9.53 10.12
N LEU B 308 10.75 9.17 11.40
CA LEU B 308 10.72 10.18 12.48
C LEU B 308 12.11 10.34 13.07
N LEU B 309 12.92 9.31 13.16
CA LEU B 309 14.26 9.47 13.81
C LEU B 309 15.12 10.48 13.07
N SER B 310 14.99 10.56 11.77
CA SER B 310 15.74 11.59 11.01
C SER B 310 15.46 13.07 11.37
N GLY B 311 14.27 13.34 11.94
CA GLY B 311 13.92 14.66 12.39
C GLY B 311 12.49 15.06 12.05
N ARG B 312 11.74 14.29 11.33
CA ARG B 312 10.36 14.70 11.03
C ARG B 312 9.55 14.87 12.29
N THR B 313 8.52 15.68 12.19
CA THR B 313 7.51 15.88 13.21
C THR B 313 6.17 15.42 12.63
N TRP B 314 5.46 14.64 13.40
CA TRP B 314 4.15 14.15 12.94
C TRP B 314 3.13 14.53 13.98
N LYS B 315 2.04 15.14 13.60
CA LYS B 315 1.05 15.52 14.58
C LYS B 315 -0.34 15.39 13.97
N GLY B 316 -1.35 15.48 14.76
CA GLY B 316 -2.70 15.65 14.24
C GLY B 316 -3.45 16.64 15.09
N ALA B 317 -4.66 16.94 14.69
CA ALA B 317 -5.47 17.86 15.50
C ALA B 317 -6.94 17.73 15.14
N ILE B 318 -7.74 18.09 16.11
CA ILE B 318 -9.20 18.25 15.96
C ILE B 318 -9.49 19.75 15.84
N PHE B 319 -10.34 20.10 14.91
CA PHE B 319 -10.82 21.49 14.76
C PHE B 319 -9.70 22.53 14.66
N GLY B 320 -8.66 22.14 13.95
CA GLY B 320 -7.59 23.04 13.56
C GLY B 320 -6.78 23.45 14.78
N GLY B 321 -6.93 22.79 15.93
CA GLY B 321 -6.24 23.16 17.15
C GLY B 321 -6.89 24.32 17.87
N PHE B 322 -8.03 24.82 17.38
CA PHE B 322 -8.65 25.99 18.04
C PHE B 322 -9.37 25.59 19.31
N LYS B 323 -9.14 26.34 20.37
CA LYS B 323 -10.01 26.33 21.58
C LYS B 323 -11.37 26.87 21.15
N SER B 324 -12.40 26.02 21.16
CA SER B 324 -13.56 26.27 20.31
C SER B 324 -14.30 27.56 20.70
N LYS B 325 -14.65 27.63 21.97
CA LYS B 325 -15.57 28.72 22.39
C LYS B 325 -14.86 30.07 22.36
N ASP B 326 -13.57 30.03 22.61
CA ASP B 326 -12.78 31.24 22.47
C ASP B 326 -12.67 31.63 20.99
N SER B 327 -12.37 30.70 20.13
CA SER B 327 -11.91 30.98 18.75
C SER B 327 -13.09 31.31 17.82
N VAL B 328 -14.18 30.55 17.94
CA VAL B 328 -15.26 30.68 16.94
C VAL B 328 -15.70 32.14 16.82
N PRO B 329 -16.01 32.85 17.92
CA PRO B 329 -16.46 34.23 17.77
C PRO B 329 -15.45 35.14 17.07
N LYS B 330 -14.17 34.86 17.34
CA LYS B 330 -13.08 35.65 16.75
C LYS B 330 -12.93 35.31 15.27
N LEU B 331 -13.12 34.03 14.89
CA LEU B 331 -13.11 33.65 13.45
C LEU B 331 -14.28 34.36 12.72
N VAL B 332 -15.45 34.39 13.33
CA VAL B 332 -16.61 35.04 12.70
C VAL B 332 -16.31 36.55 12.55
N ALA B 333 -15.79 37.22 13.59
CA ALA B 333 -15.38 38.64 13.55
C ALA B 333 -14.36 38.82 12.43
N ASP B 334 -13.41 37.91 12.25
CA ASP B 334 -12.40 37.97 11.15
C ASP B 334 -13.07 37.87 9.80
N PHE B 335 -14.06 37.00 9.65
CA PHE B 335 -14.82 36.87 8.40
C PHE B 335 -15.50 38.23 8.10
N MET B 336 -16.11 38.80 9.15
CA MET B 336 -16.94 40.04 8.98
C MET B 336 -16.02 41.20 8.55
N ALA B 337 -14.74 41.13 8.93
CA ALA B 337 -13.64 42.06 8.62
C ALA B 337 -12.94 41.68 7.31
N LYS B 338 -13.43 40.69 6.55
CA LYS B 338 -12.92 40.26 5.21
C LYS B 338 -11.49 39.74 5.29
N LYS B 339 -11.12 39.09 6.39
CA LYS B 339 -9.77 38.51 6.57
C LYS B 339 -9.64 37.18 5.81
N PHE B 340 -10.75 36.50 5.50
CA PHE B 340 -10.76 35.24 4.72
C PHE B 340 -12.13 35.16 4.02
N ALA B 341 -12.21 34.31 3.03
CA ALA B 341 -13.42 34.09 2.22
C ALA B 341 -14.00 32.71 2.51
N LEU B 342 -15.32 32.60 2.55
CA LEU B 342 -16.02 31.29 2.70
C LEU B 342 -16.74 30.91 1.40
N ASP B 343 -17.14 31.85 0.53
CA ASP B 343 -17.88 31.53 -0.71
C ASP B 343 -17.12 30.51 -1.58
N PRO B 344 -15.78 30.44 -1.64
CA PRO B 344 -15.11 29.43 -2.47
C PRO B 344 -15.40 27.99 -2.04
N LEU B 345 -15.81 27.83 -0.78
CA LEU B 345 -16.13 26.47 -0.27
C LEU B 345 -17.56 26.06 -0.58
N ILE B 346 -18.46 27.00 -0.92
CA ILE B 346 -19.91 26.72 -0.99
C ILE B 346 -20.25 26.52 -2.46
N THR B 347 -20.59 25.30 -2.87
CA THR B 347 -20.88 24.99 -4.28
C THR B 347 -22.38 24.81 -4.50
N HIS B 348 -23.10 24.54 -3.44
CA HIS B 348 -24.52 24.15 -3.55
C HIS B 348 -25.26 24.64 -2.32
N VAL B 349 -26.50 25.06 -2.50
CA VAL B 349 -27.37 25.51 -1.38
C VAL B 349 -28.69 24.80 -1.60
N LEU B 350 -29.16 24.09 -0.59
CA LEU B 350 -30.39 23.31 -0.70
C LEU B 350 -31.23 23.54 0.54
N PRO B 351 -32.57 23.46 0.45
CA PRO B 351 -33.33 23.38 1.67
C PRO B 351 -33.00 22.08 2.41
N PHE B 352 -33.14 22.13 3.73
CA PHE B 352 -32.90 21.03 4.68
C PHE B 352 -33.55 19.74 4.22
N GLU B 353 -34.79 19.78 3.75
CA GLU B 353 -35.47 18.51 3.42
C GLU B 353 -34.82 17.79 2.23
N LYS B 354 -33.94 18.46 1.49
CA LYS B 354 -33.18 17.83 0.40
C LYS B 354 -31.82 17.31 0.86
N ILE B 355 -31.72 17.06 2.15
CA ILE B 355 -30.43 16.57 2.72
C ILE B 355 -29.86 15.42 1.88
N ASN B 356 -30.66 14.40 1.49
CA ASN B 356 -30.13 13.20 0.80
C ASN B 356 -29.53 13.59 -0.57
N GLU B 357 -30.10 14.57 -1.25
CA GLU B 357 -29.51 15.13 -2.50
C GLU B 357 -28.16 15.78 -2.17
N GLY B 358 -28.05 16.41 -1.00
CA GLY B 358 -26.78 17.04 -0.59
C GLY B 358 -25.71 15.99 -0.32
N PHE B 359 -26.08 14.86 0.25
CA PHE B 359 -25.09 13.76 0.46
C PHE B 359 -24.76 13.09 -0.89
N ASP B 360 -25.74 12.95 -1.79
CA ASP B 360 -25.48 12.34 -3.12
C ASP B 360 -24.46 13.22 -3.86
N LEU B 361 -24.56 14.53 -3.69
CA LEU B 361 -23.65 15.48 -4.39
C LEU B 361 -22.23 15.24 -3.81
N LEU B 362 -22.12 15.08 -2.49
CA LEU B 362 -20.79 14.91 -1.90
C LEU B 362 -20.20 13.58 -2.41
N ARG B 363 -20.99 12.54 -2.37
CA ARG B 363 -20.52 11.18 -2.73
C ARG B 363 -20.10 11.10 -4.19
N SER B 364 -20.79 11.81 -5.07
CA SER B 364 -20.53 11.82 -6.54
C SER B 364 -19.22 12.56 -6.85
N GLY B 365 -18.68 13.32 -5.90
CA GLY B 365 -17.50 14.19 -6.10
C GLY B 365 -17.79 15.58 -6.69
N GLU B 366 -19.06 15.93 -6.94
N GLU B 366 -19.06 15.98 -6.84
CA GLU B 366 -19.42 17.23 -7.58
CA GLU B 366 -19.42 17.20 -7.61
C GLU B 366 -19.22 18.36 -6.58
C GLU B 366 -19.65 18.41 -6.69
N SER B 367 -19.61 18.23 -5.32
N SER B 367 -19.57 18.26 -5.36
CA SER B 367 -19.69 19.38 -4.41
C SER B 367 -18.42 19.52 -3.55
N ILE B 368 -18.27 20.72 -2.99
CA ILE B 368 -17.35 20.92 -1.85
C ILE B 368 -18.23 20.99 -0.62
N ARG B 369 -18.84 22.12 -0.32
CA ARG B 369 -19.89 22.17 0.73
C ARG B 369 -21.25 22.53 0.13
N THR B 370 -22.21 21.66 0.44
CA THR B 370 -23.64 21.98 0.34
C THR B 370 -24.04 22.54 1.68
N ILE B 371 -24.66 23.70 1.65
CA ILE B 371 -25.30 24.30 2.84
C ILE B 371 -26.80 24.01 2.76
N LEU B 372 -27.31 23.41 3.84
CA LEU B 372 -28.75 23.16 4.01
C LEU B 372 -29.35 24.32 4.79
N THR B 373 -30.45 24.84 4.25
CA THR B 373 -31.04 26.04 4.85
C THR B 373 -32.43 25.71 5.35
N PHE B 374 -32.80 26.36 6.45
CA PHE B 374 -34.09 26.10 7.16
C PHE B 374 -35.10 27.21 6.84
N SER C 1 46.57 -15.26 -18.84
CA SER C 1 47.20 -16.58 -18.83
C SER C 1 46.45 -17.47 -19.83
N THR C 2 45.13 -17.66 -19.66
CA THR C 2 44.26 -18.52 -20.52
C THR C 2 43.59 -17.68 -21.62
N ALA C 3 43.68 -16.36 -21.54
CA ALA C 3 42.93 -15.47 -22.45
C ALA C 3 43.35 -15.81 -23.89
N GLY C 4 42.38 -15.85 -24.76
CA GLY C 4 42.56 -16.09 -26.21
C GLY C 4 42.77 -17.56 -26.54
N LYS C 5 42.81 -18.45 -25.56
CA LYS C 5 43.07 -19.88 -25.81
C LYS C 5 41.90 -20.74 -25.35
N VAL C 6 41.84 -21.91 -25.94
CA VAL C 6 40.94 -23.01 -25.48
C VAL C 6 41.32 -23.39 -24.06
N ILE C 7 40.31 -23.52 -23.20
CA ILE C 7 40.52 -24.06 -21.84
C ILE C 7 40.05 -25.51 -21.81
N LYS C 8 40.88 -26.40 -21.31
CA LYS C 8 40.45 -27.77 -21.00
C LYS C 8 40.06 -27.78 -19.54
N CYS C 9 38.84 -28.14 -19.23
CA CYS C 9 38.39 -28.19 -17.83
C CYS C 9 37.36 -29.27 -17.61
N LYS C 10 36.92 -29.44 -16.36
CA LYS C 10 35.88 -30.42 -16.03
C LYS C 10 34.51 -29.79 -16.19
N ALA C 11 33.55 -30.55 -16.68
CA ALA C 11 32.14 -30.13 -16.72
C ALA C 11 31.30 -31.36 -16.46
N ALA C 12 30.07 -31.13 -16.12
CA ALA C 12 29.10 -32.19 -15.95
C ALA C 12 28.28 -32.21 -17.24
N VAL C 13 28.52 -33.24 -18.04
CA VAL C 13 27.82 -33.37 -19.34
C VAL C 13 26.64 -34.33 -19.17
N LEU C 14 25.49 -33.95 -19.69
CA LEU C 14 24.32 -34.82 -19.75
C LEU C 14 24.19 -35.36 -21.16
N TRP C 15 24.53 -36.67 -21.33
CA TRP C 15 24.58 -37.26 -22.68
C TRP C 15 23.20 -37.72 -23.13
N GLU C 16 22.39 -38.17 -22.18
CA GLU C 16 21.09 -38.81 -22.45
C GLU C 16 20.13 -38.39 -21.36
N GLU C 17 18.83 -38.41 -21.64
CA GLU C 17 17.85 -38.22 -20.57
C GLU C 17 17.90 -39.38 -19.57
N LYS C 18 17.48 -39.10 -18.36
CA LYS C 18 17.21 -40.04 -17.26
C LYS C 18 18.50 -40.79 -16.93
N LYS C 19 19.64 -40.19 -17.14
CA LYS C 19 20.92 -40.82 -16.72
C LYS C 19 21.68 -39.84 -15.82
N PRO C 20 22.62 -40.32 -15.01
CA PRO C 20 23.49 -39.44 -14.24
C PRO C 20 24.33 -38.54 -15.15
N PHE C 21 24.70 -37.38 -14.57
CA PHE C 21 25.70 -36.52 -15.22
C PHE C 21 27.05 -37.22 -15.28
N SER C 22 27.79 -36.98 -16.34
CA SER C 22 29.16 -37.49 -16.48
C SER C 22 30.12 -36.32 -16.22
N ILE C 23 30.92 -36.41 -15.18
CA ILE C 23 31.95 -35.39 -14.89
C ILE C 23 33.17 -35.73 -15.75
N GLU C 24 33.49 -34.93 -16.74
CA GLU C 24 34.63 -35.30 -17.61
C GLU C 24 35.19 -34.05 -18.27
N GLU C 25 36.30 -34.21 -18.96
CA GLU C 25 37.03 -33.11 -19.56
C GLU C 25 36.26 -32.60 -20.77
N VAL C 26 36.06 -31.30 -20.81
CA VAL C 26 35.54 -30.58 -22.00
C VAL C 26 36.52 -29.52 -22.47
N GLU C 27 36.38 -29.09 -23.70
CA GLU C 27 37.12 -27.93 -24.19
C GLU C 27 36.18 -26.75 -24.33
N VAL C 28 36.63 -25.63 -23.79
CA VAL C 28 35.84 -24.37 -23.73
C VAL C 28 36.55 -23.40 -24.64
N ALA C 29 35.89 -23.05 -25.73
CA ALA C 29 36.46 -22.09 -26.70
C ALA C 29 36.61 -20.70 -26.07
N PRO C 30 37.57 -19.84 -26.51
CA PRO C 30 37.60 -18.46 -26.05
C PRO C 30 36.39 -17.66 -26.56
N PRO C 31 36.04 -16.57 -25.85
CA PRO C 31 34.86 -15.82 -26.21
C PRO C 31 35.09 -15.14 -27.55
N LYS C 32 34.08 -15.17 -28.41
CA LYS C 32 34.03 -14.28 -29.58
C LYS C 32 33.45 -12.91 -29.22
N ALA C 33 33.21 -12.07 -30.19
CA ALA C 33 32.72 -10.69 -29.96
C ALA C 33 31.46 -10.76 -29.09
N HIS C 34 31.38 -9.84 -28.16
CA HIS C 34 30.23 -9.67 -27.24
C HIS C 34 29.96 -10.94 -26.42
N GLU C 35 31.00 -11.71 -26.13
CA GLU C 35 30.89 -12.93 -25.30
C GLU C 35 31.85 -12.82 -24.13
N VAL C 36 31.55 -13.56 -23.09
CA VAL C 36 32.22 -13.50 -21.78
C VAL C 36 32.51 -14.92 -21.30
N ARG C 37 33.77 -15.21 -20.99
CA ARG C 37 34.12 -16.51 -20.42
C ARG C 37 34.27 -16.34 -18.91
N ILE C 38 33.57 -17.18 -18.16
CA ILE C 38 33.43 -17.07 -16.71
C ILE C 38 34.01 -18.31 -16.05
N LYS C 39 34.87 -18.12 -15.04
CA LYS C 39 35.28 -19.17 -14.10
C LYS C 39 34.21 -19.32 -13.03
N MET C 40 33.61 -20.50 -12.96
N MET C 40 33.49 -20.43 -13.03
CA MET C 40 32.51 -20.68 -12.02
CA MET C 40 32.37 -20.59 -12.09
C MET C 40 33.05 -20.79 -10.59
C MET C 40 32.92 -20.82 -10.65
N VAL C 41 32.28 -20.27 -9.66
N VAL C 41 32.24 -20.26 -9.66
CA VAL C 41 32.64 -20.38 -8.22
C VAL C 41 31.62 -21.22 -7.49
N ALA C 42 30.35 -20.97 -7.74
CA ALA C 42 29.31 -21.77 -7.08
C ALA C 42 28.09 -21.87 -7.98
N THR C 43 27.45 -23.04 -7.94
CA THR C 43 26.18 -23.24 -8.68
C THR C 43 25.21 -24.02 -7.80
N GLY C 44 23.94 -23.60 -7.89
CA GLY C 44 22.86 -24.26 -7.16
C GLY C 44 22.18 -25.30 -8.04
N ILE C 45 21.57 -26.28 -7.42
CA ILE C 45 20.81 -27.37 -8.09
C ILE C 45 19.35 -26.96 -7.98
N CYS C 46 18.76 -26.55 -9.09
CA CYS C 46 17.34 -26.09 -9.15
C CYS C 46 16.56 -27.31 -9.69
N ARG C 47 15.27 -27.30 -9.38
CA ARG C 47 14.44 -28.38 -9.90
C ARG C 47 14.43 -28.28 -11.43
N SER C 48 14.49 -27.11 -12.04
CA SER C 48 14.46 -27.01 -13.53
C SER C 48 15.64 -27.78 -14.11
N ASP C 49 16.80 -27.83 -13.45
CA ASP C 49 17.91 -28.67 -13.98
C ASP C 49 17.52 -30.15 -13.93
N ASP C 50 16.83 -30.58 -12.89
CA ASP C 50 16.34 -31.93 -12.83
C ASP C 50 15.29 -32.16 -13.92
N HIS C 51 14.46 -31.17 -14.21
CA HIS C 51 13.48 -31.36 -15.30
C HIS C 51 14.19 -31.65 -16.61
N VAL C 52 15.38 -31.13 -16.84
CA VAL C 52 16.15 -31.43 -18.07
C VAL C 52 16.49 -32.92 -18.06
N VAL C 53 16.95 -33.40 -16.93
CA VAL C 53 17.32 -34.83 -16.80
C VAL C 53 16.08 -35.71 -17.04
N SER C 54 14.93 -35.34 -16.52
CA SER C 54 13.71 -36.19 -16.54
C SER C 54 13.03 -36.06 -17.91
N GLY C 55 13.40 -35.06 -18.72
CA GLY C 55 12.87 -34.74 -20.03
C GLY C 55 11.57 -33.98 -19.95
N THR C 56 11.10 -33.64 -18.74
CA THR C 56 10.00 -32.67 -18.43
C THR C 56 10.23 -31.32 -19.13
N LEU C 57 11.46 -30.80 -19.06
CA LEU C 57 11.90 -29.57 -19.69
C LEU C 57 12.78 -29.98 -20.86
N VAL C 58 12.30 -29.76 -22.05
CA VAL C 58 13.03 -30.15 -23.27
C VAL C 58 14.08 -29.11 -23.64
N THR C 59 15.28 -29.58 -23.92
CA THR C 59 16.37 -28.77 -24.49
C THR C 59 17.27 -29.74 -25.24
N PRO C 60 17.93 -29.33 -26.32
CA PRO C 60 18.77 -30.31 -27.04
C PRO C 60 19.87 -30.96 -26.20
N LEU C 61 20.07 -32.26 -26.42
CA LEU C 61 21.17 -32.97 -25.77
C LEU C 61 22.12 -33.46 -26.83
N PRO C 62 23.39 -33.66 -26.51
CA PRO C 62 23.93 -33.55 -25.15
C PRO C 62 24.06 -32.08 -24.73
N VAL C 63 24.09 -31.92 -23.42
CA VAL C 63 24.04 -30.55 -22.89
C VAL C 63 24.91 -30.42 -21.63
N ILE C 64 25.41 -29.17 -21.47
CA ILE C 64 25.88 -28.74 -20.11
C ILE C 64 24.77 -27.93 -19.48
N ALA C 65 24.10 -28.45 -18.48
CA ALA C 65 22.99 -27.71 -17.87
C ALA C 65 23.54 -26.83 -16.74
N GLY C 66 22.67 -26.43 -15.82
CA GLY C 66 23.07 -25.46 -14.81
C GLY C 66 22.81 -24.01 -15.20
N HIS C 67 22.02 -23.36 -14.39
CA HIS C 67 21.63 -21.98 -14.71
C HIS C 67 21.64 -21.00 -13.51
N GLU C 68 21.86 -21.46 -12.30
CA GLU C 68 21.75 -20.72 -11.03
C GLU C 68 23.16 -20.75 -10.51
N ALA C 69 23.87 -19.69 -10.73
CA ALA C 69 25.34 -19.74 -10.45
C ALA C 69 25.93 -18.34 -10.27
N ALA C 70 27.21 -18.37 -9.85
CA ALA C 70 27.97 -17.15 -9.74
C ALA C 70 29.44 -17.47 -10.03
N GLY C 71 30.10 -16.52 -10.66
CA GLY C 71 31.54 -16.71 -10.92
C GLY C 71 32.31 -15.43 -11.13
N ILE C 72 33.49 -15.59 -11.72
CA ILE C 72 34.44 -14.48 -11.95
C ILE C 72 34.83 -14.52 -13.41
N VAL C 73 34.74 -13.38 -14.05
CA VAL C 73 35.07 -13.23 -15.48
C VAL C 73 36.55 -13.61 -15.69
N GLU C 74 36.83 -14.55 -16.58
CA GLU C 74 38.20 -14.95 -16.97
C GLU C 74 38.66 -14.08 -18.14
N SER C 75 37.83 -13.86 -19.12
CA SER C 75 38.16 -13.04 -20.29
C SER C 75 36.89 -12.55 -20.94
N ILE C 76 37.04 -11.54 -21.78
CA ILE C 76 35.95 -10.93 -22.56
C ILE C 76 36.35 -10.92 -24.01
N GLY C 77 35.38 -11.06 -24.87
CA GLY C 77 35.55 -10.90 -26.31
C GLY C 77 35.49 -9.44 -26.74
N GLU C 78 35.73 -9.21 -28.03
CA GLU C 78 35.81 -7.83 -28.55
C GLU C 78 34.46 -7.16 -28.30
N GLY C 79 34.46 -5.91 -27.84
CA GLY C 79 33.25 -5.07 -27.80
C GLY C 79 32.47 -5.22 -26.51
N VAL C 80 32.87 -6.13 -25.63
CA VAL C 80 32.16 -6.22 -24.33
C VAL C 80 32.45 -4.94 -23.53
N THR C 81 31.40 -4.34 -22.96
CA THR C 81 31.48 -3.09 -22.20
C THR C 81 30.96 -3.21 -20.76
N THR C 82 30.19 -4.25 -20.43
CA THR C 82 29.43 -4.26 -19.17
C THR C 82 30.11 -5.08 -18.09
N VAL C 83 31.16 -5.82 -18.43
CA VAL C 83 31.97 -6.56 -17.43
C VAL C 83 33.42 -6.49 -17.88
N ARG C 84 34.29 -6.81 -16.95
CA ARG C 84 35.74 -6.96 -17.24
C ARG C 84 36.27 -8.21 -16.57
N PRO C 85 37.44 -8.73 -17.01
CA PRO C 85 38.15 -9.74 -16.25
C PRO C 85 38.27 -9.39 -14.78
N GLY C 86 38.01 -10.37 -13.90
CA GLY C 86 38.11 -10.29 -12.44
C GLY C 86 36.81 -9.85 -11.80
N ASP C 87 35.86 -9.37 -12.59
CA ASP C 87 34.53 -9.01 -12.03
C ASP C 87 33.75 -10.26 -11.56
N LYS C 88 33.04 -10.13 -10.45
CA LYS C 88 32.04 -11.15 -10.03
C LYS C 88 30.78 -10.94 -10.87
N VAL C 89 30.25 -12.06 -11.35
CA VAL C 89 29.08 -12.04 -12.25
C VAL C 89 28.15 -13.21 -11.93
N ILE C 90 26.88 -12.93 -12.24
CA ILE C 90 25.85 -13.95 -12.30
C ILE C 90 25.37 -14.09 -13.73
N PRO C 91 25.40 -15.34 -14.28
CA PRO C 91 24.79 -15.56 -15.59
C PRO C 91 23.26 -15.42 -15.51
N LEU C 92 22.68 -14.96 -16.56
CA LEU C 92 21.25 -14.66 -16.69
C LEU C 92 20.58 -15.67 -17.64
N PHE C 93 19.72 -16.52 -17.09
CA PHE C 93 19.07 -17.57 -17.92
C PHE C 93 17.98 -16.95 -18.77
N THR C 94 17.45 -15.83 -18.27
CA THR C 94 16.62 -14.92 -19.11
C THR C 94 17.44 -13.68 -19.47
N PRO C 95 17.79 -13.50 -20.76
CA PRO C 95 18.66 -12.42 -21.13
C PRO C 95 17.97 -11.06 -20.98
N GLN C 96 18.73 -9.97 -21.14
CA GLN C 96 18.19 -8.59 -21.23
C GLN C 96 18.93 -7.90 -22.33
N CYS C 97 18.44 -8.01 -23.56
CA CYS C 97 19.09 -7.42 -24.75
C CYS C 97 18.99 -5.87 -24.70
N GLY C 98 17.95 -5.35 -24.02
CA GLY C 98 17.73 -3.90 -23.91
C GLY C 98 17.14 -3.28 -25.16
N LYS C 99 16.94 -4.03 -26.25
CA LYS C 99 16.57 -3.49 -27.58
C LYS C 99 15.20 -3.95 -28.06
N CYS C 100 14.69 -5.09 -27.57
CA CYS C 100 13.47 -5.73 -28.17
C CYS C 100 12.24 -5.03 -27.57
N ARG C 101 11.07 -5.33 -28.10
CA ARG C 101 9.83 -4.65 -27.62
C ARG C 101 9.55 -5.03 -26.16
N VAL C 102 10.00 -6.21 -25.75
CA VAL C 102 9.78 -6.63 -24.36
C VAL C 102 10.75 -5.92 -23.42
N CYS C 103 12.04 -5.87 -23.78
CA CYS C 103 13.02 -5.15 -22.95
C CYS C 103 12.63 -3.68 -22.79
N LYS C 104 12.04 -3.08 -23.82
CA LYS C 104 11.55 -1.68 -23.78
C LYS C 104 10.24 -1.52 -23.00
N HIS C 105 9.46 -2.57 -22.78
CA HIS C 105 8.18 -2.41 -22.04
C HIS C 105 8.47 -2.37 -20.55
N PRO C 106 7.83 -1.50 -19.75
CA PRO C 106 8.13 -1.47 -18.31
C PRO C 106 7.80 -2.75 -17.55
N GLU C 107 6.79 -3.48 -18.02
CA GLU C 107 6.30 -4.67 -17.26
C GLU C 107 6.74 -5.97 -17.94
N GLY C 108 7.57 -5.93 -18.95
CA GLY C 108 8.04 -7.17 -19.61
C GLY C 108 9.43 -7.57 -19.15
N ASN C 109 9.70 -8.87 -19.04
CA ASN C 109 11.09 -9.28 -18.78
C ASN C 109 11.48 -10.50 -19.64
N PHE C 110 10.57 -11.09 -20.42
CA PHE C 110 10.83 -12.30 -21.23
C PHE C 110 11.39 -11.86 -22.58
N CYS C 111 12.65 -11.44 -22.51
CA CYS C 111 13.38 -10.85 -23.68
C CYS C 111 13.28 -11.81 -24.86
N LEU C 112 13.08 -11.27 -26.05
CA LEU C 112 12.88 -12.07 -27.28
C LEU C 112 14.14 -12.83 -27.68
N LYS C 113 15.30 -12.57 -27.08
CA LYS C 113 16.53 -13.35 -27.36
C LYS C 113 16.65 -14.56 -26.45
N ASN C 114 15.62 -14.85 -25.64
CA ASN C 114 15.61 -16.06 -24.80
C ASN C 114 15.73 -17.39 -25.55
N ASP C 115 16.31 -18.39 -24.90
CA ASP C 115 16.41 -19.75 -25.44
C ASP C 115 15.44 -20.63 -24.69
N LEU C 116 14.37 -20.09 -24.15
CA LEU C 116 13.42 -20.88 -23.35
C LEU C 116 12.21 -21.33 -24.18
N SER C 117 11.68 -20.51 -25.08
CA SER C 117 10.41 -20.81 -25.77
CA SER C 117 10.39 -20.83 -25.74
C SER C 117 10.63 -21.92 -26.79
N MET C 118 11.71 -21.82 -27.54
CA MET C 118 12.03 -22.85 -28.58
C MET C 118 13.51 -23.20 -28.47
N PRO C 119 13.87 -24.01 -27.46
CA PRO C 119 15.27 -24.19 -27.11
C PRO C 119 16.13 -24.73 -28.25
N ARG C 120 17.21 -24.04 -28.56
CA ARG C 120 18.21 -24.42 -29.58
C ARG C 120 19.52 -24.87 -28.87
N GLY C 121 19.74 -24.49 -27.62
CA GLY C 121 20.95 -24.94 -26.92
C GLY C 121 22.26 -24.40 -27.54
N THR C 122 22.26 -23.18 -28.02
CA THR C 122 23.45 -22.51 -28.62
C THR C 122 23.74 -21.16 -27.98
N MET C 123 24.89 -20.58 -28.35
CA MET C 123 25.18 -19.16 -28.16
C MET C 123 24.21 -18.39 -29.05
N GLN C 124 24.17 -17.08 -28.88
CA GLN C 124 23.26 -16.27 -29.74
C GLN C 124 23.64 -16.44 -31.22
N ASP C 125 24.90 -16.65 -31.55
CA ASP C 125 25.31 -16.79 -32.96
C ASP C 125 24.99 -18.17 -33.53
N GLY C 126 24.31 -19.07 -32.82
CA GLY C 126 23.89 -20.39 -33.35
C GLY C 126 24.91 -21.50 -33.25
N THR C 127 26.04 -21.22 -32.60
CA THR C 127 27.14 -22.18 -32.40
C THR C 127 27.36 -22.49 -30.92
N SER C 128 28.22 -23.47 -30.69
CA SER C 128 28.58 -23.97 -29.36
C SER C 128 30.02 -23.59 -29.08
N ARG C 129 30.29 -23.31 -27.83
CA ARG C 129 31.67 -23.06 -27.35
C ARG C 129 32.23 -24.30 -26.65
N PHE C 130 31.49 -25.39 -26.62
CA PHE C 130 31.83 -26.60 -25.85
C PHE C 130 32.08 -27.77 -26.80
N THR C 131 33.22 -28.41 -26.56
CA THR C 131 33.50 -29.70 -27.19
C THR C 131 33.76 -30.79 -26.13
N CYS C 132 33.31 -32.02 -26.34
CA CYS C 132 33.60 -33.16 -25.43
C CYS C 132 33.64 -34.44 -26.24
N ARG C 133 34.74 -35.17 -26.08
CA ARG C 133 34.93 -36.43 -26.87
C ARG C 133 34.85 -36.11 -28.35
N GLY C 134 35.35 -34.94 -28.74
CA GLY C 134 35.42 -34.45 -30.13
C GLY C 134 34.07 -33.98 -30.66
N LYS C 135 33.03 -33.93 -29.82
CA LYS C 135 31.66 -33.60 -30.29
C LYS C 135 31.23 -32.27 -29.70
N PRO C 136 30.53 -31.42 -30.48
CA PRO C 136 29.88 -30.22 -29.93
C PRO C 136 28.86 -30.60 -28.86
N ILE C 137 28.85 -29.83 -27.77
CA ILE C 137 27.92 -30.05 -26.64
C ILE C 137 27.02 -28.79 -26.57
N HIS C 138 25.72 -28.95 -26.38
CA HIS C 138 24.78 -27.84 -26.30
C HIS C 138 24.95 -27.04 -25.01
N HIS C 139 24.68 -25.76 -25.20
CA HIS C 139 24.43 -24.82 -24.10
C HIS C 139 23.04 -25.02 -23.51
N PHE C 140 22.79 -24.44 -22.32
CA PHE C 140 21.45 -24.49 -21.71
C PHE C 140 21.06 -23.08 -21.29
N LEU C 141 19.94 -22.63 -21.82
CA LEU C 141 19.42 -21.25 -21.51
C LEU C 141 20.51 -20.18 -21.59
N GLY C 142 21.45 -20.33 -22.51
CA GLY C 142 22.50 -19.34 -22.63
C GLY C 142 23.38 -19.20 -21.40
N THR C 143 23.43 -20.17 -20.52
CA THR C 143 24.18 -20.12 -19.22
C THR C 143 25.15 -21.30 -19.16
N SER C 144 24.71 -22.51 -18.91
CA SER C 144 25.58 -23.72 -18.82
C SER C 144 26.54 -23.50 -17.67
N THR C 145 26.08 -23.68 -16.46
CA THR C 145 26.89 -23.35 -15.29
C THR C 145 27.48 -24.59 -14.62
N PHE C 146 27.17 -25.79 -15.10
CA PHE C 146 27.71 -27.08 -14.58
C PHE C 146 29.06 -27.33 -15.25
N SER C 147 29.93 -26.34 -15.18
CA SER C 147 31.26 -26.42 -15.81
C SER C 147 32.20 -25.51 -15.05
N GLN C 148 33.47 -25.87 -15.00
CA GLN C 148 34.42 -25.00 -14.34
C GLN C 148 34.52 -23.66 -15.06
N TYR C 149 34.32 -23.65 -16.38
CA TYR C 149 34.31 -22.46 -17.20
C TYR C 149 33.13 -22.53 -18.15
N THR C 150 32.49 -21.41 -18.40
CA THR C 150 31.43 -21.33 -19.41
C THR C 150 31.62 -20.07 -20.22
N VAL C 151 30.95 -19.97 -21.35
CA VAL C 151 30.97 -18.78 -22.19
C VAL C 151 29.52 -18.40 -22.40
N VAL C 152 29.23 -17.13 -22.14
CA VAL C 152 27.86 -16.61 -22.25
C VAL C 152 27.89 -15.38 -23.15
N ASP C 153 26.78 -15.09 -23.78
CA ASP C 153 26.59 -13.80 -24.46
C ASP C 153 26.50 -12.67 -23.45
N GLU C 154 27.00 -11.47 -23.80
CA GLU C 154 27.02 -10.28 -22.90
C GLU C 154 25.62 -9.96 -22.35
N ILE C 155 24.59 -10.17 -23.15
CA ILE C 155 23.18 -9.93 -22.73
C ILE C 155 22.73 -10.95 -21.67
N SER C 156 23.53 -11.99 -21.43
CA SER C 156 23.21 -13.07 -20.48
C SER C 156 24.16 -13.07 -19.29
N VAL C 157 24.71 -11.90 -18.95
CA VAL C 157 25.52 -11.83 -17.70
C VAL C 157 25.42 -10.45 -17.05
N ALA C 158 25.37 -10.43 -15.74
CA ALA C 158 25.39 -9.20 -14.96
C ALA C 158 26.58 -9.20 -14.02
N LYS C 159 27.16 -7.99 -13.94
CA LYS C 159 28.21 -7.68 -12.95
C LYS C 159 27.60 -7.41 -11.57
N ILE C 160 28.19 -7.95 -10.53
CA ILE C 160 27.62 -7.81 -9.16
C ILE C 160 28.72 -7.25 -8.23
N ASP C 161 28.32 -6.99 -7.00
CA ASP C 161 29.22 -6.42 -5.95
C ASP C 161 30.50 -7.25 -5.88
N ALA C 162 31.69 -6.58 -5.97
CA ALA C 162 32.99 -7.26 -5.82
C ALA C 162 33.10 -7.98 -4.46
N ALA C 163 32.35 -7.58 -3.44
CA ALA C 163 32.45 -8.17 -2.09
C ALA C 163 31.38 -9.26 -1.86
N SER C 164 30.60 -9.64 -2.90
CA SER C 164 29.52 -10.65 -2.85
C SER C 164 30.03 -12.01 -2.42
N PRO C 165 29.39 -12.73 -1.44
CA PRO C 165 29.70 -14.15 -1.19
C PRO C 165 29.05 -15.06 -2.24
N LEU C 166 29.86 -15.48 -3.22
CA LEU C 166 29.28 -16.17 -4.40
C LEU C 166 28.63 -17.51 -4.06
N GLU C 167 28.96 -18.12 -2.94
CA GLU C 167 28.40 -19.41 -2.50
C GLU C 167 26.97 -19.20 -1.99
N LYS C 168 26.55 -17.98 -1.81
CA LYS C 168 25.16 -17.64 -1.42
C LYS C 168 24.45 -16.94 -2.58
N VAL C 169 25.06 -15.90 -3.17
CA VAL C 169 24.34 -15.04 -4.16
C VAL C 169 24.05 -15.77 -5.50
N CYS C 170 24.68 -16.90 -5.71
CA CYS C 170 24.31 -17.77 -6.87
C CYS C 170 22.77 -18.04 -6.87
N LEU C 171 22.11 -18.06 -5.69
CA LEU C 171 20.64 -18.29 -5.68
C LEU C 171 19.89 -17.12 -6.26
N ILE C 172 20.45 -15.91 -6.36
CA ILE C 172 19.87 -14.71 -7.03
C ILE C 172 19.76 -14.94 -8.52
N GLY C 173 20.57 -15.86 -9.01
CA GLY C 173 20.50 -16.26 -10.42
C GLY C 173 19.25 -17.06 -10.79
N CYS C 174 18.56 -17.59 -9.82
CA CYS C 174 17.32 -18.25 -10.21
C CYS C 174 16.35 -18.30 -9.05
N GLY C 175 16.50 -19.31 -8.13
CA GLY C 175 15.39 -19.66 -7.22
C GLY C 175 14.92 -18.51 -6.33
N PHE C 176 15.86 -17.85 -5.68
CA PHE C 176 15.44 -16.77 -4.74
C PHE C 176 14.65 -15.69 -5.51
N SER C 177 15.25 -15.18 -6.58
CA SER C 177 14.72 -14.00 -7.30
C SER C 177 13.35 -14.40 -7.93
N THR C 178 13.28 -15.67 -8.42
CA THR C 178 12.00 -16.10 -9.03
C THR C 178 10.89 -16.04 -7.97
N GLY C 179 11.14 -16.65 -6.81
CA GLY C 179 10.04 -16.78 -5.83
C GLY C 179 9.69 -15.40 -5.29
N TYR C 180 10.70 -14.66 -4.87
CA TYR C 180 10.55 -13.34 -4.23
C TYR C 180 9.85 -12.35 -5.17
N GLY C 181 10.29 -12.29 -6.45
CA GLY C 181 9.65 -11.40 -7.43
C GLY C 181 8.24 -11.87 -7.79
N SER C 182 7.99 -13.20 -7.81
CA SER C 182 6.60 -13.77 -8.04
C SER C 182 5.63 -13.10 -7.03
N ALA C 183 6.06 -12.98 -5.78
CA ALA C 183 5.22 -12.36 -4.75
C ALA C 183 5.21 -10.84 -4.86
N VAL C 184 6.38 -10.23 -4.85
CA VAL C 184 6.45 -8.78 -4.67
C VAL C 184 6.15 -8.04 -5.96
N LYS C 185 6.51 -8.57 -7.09
CA LYS C 185 6.47 -7.86 -8.38
C LYS C 185 5.33 -8.35 -9.25
N VAL C 186 5.13 -9.70 -9.32
CA VAL C 186 4.12 -10.24 -10.26
C VAL C 186 2.77 -10.16 -9.57
N ALA C 187 2.60 -10.85 -8.43
CA ALA C 187 1.31 -10.85 -7.70
C ALA C 187 1.07 -9.45 -7.11
N LYS C 188 2.12 -8.80 -6.59
CA LYS C 188 2.00 -7.49 -5.84
C LYS C 188 1.17 -7.78 -4.59
N VAL C 189 1.60 -8.72 -3.82
CA VAL C 189 0.97 -9.06 -2.54
C VAL C 189 0.78 -7.79 -1.75
N THR C 190 -0.39 -7.66 -1.11
CA THR C 190 -0.77 -6.49 -0.27
C THR C 190 -0.63 -6.79 1.21
N GLN C 191 -0.37 -5.74 1.99
CA GLN C 191 -0.33 -5.82 3.47
C GLN C 191 -1.67 -6.30 4.00
N GLY C 192 -1.61 -7.26 4.94
CA GLY C 192 -2.80 -7.84 5.60
C GLY C 192 -3.50 -8.94 4.80
N SER C 193 -3.00 -9.30 3.63
CA SER C 193 -3.65 -10.30 2.79
C SER C 193 -3.37 -11.74 3.29
N THR C 194 -4.07 -12.72 2.71
CA THR C 194 -3.94 -14.17 2.90
C THR C 194 -3.37 -14.73 1.61
N CYS C 195 -2.24 -15.41 1.73
CA CYS C 195 -1.56 -16.03 0.61
C CYS C 195 -1.55 -17.55 0.79
N ALA C 196 -1.54 -18.28 -0.31
CA ALA C 196 -1.36 -19.73 -0.29
C ALA C 196 -0.21 -20.06 -1.23
N VAL C 197 0.78 -20.85 -0.78
CA VAL C 197 1.96 -21.18 -1.60
C VAL C 197 1.98 -22.70 -1.74
N PHE C 198 1.88 -23.17 -2.96
CA PHE C 198 1.85 -24.60 -3.25
C PHE C 198 3.25 -25.00 -3.68
N GLY C 199 3.91 -25.77 -2.82
CA GLY C 199 5.28 -26.17 -3.03
C GLY C 199 6.23 -25.42 -2.18
N LEU C 200 6.94 -26.10 -1.31
CA LEU C 200 7.81 -25.50 -0.29
C LEU C 200 9.28 -25.94 -0.49
N GLY C 201 9.69 -25.97 -1.76
CA GLY C 201 11.11 -26.02 -2.10
C GLY C 201 11.76 -24.65 -2.13
N GLY C 202 12.97 -24.59 -2.68
CA GLY C 202 13.64 -23.30 -2.64
C GLY C 202 12.83 -22.16 -3.23
N VAL C 203 12.15 -22.37 -4.33
CA VAL C 203 11.41 -21.28 -4.94
C VAL C 203 10.16 -20.95 -4.11
N GLY C 204 9.49 -21.94 -3.55
CA GLY C 204 8.31 -21.64 -2.77
C GLY C 204 8.67 -20.92 -1.48
N LEU C 205 9.74 -21.39 -0.86
CA LEU C 205 10.23 -20.68 0.33
C LEU C 205 10.56 -19.23 0.01
N SER C 206 11.08 -18.91 -1.19
CA SER C 206 11.33 -17.52 -1.58
C SER C 206 10.01 -16.80 -1.84
N VAL C 207 8.98 -17.45 -2.35
CA VAL C 207 7.65 -16.83 -2.47
C VAL C 207 7.20 -16.45 -1.05
N ILE C 208 7.37 -17.35 -0.10
CA ILE C 208 6.94 -17.06 1.28
C ILE C 208 7.70 -15.82 1.77
N MET C 209 9.03 -15.84 1.60
CA MET C 209 9.84 -14.63 1.97
C MET C 209 9.24 -13.39 1.38
N GLY C 210 8.84 -13.42 0.12
CA GLY C 210 8.30 -12.20 -0.51
C GLY C 210 6.90 -11.87 0.01
N CYS C 211 6.06 -12.86 0.29
CA CYS C 211 4.73 -12.61 0.91
C CYS C 211 4.94 -11.91 2.26
N LYS C 212 5.86 -12.43 3.05
CA LYS C 212 6.16 -11.86 4.40
C LYS C 212 6.70 -10.43 4.24
N ALA C 213 7.61 -10.18 3.31
CA ALA C 213 8.18 -8.86 3.09
C ALA C 213 7.08 -7.92 2.69
N ALA C 214 6.10 -8.37 1.95
CA ALA C 214 4.97 -7.55 1.47
C ALA C 214 3.98 -7.29 2.62
N GLY C 215 4.11 -7.99 3.74
CA GLY C 215 3.22 -7.77 4.90
C GLY C 215 1.95 -8.60 4.85
N ALA C 216 1.93 -9.73 4.17
CA ALA C 216 0.76 -10.65 4.26
C ALA C 216 0.47 -11.00 5.73
N ALA C 217 -0.79 -11.02 6.12
CA ALA C 217 -1.15 -11.44 7.49
C ALA C 217 -1.07 -12.95 7.64
N ARG C 218 -1.41 -13.70 6.60
CA ARG C 218 -1.47 -15.16 6.65
C ARG C 218 -0.82 -15.74 5.40
N ILE C 219 0.02 -16.75 5.60
CA ILE C 219 0.78 -17.37 4.51
C ILE C 219 0.69 -18.86 4.73
N ILE C 220 -0.10 -19.53 3.91
CA ILE C 220 -0.43 -20.93 4.06
C ILE C 220 0.45 -21.74 3.11
N GLY C 221 1.39 -22.45 3.65
CA GLY C 221 2.17 -23.31 2.76
C GLY C 221 1.48 -24.63 2.56
N VAL C 222 1.58 -25.17 1.36
CA VAL C 222 0.95 -26.45 1.01
C VAL C 222 2.05 -27.32 0.44
N ASP C 223 2.20 -28.50 1.02
CA ASP C 223 3.14 -29.50 0.48
C ASP C 223 2.70 -30.86 0.95
N ILE C 224 2.96 -31.83 0.08
CA ILE C 224 2.67 -33.24 0.38
C ILE C 224 3.78 -33.80 1.25
N ASN C 225 4.90 -33.11 1.38
CA ASN C 225 6.04 -33.56 2.20
C ASN C 225 6.06 -32.72 3.47
N LYS C 226 5.52 -33.24 4.57
CA LYS C 226 5.41 -32.47 5.81
C LYS C 226 6.79 -32.16 6.40
N ASP C 227 7.86 -32.79 5.94
CA ASP C 227 9.21 -32.42 6.42
C ASP C 227 9.55 -31.01 5.96
N LYS C 228 8.84 -30.47 4.93
CA LYS C 228 9.13 -29.13 4.43
C LYS C 228 8.50 -28.04 5.29
N PHE C 229 7.63 -28.39 6.26
CA PHE C 229 6.87 -27.38 6.98
C PHE C 229 7.71 -26.59 7.95
N ALA C 230 8.65 -27.23 8.64
CA ALA C 230 9.40 -26.50 9.67
C ALA C 230 10.11 -25.30 9.04
N LYS C 231 10.84 -25.50 7.93
CA LYS C 231 11.55 -24.39 7.32
C LYS C 231 10.57 -23.38 6.73
N ALA C 232 9.41 -23.79 6.27
CA ALA C 232 8.43 -22.82 5.72
C ALA C 232 7.96 -21.89 6.82
N LYS C 233 7.71 -22.45 8.00
CA LYS C 233 7.30 -21.61 9.15
C LYS C 233 8.46 -20.69 9.55
N GLU C 234 9.71 -21.17 9.50
CA GLU C 234 10.85 -20.36 9.91
C GLU C 234 10.90 -19.13 9.02
N VAL C 235 10.61 -19.19 7.74
CA VAL C 235 10.75 -18.04 6.83
C VAL C 235 9.42 -17.29 6.68
N GLY C 236 8.33 -17.66 7.37
CA GLY C 236 7.18 -16.74 7.41
C GLY C 236 5.83 -17.40 7.23
N ALA C 237 5.77 -18.70 6.94
CA ALA C 237 4.47 -19.41 6.82
C ALA C 237 3.77 -19.32 8.18
N THR C 238 2.51 -18.95 8.19
CA THR C 238 1.74 -18.95 9.46
C THR C 238 1.11 -20.33 9.73
N GLU C 239 0.84 -21.06 8.69
CA GLU C 239 0.15 -22.36 8.72
C GLU C 239 0.71 -23.18 7.58
N CYS C 240 0.73 -24.49 7.76
CA CYS C 240 1.08 -25.47 6.73
C CYS C 240 0.06 -26.55 6.64
N VAL C 241 -0.27 -26.91 5.41
CA VAL C 241 -1.27 -27.97 5.24
C VAL C 241 -0.73 -28.98 4.24
N ASN C 242 -0.99 -30.25 4.57
CA ASN C 242 -0.68 -31.42 3.74
C ASN C 242 -1.96 -31.98 3.15
N PRO C 243 -2.15 -31.84 1.83
CA PRO C 243 -3.40 -32.27 1.23
C PRO C 243 -3.73 -33.74 1.54
N GLN C 244 -2.72 -34.56 1.82
CA GLN C 244 -2.88 -35.98 2.13
C GLN C 244 -3.60 -36.19 3.47
N ASP C 245 -3.64 -35.18 4.32
CA ASP C 245 -4.22 -35.20 5.68
C ASP C 245 -5.76 -35.13 5.59
N TYR C 246 -6.32 -34.72 4.45
CA TYR C 246 -7.76 -34.37 4.33
C TYR C 246 -8.52 -35.34 3.45
N LYS C 247 -9.82 -35.46 3.73
CA LYS C 247 -10.79 -36.29 3.00
C LYS C 247 -11.38 -35.48 1.84
N LYS C 248 -11.16 -34.16 1.83
CA LYS C 248 -11.73 -33.31 0.76
C LYS C 248 -10.59 -32.71 -0.06
N PRO C 249 -10.88 -32.24 -1.29
CA PRO C 249 -9.87 -31.56 -2.10
C PRO C 249 -9.28 -30.34 -1.39
N ILE C 250 -7.99 -30.12 -1.57
CA ILE C 250 -7.33 -29.02 -0.85
C ILE C 250 -7.89 -27.65 -1.23
N GLN C 251 -8.41 -27.45 -2.45
CA GLN C 251 -8.98 -26.11 -2.75
C GLN C 251 -10.17 -25.83 -1.82
N GLU C 252 -10.94 -26.86 -1.45
CA GLU C 252 -12.09 -26.69 -0.51
C GLU C 252 -11.57 -26.36 0.89
N VAL C 253 -10.55 -27.10 1.31
CA VAL C 253 -9.87 -26.82 2.62
C VAL C 253 -9.37 -25.36 2.65
N LEU C 254 -8.61 -24.89 1.65
CA LEU C 254 -8.08 -23.52 1.68
C LEU C 254 -9.19 -22.52 1.60
N THR C 255 -10.25 -22.77 0.83
CA THR C 255 -11.36 -21.81 0.73
C THR C 255 -12.00 -21.66 2.13
N GLU C 256 -12.21 -22.79 2.85
CA GLU C 256 -12.79 -22.77 4.21
C GLU C 256 -11.83 -21.99 5.13
N MET C 257 -10.56 -22.35 5.08
CA MET C 257 -9.58 -21.73 6.01
C MET C 257 -9.51 -20.21 5.82
N SER C 258 -9.71 -19.72 4.57
CA SER C 258 -9.56 -18.30 4.25
C SER C 258 -10.94 -17.61 4.18
N ASN C 259 -11.98 -18.24 4.69
CA ASN C 259 -13.30 -17.62 4.79
C ASN C 259 -13.78 -17.15 3.41
N GLY C 260 -13.53 -17.98 2.40
CA GLY C 260 -14.08 -17.78 1.06
C GLY C 260 -13.05 -17.64 -0.03
N GLY C 261 -11.80 -17.98 0.26
CA GLY C 261 -10.72 -17.99 -0.75
C GLY C 261 -9.65 -16.97 -0.42
N VAL C 262 -8.45 -17.27 -0.88
CA VAL C 262 -7.27 -16.49 -0.55
C VAL C 262 -7.15 -15.29 -1.49
N ASP C 263 -6.40 -14.28 -1.07
CA ASP C 263 -6.07 -13.04 -1.85
C ASP C 263 -5.12 -13.42 -2.99
N PHE C 264 -4.11 -14.23 -2.68
CA PHE C 264 -3.04 -14.55 -3.65
C PHE C 264 -2.67 -16.02 -3.49
N SER C 265 -2.53 -16.71 -4.60
CA SER C 265 -2.14 -18.12 -4.59
C SER C 265 -0.99 -18.27 -5.57
N PHE C 266 -0.08 -19.16 -5.28
CA PHE C 266 1.12 -19.40 -6.10
C PHE C 266 1.26 -20.89 -6.36
N GLU C 267 1.49 -21.27 -7.62
CA GLU C 267 1.80 -22.67 -7.89
C GLU C 267 3.31 -22.70 -8.09
N VAL C 268 4.01 -23.43 -7.23
CA VAL C 268 5.49 -23.45 -7.19
C VAL C 268 5.97 -24.90 -7.21
N ILE C 269 5.36 -25.74 -8.07
CA ILE C 269 5.64 -27.19 -8.19
C ILE C 269 5.95 -27.54 -9.61
N GLY C 270 5.01 -27.24 -10.50
CA GLY C 270 5.10 -27.63 -11.92
C GLY C 270 4.17 -28.80 -12.29
N ARG C 271 2.99 -28.81 -11.73
CA ARG C 271 1.97 -29.83 -12.01
C ARG C 271 0.73 -29.16 -12.56
N LEU C 272 0.15 -29.73 -13.59
CA LEU C 272 -1.06 -29.13 -14.20
C LEU C 272 -2.18 -29.10 -13.17
N ASP C 273 -2.32 -30.15 -12.35
CA ASP C 273 -3.45 -30.24 -11.39
C ASP C 273 -3.31 -29.12 -10.34
N THR C 274 -2.15 -28.97 -9.74
CA THR C 274 -1.95 -27.89 -8.75
C THR C 274 -2.08 -26.50 -9.36
N MET C 275 -1.80 -26.32 -10.66
CA MET C 275 -2.04 -24.99 -11.26
C MET C 275 -3.54 -24.66 -11.17
N VAL C 276 -4.40 -25.60 -11.50
CA VAL C 276 -5.85 -25.35 -11.48
C VAL C 276 -6.34 -25.24 -10.02
N THR C 277 -5.89 -26.10 -9.12
CA THR C 277 -6.24 -26.06 -7.68
C THR C 277 -5.84 -24.69 -7.12
N ALA C 278 -4.60 -24.25 -7.40
CA ALA C 278 -4.17 -22.95 -6.93
C ALA C 278 -5.05 -21.80 -7.48
N LEU C 279 -5.45 -21.89 -8.72
CA LEU C 279 -6.37 -20.86 -9.22
C LEU C 279 -7.71 -20.89 -8.43
N SER C 280 -8.22 -22.09 -8.28
CA SER C 280 -9.55 -22.32 -7.65
C SER C 280 -9.56 -21.79 -6.21
N CYS C 281 -8.44 -21.92 -5.50
CA CYS C 281 -8.43 -21.53 -4.07
C CYS C 281 -8.31 -20.04 -3.84
N CYS C 282 -8.04 -19.20 -4.87
CA CYS C 282 -8.05 -17.75 -4.70
C CYS C 282 -9.51 -17.30 -4.79
N GLN C 283 -9.79 -16.16 -4.18
CA GLN C 283 -11.16 -15.70 -4.01
C GLN C 283 -11.77 -15.42 -5.40
N GLU C 284 -12.99 -15.92 -5.64
CA GLU C 284 -13.49 -15.97 -7.03
C GLU C 284 -13.67 -14.60 -7.69
N ALA C 285 -13.91 -13.53 -6.95
CA ALA C 285 -14.17 -12.17 -7.45
C ALA C 285 -12.90 -11.32 -7.56
N TYR C 286 -11.89 -11.52 -6.72
CA TYR C 286 -10.81 -10.56 -6.71
C TYR C 286 -9.46 -11.24 -6.50
N GLY C 287 -9.47 -12.57 -6.43
CA GLY C 287 -8.23 -13.30 -6.20
C GLY C 287 -7.27 -13.32 -7.39
N VAL C 288 -6.00 -13.48 -7.05
CA VAL C 288 -4.91 -13.52 -8.04
C VAL C 288 -4.21 -14.86 -7.85
N SER C 289 -3.87 -15.52 -8.94
CA SER C 289 -3.12 -16.78 -8.85
C SER C 289 -1.93 -16.64 -9.81
N VAL C 290 -0.72 -16.96 -9.36
CA VAL C 290 0.50 -16.92 -10.18
C VAL C 290 1.09 -18.30 -10.38
N ILE C 291 1.31 -18.63 -11.61
CA ILE C 291 1.98 -19.90 -11.93
C ILE C 291 3.49 -19.63 -11.98
N VAL C 292 4.25 -20.26 -11.15
CA VAL C 292 5.72 -20.14 -11.15
C VAL C 292 6.34 -21.48 -11.60
N GLY C 293 5.76 -22.68 -11.28
CA GLY C 293 6.13 -24.07 -11.63
C GLY C 293 6.24 -24.20 -13.11
N VAL C 294 7.24 -24.97 -13.53
CA VAL C 294 7.41 -25.27 -14.99
C VAL C 294 6.65 -26.54 -15.28
N PRO C 295 5.68 -26.49 -16.22
CA PRO C 295 4.86 -27.64 -16.56
C PRO C 295 5.59 -28.63 -17.44
N PRO C 296 5.13 -29.89 -17.48
CA PRO C 296 5.73 -30.92 -18.32
C PRO C 296 5.55 -30.53 -19.79
N ASP C 297 6.59 -30.78 -20.58
CA ASP C 297 6.61 -30.36 -21.99
C ASP C 297 5.34 -30.73 -22.73
N SER C 298 4.78 -29.73 -23.39
CA SER C 298 3.74 -29.86 -24.45
C SER C 298 2.38 -30.19 -23.85
N GLN C 299 2.26 -30.37 -22.54
CA GLN C 299 1.01 -30.87 -21.96
C GLN C 299 0.06 -29.73 -21.64
N ASN C 300 -1.23 -29.94 -21.90
CA ASN C 300 -2.24 -28.88 -21.64
C ASN C 300 -2.96 -29.18 -20.34
N LEU C 301 -3.38 -28.16 -19.61
CA LEU C 301 -4.31 -28.32 -18.48
C LEU C 301 -5.74 -28.17 -19.02
N SER C 302 -6.66 -28.55 -18.17
CA SER C 302 -8.10 -28.44 -18.41
C SER C 302 -8.71 -27.63 -17.28
N MET C 303 -9.50 -26.61 -17.62
CA MET C 303 -10.10 -25.82 -16.55
C MET C 303 -11.42 -25.24 -17.05
N ASN C 304 -12.25 -24.89 -16.07
CA ASN C 304 -13.56 -24.23 -16.25
C ASN C 304 -13.38 -22.72 -16.29
N PRO C 305 -13.61 -22.08 -17.45
CA PRO C 305 -13.40 -20.65 -17.53
C PRO C 305 -14.31 -19.82 -16.65
N MET C 306 -15.36 -20.37 -16.07
CA MET C 306 -16.13 -19.66 -15.04
C MET C 306 -15.25 -19.32 -13.83
N LEU C 307 -14.14 -20.02 -13.67
CA LEU C 307 -13.20 -19.59 -12.60
C LEU C 307 -12.67 -18.17 -12.81
N LEU C 308 -12.48 -17.77 -14.09
CA LEU C 308 -11.99 -16.49 -14.45
C LEU C 308 -13.16 -15.52 -14.58
N LEU C 309 -14.26 -15.88 -15.18
CA LEU C 309 -15.34 -14.89 -15.47
C LEU C 309 -15.86 -14.28 -14.19
N SER C 310 -15.78 -14.95 -13.03
CA SER C 310 -16.23 -14.34 -11.75
C SER C 310 -15.35 -13.11 -11.39
N GLY C 311 -14.07 -13.14 -11.79
CA GLY C 311 -13.23 -12.01 -11.47
C GLY C 311 -11.79 -12.37 -11.18
N ARG C 312 -11.45 -13.62 -11.11
CA ARG C 312 -10.07 -13.98 -10.81
C ARG C 312 -9.13 -13.50 -11.93
N THR C 313 -7.90 -13.38 -11.48
CA THR C 313 -6.78 -13.06 -12.36
C THR C 313 -5.75 -14.20 -12.31
N TRP C 314 -5.32 -14.64 -13.45
CA TRP C 314 -4.36 -15.72 -13.57
C TRP C 314 -3.16 -15.26 -14.35
N LYS C 315 -2.00 -15.42 -13.80
CA LYS C 315 -0.82 -15.04 -14.58
C LYS C 315 0.34 -15.94 -14.30
N GLY C 316 1.37 -15.86 -15.07
CA GLY C 316 2.61 -16.55 -14.78
C GLY C 316 3.76 -15.66 -15.03
N ALA C 317 4.94 -16.12 -14.71
CA ALA C 317 6.14 -15.32 -14.95
C ALA C 317 7.38 -16.19 -14.96
N ILE C 318 8.36 -15.74 -15.71
CA ILE C 318 9.72 -16.29 -15.68
C ILE C 318 10.56 -15.38 -14.77
N PHE C 319 11.36 -15.90 -13.89
CA PHE C 319 12.37 -15.13 -13.11
C PHE C 319 11.73 -14.02 -12.29
N GLY C 320 10.57 -14.31 -11.76
CA GLY C 320 9.93 -13.44 -10.79
C GLY C 320 9.53 -12.11 -11.45
N GLY C 321 9.44 -12.09 -12.78
CA GLY C 321 9.15 -10.86 -13.54
C GLY C 321 10.29 -9.84 -13.64
N PHE C 322 11.43 -10.16 -13.09
CA PHE C 322 12.52 -9.18 -13.04
C PHE C 322 13.16 -9.07 -14.41
N LYS C 323 13.38 -7.82 -14.86
CA LYS C 323 14.31 -7.57 -16.01
C LYS C 323 15.70 -7.94 -15.53
N SER C 324 16.33 -8.92 -16.15
CA SER C 324 17.39 -9.69 -15.44
C SER C 324 18.67 -8.89 -15.19
N LYS C 325 19.12 -8.19 -16.23
CA LYS C 325 20.43 -7.52 -16.10
C LYS C 325 20.29 -6.25 -15.23
N ASP C 326 19.14 -5.58 -15.26
CA ASP C 326 18.90 -4.43 -14.37
C ASP C 326 18.75 -4.94 -12.93
N SER C 327 18.10 -6.09 -12.73
CA SER C 327 17.63 -6.45 -11.39
C SER C 327 18.66 -7.23 -10.60
N VAL C 328 19.38 -8.16 -11.27
CA VAL C 328 20.28 -9.04 -10.49
C VAL C 328 21.29 -8.22 -9.65
N PRO C 329 21.89 -7.13 -10.18
CA PRO C 329 22.89 -6.40 -9.37
C PRO C 329 22.22 -5.72 -8.16
N LYS C 330 20.97 -5.31 -8.36
CA LYS C 330 20.19 -4.62 -7.32
C LYS C 330 19.80 -5.61 -6.24
N LEU C 331 19.40 -6.87 -6.62
CA LEU C 331 19.07 -7.93 -5.65
C LEU C 331 20.36 -8.24 -4.86
N VAL C 332 21.51 -8.35 -5.51
CA VAL C 332 22.75 -8.63 -4.76
C VAL C 332 23.00 -7.46 -3.77
N ALA C 333 22.88 -6.20 -4.21
CA ALA C 333 23.07 -5.01 -3.34
C ALA C 333 22.08 -5.13 -2.16
N ASP C 334 20.83 -5.54 -2.39
CA ASP C 334 19.89 -5.65 -1.28
C ASP C 334 20.25 -6.83 -0.36
N PHE C 335 20.80 -7.94 -0.89
CA PHE C 335 21.29 -8.99 0.01
C PHE C 335 22.41 -8.42 0.90
N MET C 336 23.33 -7.72 0.27
CA MET C 336 24.51 -7.19 1.01
C MET C 336 24.03 -6.18 2.10
N ALA C 337 22.90 -5.54 1.89
CA ALA C 337 22.27 -4.59 2.83
C ALA C 337 21.28 -5.32 3.75
N LYS C 338 21.23 -6.65 3.80
CA LYS C 338 20.49 -7.47 4.78
C LYS C 338 18.98 -7.32 4.54
N LYS C 339 18.55 -7.05 3.33
CA LYS C 339 17.11 -6.87 3.08
C LYS C 339 16.38 -8.21 2.97
N PHE C 340 17.06 -9.31 2.62
CA PHE C 340 16.58 -10.71 2.70
C PHE C 340 17.75 -11.59 3.06
N ALA C 341 17.41 -12.82 3.43
CA ALA C 341 18.31 -13.92 3.84
C ALA C 341 18.29 -15.06 2.81
N LEU C 342 19.47 -15.57 2.46
CA LEU C 342 19.56 -16.73 1.54
C LEU C 342 19.95 -17.98 2.30
N ASP C 343 20.62 -17.89 3.46
CA ASP C 343 21.02 -19.06 4.27
C ASP C 343 19.85 -20.01 4.49
N PRO C 344 18.59 -19.58 4.70
CA PRO C 344 17.50 -20.53 4.93
C PRO C 344 17.22 -21.50 3.78
N LEU C 345 17.67 -21.13 2.59
CA LEU C 345 17.48 -21.95 1.37
C LEU C 345 18.61 -22.95 1.20
N ILE C 346 19.74 -22.79 1.88
CA ILE C 346 20.92 -23.62 1.62
C ILE C 346 20.96 -24.68 2.70
N THR C 347 20.73 -25.92 2.31
CA THR C 347 20.63 -27.07 3.25
C THR C 347 21.86 -27.97 3.13
N HIS C 348 22.51 -27.99 1.99
CA HIS C 348 23.63 -28.89 1.71
C HIS C 348 24.69 -28.15 0.90
N VAL C 349 25.96 -28.48 1.12
CA VAL C 349 27.08 -27.99 0.31
C VAL C 349 27.95 -29.18 -0.08
N LEU C 350 28.26 -29.26 -1.36
CA LEU C 350 29.11 -30.32 -1.92
C LEU C 350 30.08 -29.74 -2.93
N PRO C 351 31.20 -30.41 -3.14
CA PRO C 351 32.03 -30.05 -4.26
C PRO C 351 31.28 -30.38 -5.56
N PHE C 352 31.66 -29.71 -6.62
CA PHE C 352 31.12 -29.88 -7.98
C PHE C 352 31.16 -31.35 -8.39
N GLU C 353 32.29 -32.01 -8.10
CA GLU C 353 32.45 -33.42 -8.50
C GLU C 353 31.32 -34.32 -7.93
N LYS C 354 30.60 -33.92 -6.89
CA LYS C 354 29.50 -34.68 -6.29
C LYS C 354 28.14 -34.18 -6.79
N ILE C 355 28.11 -33.61 -7.98
CA ILE C 355 26.84 -33.13 -8.59
C ILE C 355 25.76 -34.20 -8.51
N ASN C 356 26.08 -35.49 -8.81
CA ASN C 356 25.04 -36.55 -8.88
C ASN C 356 24.47 -36.79 -7.48
N GLU C 357 25.32 -36.74 -6.47
CA GLU C 357 24.84 -36.86 -5.09
C GLU C 357 23.87 -35.69 -4.81
N GLY C 358 24.21 -34.45 -5.23
CA GLY C 358 23.38 -33.24 -5.05
C GLY C 358 21.98 -33.43 -5.69
N PHE C 359 21.95 -33.99 -6.89
CA PHE C 359 20.64 -34.28 -7.54
C PHE C 359 19.90 -35.39 -6.79
N ASP C 360 20.61 -36.39 -6.26
CA ASP C 360 19.93 -37.44 -5.47
C ASP C 360 19.29 -36.82 -4.21
N LEU C 361 19.93 -35.84 -3.59
CA LEU C 361 19.35 -35.21 -2.39
C LEU C 361 18.09 -34.44 -2.78
N LEU C 362 18.11 -33.80 -3.95
CA LEU C 362 16.91 -33.06 -4.39
C LEU C 362 15.79 -34.06 -4.64
N ARG C 363 16.07 -35.12 -5.39
CA ARG C 363 15.03 -36.12 -5.76
C ARG C 363 14.43 -36.86 -4.54
N SER C 364 15.23 -37.09 -3.51
CA SER C 364 14.83 -37.80 -2.30
C SER C 364 13.90 -36.93 -1.45
N GLY C 365 13.82 -35.62 -1.75
CA GLY C 365 13.09 -34.68 -0.87
C GLY C 365 13.88 -34.11 0.29
N GLU C 366 15.14 -34.51 0.48
CA GLU C 366 15.88 -34.15 1.70
C GLU C 366 16.37 -32.70 1.60
N SER C 367 16.76 -32.19 0.42
CA SER C 367 17.37 -30.85 0.33
C SER C 367 16.36 -29.79 -0.08
N ILE C 368 16.75 -28.55 0.17
CA ILE C 368 16.22 -27.31 -0.47
C ILE C 368 17.17 -26.95 -1.61
N ARG C 369 18.21 -26.18 -1.33
CA ARG C 369 19.29 -25.97 -2.31
C ARG C 369 20.57 -26.61 -1.80
N THR C 370 21.15 -27.44 -2.65
CA THR C 370 22.54 -27.85 -2.59
C THR C 370 23.28 -26.82 -3.42
N ILE C 371 24.37 -26.36 -2.85
CA ILE C 371 25.33 -25.46 -3.55
C ILE C 371 26.58 -26.27 -3.82
N LEU C 372 26.99 -26.27 -5.09
CA LEU C 372 28.22 -26.95 -5.52
C LEU C 372 29.35 -25.94 -5.57
N THR C 373 30.49 -26.31 -5.01
CA THR C 373 31.70 -25.49 -5.00
C THR C 373 32.69 -26.04 -6.03
N PHE C 374 33.15 -25.17 -6.87
CA PHE C 374 34.17 -25.48 -7.90
C PHE C 374 35.57 -25.54 -7.32
N SER D 1 -53.04 2.11 -6.71
CA SER D 1 -54.25 1.25 -6.45
C SER D 1 -53.89 -0.24 -6.44
N THR D 2 -52.76 -0.64 -7.05
CA THR D 2 -52.29 -2.05 -7.10
C THR D 2 -51.40 -2.38 -5.90
N ALA D 3 -50.99 -1.38 -5.10
CA ALA D 3 -50.10 -1.63 -3.95
C ALA D 3 -50.77 -2.66 -3.01
N GLY D 4 -50.00 -3.62 -2.53
CA GLY D 4 -50.49 -4.71 -1.66
C GLY D 4 -51.27 -5.83 -2.36
N LYS D 5 -51.56 -5.69 -3.67
CA LYS D 5 -52.37 -6.66 -4.41
C LYS D 5 -51.54 -7.43 -5.42
N VAL D 6 -52.00 -8.65 -5.70
CA VAL D 6 -51.49 -9.44 -6.85
C VAL D 6 -51.79 -8.68 -8.12
N ILE D 7 -50.81 -8.59 -9.00
CA ILE D 7 -50.95 -7.97 -10.36
C ILE D 7 -51.10 -9.13 -11.33
N LYS D 8 -52.09 -9.02 -12.21
CA LYS D 8 -52.21 -9.93 -13.37
C LYS D 8 -51.72 -9.20 -14.60
N CYS D 9 -50.69 -9.71 -15.24
CA CYS D 9 -50.06 -9.02 -16.36
C CYS D 9 -49.51 -10.07 -17.36
N LYS D 10 -48.98 -9.63 -18.49
CA LYS D 10 -48.30 -10.49 -19.46
C LYS D 10 -46.83 -10.63 -19.10
N ALA D 11 -46.31 -11.81 -19.35
CA ALA D 11 -44.88 -12.09 -19.31
C ALA D 11 -44.52 -13.07 -20.40
N ALA D 12 -43.26 -13.12 -20.74
CA ALA D 12 -42.70 -14.08 -21.69
C ALA D 12 -42.12 -15.23 -20.88
N VAL D 13 -42.77 -16.40 -20.88
CA VAL D 13 -42.34 -17.57 -20.07
C VAL D 13 -41.59 -18.51 -20.99
N LEU D 14 -40.45 -18.95 -20.55
CA LEU D 14 -39.71 -20.00 -21.24
C LEU D 14 -39.96 -21.27 -20.45
N TRP D 15 -40.77 -22.19 -21.03
CA TRP D 15 -41.21 -23.44 -20.38
C TRP D 15 -40.18 -24.56 -20.51
N GLU D 16 -39.41 -24.56 -21.58
CA GLU D 16 -38.35 -25.54 -21.82
C GLU D 16 -37.33 -24.98 -22.80
N GLU D 17 -36.15 -25.58 -22.82
CA GLU D 17 -35.09 -25.10 -23.73
CA GLU D 17 -35.06 -25.18 -23.73
C GLU D 17 -35.55 -25.32 -25.18
N LYS D 18 -35.00 -24.54 -26.08
CA LYS D 18 -35.07 -24.62 -27.56
C LYS D 18 -36.51 -24.45 -28.04
N LYS D 19 -37.29 -23.64 -27.34
CA LYS D 19 -38.64 -23.25 -27.73
C LYS D 19 -38.75 -21.74 -27.74
N PRO D 20 -39.73 -21.19 -28.48
CA PRO D 20 -40.03 -19.77 -28.39
C PRO D 20 -40.54 -19.47 -26.98
N PHE D 21 -40.36 -18.21 -26.61
CA PHE D 21 -41.02 -17.64 -25.41
C PHE D 21 -42.52 -17.68 -25.65
N SER D 22 -43.26 -17.94 -24.57
CA SER D 22 -44.74 -18.00 -24.61
C SER D 22 -45.22 -16.75 -23.86
N ILE D 23 -45.92 -15.87 -24.55
CA ILE D 23 -46.60 -14.72 -23.93
C ILE D 23 -47.80 -15.27 -23.15
N GLU D 24 -47.74 -15.19 -21.83
CA GLU D 24 -48.74 -15.81 -20.93
C GLU D 24 -49.24 -14.74 -19.97
N GLU D 25 -50.44 -14.92 -19.47
CA GLU D 25 -50.88 -14.19 -18.29
C GLU D 25 -50.23 -14.78 -17.05
N VAL D 26 -49.55 -13.97 -16.27
CA VAL D 26 -48.94 -14.35 -15.00
C VAL D 26 -49.53 -13.50 -13.88
N GLU D 27 -49.33 -13.97 -12.68
CA GLU D 27 -49.72 -13.27 -11.44
C GLU D 27 -48.38 -12.94 -10.75
N VAL D 28 -48.27 -11.67 -10.44
CA VAL D 28 -47.03 -11.07 -9.81
C VAL D 28 -47.43 -10.69 -8.39
N ALA D 29 -46.88 -11.37 -7.42
CA ALA D 29 -47.18 -11.15 -6.01
C ALA D 29 -46.70 -9.76 -5.62
N PRO D 30 -47.28 -9.16 -4.55
CA PRO D 30 -46.78 -7.88 -4.05
C PRO D 30 -45.42 -8.18 -3.41
N PRO D 31 -44.60 -7.13 -3.29
CA PRO D 31 -43.28 -7.30 -2.70
C PRO D 31 -43.37 -7.55 -1.18
N LYS D 32 -42.49 -8.39 -0.72
CA LYS D 32 -42.31 -8.65 0.73
C LYS D 32 -41.24 -7.71 1.24
N ALA D 33 -40.85 -7.90 2.47
CA ALA D 33 -39.89 -7.02 3.14
C ALA D 33 -38.67 -6.89 2.22
N HIS D 34 -38.19 -5.69 2.05
CA HIS D 34 -36.93 -5.44 1.32
C HIS D 34 -37.01 -5.87 -0.16
N GLU D 35 -38.24 -5.84 -0.69
CA GLU D 35 -38.42 -6.14 -2.15
C GLU D 35 -39.06 -4.92 -2.82
N VAL D 36 -38.94 -4.90 -4.11
CA VAL D 36 -39.37 -3.77 -4.97
C VAL D 36 -40.15 -4.37 -6.14
N ARG D 37 -41.34 -3.88 -6.38
CA ARG D 37 -42.08 -4.29 -7.58
C ARG D 37 -42.03 -3.17 -8.62
N ILE D 38 -41.60 -3.48 -9.81
CA ILE D 38 -41.22 -2.57 -10.91
C ILE D 38 -42.11 -2.78 -12.12
N LYS D 39 -42.71 -1.70 -12.60
CA LYS D 39 -43.36 -1.68 -13.90
C LYS D 39 -42.31 -1.51 -14.97
N MET D 40 -42.13 -2.51 -15.81
N MET D 40 -42.17 -2.47 -15.88
CA MET D 40 -41.10 -2.45 -16.86
CA MET D 40 -41.06 -2.45 -16.88
C MET D 40 -41.46 -1.37 -17.88
C MET D 40 -41.38 -1.50 -18.05
N VAL D 41 -40.44 -0.66 -18.39
N VAL D 41 -40.41 -0.65 -18.39
CA VAL D 41 -40.60 0.34 -19.49
C VAL D 41 -39.86 -0.16 -20.74
N ALA D 42 -38.61 -0.63 -20.60
CA ALA D 42 -37.82 -1.07 -21.75
C ALA D 42 -36.94 -2.23 -21.30
N THR D 43 -36.70 -3.15 -22.21
CA THR D 43 -35.76 -4.28 -21.93
C THR D 43 -35.02 -4.66 -23.21
N GLY D 44 -33.71 -4.88 -23.12
CA GLY D 44 -32.93 -5.30 -24.28
C GLY D 44 -32.85 -6.80 -24.36
N ILE D 45 -32.51 -7.30 -25.52
CA ILE D 45 -32.32 -8.74 -25.75
C ILE D 45 -30.81 -8.97 -25.82
N CYS D 46 -30.27 -9.62 -24.80
CA CYS D 46 -28.82 -9.86 -24.61
C CYS D 46 -28.63 -11.30 -25.05
N ARG D 47 -27.48 -11.62 -25.59
CA ARG D 47 -27.20 -13.01 -25.97
C ARG D 47 -27.26 -13.93 -24.72
N SER D 48 -27.02 -13.46 -23.50
CA SER D 48 -27.14 -14.35 -22.32
C SER D 48 -28.59 -14.83 -22.18
N ASP D 49 -29.57 -14.05 -22.51
CA ASP D 49 -30.96 -14.51 -22.45
C ASP D 49 -31.12 -15.67 -23.44
N ASP D 50 -30.54 -15.52 -24.61
CA ASP D 50 -30.59 -16.56 -25.65
C ASP D 50 -29.83 -17.83 -25.21
N HIS D 51 -28.79 -17.72 -24.44
CA HIS D 51 -28.05 -18.90 -23.94
C HIS D 51 -28.96 -19.69 -23.01
N VAL D 52 -29.92 -19.07 -22.38
CA VAL D 52 -30.88 -19.86 -21.56
C VAL D 52 -31.75 -20.68 -22.53
N VAL D 53 -32.18 -20.11 -23.65
CA VAL D 53 -33.02 -20.86 -24.61
C VAL D 53 -32.19 -22.02 -25.13
N SER D 54 -30.93 -21.84 -25.45
CA SER D 54 -30.11 -22.85 -26.13
C SER D 54 -29.68 -23.93 -25.12
N GLY D 55 -29.79 -23.67 -23.81
CA GLY D 55 -29.32 -24.56 -22.75
C GLY D 55 -27.85 -24.39 -22.41
N THR D 56 -27.15 -23.47 -23.10
CA THR D 56 -25.72 -23.03 -22.88
C THR D 56 -25.56 -22.47 -21.47
N LEU D 57 -26.55 -21.70 -21.01
CA LEU D 57 -26.58 -21.16 -19.64
C LEU D 57 -27.72 -21.85 -18.89
N VAL D 58 -27.37 -22.57 -17.86
CA VAL D 58 -28.34 -23.35 -17.07
C VAL D 58 -28.89 -22.51 -15.95
N THR D 59 -30.23 -22.43 -15.90
CA THR D 59 -30.99 -21.75 -14.83
C THR D 59 -32.30 -22.55 -14.72
N PRO D 60 -32.90 -22.64 -13.54
CA PRO D 60 -34.12 -23.46 -13.42
C PRO D 60 -35.24 -22.91 -14.28
N LEU D 61 -35.93 -23.84 -14.93
CA LEU D 61 -37.09 -23.60 -15.79
C LEU D 61 -38.31 -24.17 -15.08
N PRO D 62 -39.50 -23.70 -15.41
CA PRO D 62 -39.73 -22.57 -16.30
C PRO D 62 -39.30 -21.23 -15.68
N VAL D 63 -39.06 -20.32 -16.59
CA VAL D 63 -38.41 -19.03 -16.18
C VAL D 63 -38.96 -17.85 -16.93
N ILE D 64 -38.94 -16.68 -16.23
CA ILE D 64 -39.03 -15.35 -16.88
C ILE D 64 -37.61 -14.81 -16.98
N ALA D 65 -37.11 -14.87 -18.18
CA ALA D 65 -35.76 -14.34 -18.44
C ALA D 65 -35.77 -12.80 -18.57
N GLY D 66 -34.69 -12.22 -19.14
CA GLY D 66 -34.53 -10.78 -19.20
C GLY D 66 -33.82 -10.25 -18.02
N HIS D 67 -32.75 -9.49 -18.30
CA HIS D 67 -31.91 -8.86 -17.24
C HIS D 67 -31.36 -7.48 -17.56
N GLU D 68 -31.58 -6.98 -18.77
CA GLU D 68 -31.06 -5.69 -19.22
C GLU D 68 -32.29 -4.79 -19.41
N ALA D 69 -32.61 -3.96 -18.44
CA ALA D 69 -33.90 -3.27 -18.46
C ALA D 69 -33.89 -1.97 -17.64
N ALA D 70 -35.01 -1.26 -17.75
CA ALA D 70 -35.30 -0.08 -16.93
C ALA D 70 -36.80 0.05 -16.76
N GLY D 71 -37.20 0.54 -15.59
CA GLY D 71 -38.62 0.67 -15.31
C GLY D 71 -38.89 1.67 -14.23
N ILE D 72 -40.11 1.69 -13.74
CA ILE D 72 -40.58 2.64 -12.72
C ILE D 72 -41.13 1.86 -11.54
N VAL D 73 -40.73 2.19 -10.33
CA VAL D 73 -41.20 1.45 -9.15
C VAL D 73 -42.70 1.63 -8.97
N GLU D 74 -43.43 0.53 -8.92
CA GLU D 74 -44.88 0.51 -8.64
C GLU D 74 -45.12 0.47 -7.12
N SER D 75 -44.35 -0.30 -6.38
CA SER D 75 -44.53 -0.38 -4.92
C SER D 75 -43.30 -0.98 -4.27
N ILE D 76 -43.16 -0.70 -2.98
CA ILE D 76 -42.02 -1.22 -2.19
C ILE D 76 -42.57 -2.02 -1.01
N GLY D 77 -41.80 -3.02 -0.61
CA GLY D 77 -42.10 -3.77 0.61
C GLY D 77 -41.60 -3.08 1.84
N GLU D 78 -42.00 -3.60 2.99
CA GLU D 78 -41.61 -3.06 4.28
C GLU D 78 -40.08 -2.99 4.35
N GLY D 79 -39.57 -1.85 4.79
CA GLY D 79 -38.14 -1.73 5.12
C GLY D 79 -37.30 -1.24 3.94
N VAL D 80 -37.87 -1.16 2.77
CA VAL D 80 -37.13 -0.57 1.60
C VAL D 80 -36.87 0.92 1.82
N THR D 81 -35.62 1.31 1.62
CA THR D 81 -35.21 2.69 1.86
C THR D 81 -34.60 3.37 0.63
N THR D 82 -34.09 2.61 -0.33
CA THR D 82 -33.19 3.18 -1.38
C THR D 82 -33.96 3.58 -2.61
N VAL D 83 -35.23 3.17 -2.74
CA VAL D 83 -36.09 3.55 -3.87
C VAL D 83 -37.50 3.79 -3.32
N ARG D 84 -38.30 4.53 -4.08
CA ARG D 84 -39.70 4.83 -3.71
C ARG D 84 -40.56 4.65 -4.95
N PRO D 85 -41.87 4.50 -4.77
CA PRO D 85 -42.78 4.46 -5.89
C PRO D 85 -42.57 5.68 -6.78
N GLY D 86 -42.56 5.47 -8.08
CA GLY D 86 -42.39 6.49 -9.11
C GLY D 86 -40.95 6.71 -9.49
N ASP D 87 -40.02 6.14 -8.73
CA ASP D 87 -38.60 6.29 -9.15
C ASP D 87 -38.33 5.49 -10.42
N LYS D 88 -37.49 6.00 -11.30
CA LYS D 88 -36.91 5.21 -12.40
C LYS D 88 -35.78 4.37 -11.82
N VAL D 89 -35.75 3.11 -12.30
CA VAL D 89 -34.80 2.10 -11.74
C VAL D 89 -34.25 1.25 -12.88
N ILE D 90 -33.07 0.71 -12.63
CA ILE D 90 -32.45 -0.33 -13.45
C ILE D 90 -32.22 -1.49 -12.50
N PRO D 91 -32.79 -2.70 -12.82
CA PRO D 91 -32.54 -3.94 -12.09
C PRO D 91 -31.06 -4.30 -12.29
N LEU D 92 -30.48 -4.90 -11.26
CA LEU D 92 -29.04 -5.19 -11.20
C LEU D 92 -28.96 -6.75 -11.26
N PHE D 93 -28.43 -7.29 -12.31
CA PHE D 93 -28.38 -8.76 -12.42
C PHE D 93 -27.19 -9.24 -11.56
N THR D 94 -26.22 -8.38 -11.27
CA THR D 94 -25.21 -8.60 -10.25
C THR D 94 -25.66 -7.74 -9.08
N PRO D 95 -25.99 -8.25 -7.90
CA PRO D 95 -26.42 -7.36 -6.85
C PRO D 95 -25.24 -6.60 -6.20
N GLN D 96 -25.62 -5.76 -5.24
CA GLN D 96 -24.63 -5.11 -4.35
C GLN D 96 -25.21 -5.01 -2.96
N CYS D 97 -24.97 -6.02 -2.14
CA CYS D 97 -25.48 -6.06 -0.76
C CYS D 97 -24.77 -4.99 0.12
N GLY D 98 -23.51 -4.69 -0.18
CA GLY D 98 -22.68 -3.69 0.52
C GLY D 98 -22.15 -4.22 1.83
N LYS D 99 -22.36 -5.50 2.16
CA LYS D 99 -22.05 -6.09 3.50
C LYS D 99 -21.02 -7.21 3.38
N CYS D 100 -20.94 -7.90 2.26
CA CYS D 100 -20.14 -9.15 2.11
C CYS D 100 -18.68 -8.77 1.82
N ARG D 101 -17.76 -9.72 1.91
CA ARG D 101 -16.31 -9.45 1.78
C ARG D 101 -16.02 -8.91 0.38
N VAL D 102 -16.77 -9.32 -0.63
CA VAL D 102 -16.54 -8.84 -2.00
C VAL D 102 -17.03 -7.41 -2.10
N CYS D 103 -18.24 -7.12 -1.64
CA CYS D 103 -18.75 -5.75 -1.68
C CYS D 103 -17.80 -4.81 -0.95
N LYS D 104 -17.16 -5.24 0.12
CA LYS D 104 -16.24 -4.36 0.89
C LYS D 104 -14.87 -4.24 0.24
N HIS D 105 -14.50 -5.13 -0.64
CA HIS D 105 -13.17 -5.13 -1.32
C HIS D 105 -13.13 -4.03 -2.37
N PRO D 106 -12.04 -3.26 -2.50
CA PRO D 106 -12.02 -2.21 -3.50
C PRO D 106 -12.16 -2.61 -4.96
N GLU D 107 -11.81 -3.85 -5.32
CA GLU D 107 -11.80 -4.30 -6.74
CA GLU D 107 -11.80 -4.25 -6.75
C GLU D 107 -12.79 -5.44 -6.98
C GLU D 107 -13.08 -5.06 -7.01
N GLY D 108 -13.59 -5.79 -6.00
N GLY D 108 -13.51 -5.85 -6.02
CA GLY D 108 -14.54 -6.89 -6.20
C GLY D 108 -15.90 -6.36 -6.59
N ASN D 109 -16.63 -7.06 -7.46
CA ASN D 109 -18.02 -6.64 -7.73
C ASN D 109 -18.96 -7.84 -7.72
N PHE D 110 -18.48 -9.07 -7.71
CA PHE D 110 -19.31 -10.29 -7.76
C PHE D 110 -19.81 -10.61 -6.37
N CYS D 111 -20.80 -9.87 -5.94
CA CYS D 111 -21.42 -9.98 -4.58
C CYS D 111 -21.83 -11.41 -4.33
N LEU D 112 -21.60 -11.84 -3.08
CA LEU D 112 -21.88 -13.21 -2.67
C LEU D 112 -23.39 -13.50 -2.65
N LYS D 113 -24.26 -12.49 -2.76
CA LYS D 113 -25.73 -12.74 -2.91
C LYS D 113 -26.15 -13.00 -4.36
N ASN D 114 -25.22 -13.02 -5.30
CA ASN D 114 -25.54 -13.24 -6.73
C ASN D 114 -26.23 -14.58 -6.96
N ASP D 115 -27.03 -14.62 -8.02
CA ASP D 115 -27.67 -15.89 -8.43
C ASP D 115 -27.06 -16.36 -9.74
N LEU D 116 -25.78 -16.11 -9.98
CA LEU D 116 -25.11 -16.45 -11.26
C LEU D 116 -24.28 -17.71 -11.03
N SER D 117 -23.59 -17.84 -9.91
CA SER D 117 -22.63 -18.96 -9.72
C SER D 117 -23.37 -20.28 -9.67
N MET D 118 -24.45 -20.33 -8.91
CA MET D 118 -25.19 -21.61 -8.80
C MET D 118 -26.68 -21.27 -8.89
N PRO D 119 -27.19 -20.93 -10.10
CA PRO D 119 -28.49 -20.27 -10.17
C PRO D 119 -29.58 -21.09 -9.50
N ARG D 120 -30.39 -20.44 -8.66
CA ARG D 120 -31.56 -21.05 -7.97
C ARG D 120 -32.83 -20.50 -8.63
N GLY D 121 -32.81 -19.32 -9.25
CA GLY D 121 -33.99 -18.78 -9.92
C GLY D 121 -35.09 -18.37 -8.96
N THR D 122 -34.71 -17.75 -7.82
CA THR D 122 -35.67 -17.28 -6.80
C THR D 122 -35.35 -15.85 -6.41
N MET D 123 -36.18 -15.34 -5.51
CA MET D 123 -35.85 -14.15 -4.73
C MET D 123 -34.77 -14.54 -3.69
N GLN D 124 -34.25 -13.60 -2.94
CA GLN D 124 -33.28 -13.91 -1.88
C GLN D 124 -33.88 -14.82 -0.81
N ASP D 125 -35.18 -14.74 -0.55
CA ASP D 125 -35.82 -15.65 0.43
C ASP D 125 -36.09 -17.08 -0.11
N GLY D 126 -35.64 -17.47 -1.33
CA GLY D 126 -35.77 -18.85 -1.80
C GLY D 126 -37.12 -19.13 -2.41
N THR D 127 -37.99 -18.14 -2.57
CA THR D 127 -39.33 -18.33 -3.15
C THR D 127 -39.44 -17.50 -4.43
N SER D 128 -40.52 -17.69 -5.14
CA SER D 128 -40.85 -16.95 -6.39
C SER D 128 -42.08 -16.06 -6.20
N ARG D 129 -42.09 -14.95 -6.90
CA ARG D 129 -43.22 -13.99 -6.88
C ARG D 129 -44.10 -14.14 -8.12
N PHE D 130 -43.78 -15.12 -8.99
CA PHE D 130 -44.52 -15.30 -10.26
C PHE D 130 -45.26 -16.64 -10.29
N THR D 131 -46.52 -16.59 -10.74
CA THR D 131 -47.37 -17.76 -10.99
CA THR D 131 -47.23 -17.83 -11.07
C THR D 131 -47.87 -17.69 -12.44
N CYS D 132 -47.98 -18.86 -13.08
CA CYS D 132 -48.67 -18.93 -14.38
C CYS D 132 -49.58 -20.16 -14.33
N ARG D 133 -50.90 -19.92 -14.36
CA ARG D 133 -51.92 -20.99 -14.19
C ARG D 133 -51.55 -21.85 -12.99
N GLY D 134 -51.33 -21.23 -11.84
CA GLY D 134 -51.09 -21.86 -10.54
C GLY D 134 -49.71 -22.47 -10.43
N LYS D 135 -48.85 -22.39 -11.44
CA LYS D 135 -47.52 -23.03 -11.36
C LYS D 135 -46.50 -21.92 -11.06
N PRO D 136 -45.60 -22.14 -10.10
CA PRO D 136 -44.55 -21.16 -9.81
C PRO D 136 -43.64 -21.09 -11.03
N ILE D 137 -43.18 -19.86 -11.31
CA ILE D 137 -42.25 -19.61 -12.42
C ILE D 137 -40.98 -19.04 -11.79
N HIS D 138 -39.86 -19.51 -12.26
CA HIS D 138 -38.56 -19.03 -11.76
C HIS D 138 -38.26 -17.59 -12.20
N HIS D 139 -37.47 -16.95 -11.33
CA HIS D 139 -36.82 -15.66 -11.60
C HIS D 139 -35.53 -16.00 -12.34
N PHE D 140 -34.91 -14.97 -12.90
CA PHE D 140 -33.65 -15.18 -13.62
C PHE D 140 -32.73 -14.06 -13.11
N LEU D 141 -31.59 -14.45 -12.57
CA LEU D 141 -30.54 -13.50 -12.09
C LEU D 141 -31.09 -12.46 -11.11
N GLY D 142 -32.16 -12.72 -10.41
CA GLY D 142 -32.76 -11.75 -9.49
C GLY D 142 -33.37 -10.58 -10.25
N THR D 143 -33.63 -10.70 -11.52
CA THR D 143 -34.16 -9.59 -12.36
C THR D 143 -35.50 -9.97 -13.03
N SER D 144 -35.51 -10.85 -14.01
CA SER D 144 -36.75 -11.26 -14.72
C SER D 144 -37.45 -10.03 -15.30
N THR D 145 -36.94 -9.58 -16.42
CA THR D 145 -37.38 -8.28 -16.99
C THR D 145 -38.25 -8.48 -18.23
N PHE D 146 -38.46 -9.75 -18.64
CA PHE D 146 -39.39 -10.04 -19.79
C PHE D 146 -40.79 -10.18 -19.23
N SER D 147 -41.27 -9.15 -18.60
CA SER D 147 -42.57 -9.17 -17.91
C SER D 147 -43.03 -7.74 -17.80
N GLN D 148 -44.32 -7.46 -17.86
CA GLN D 148 -44.74 -6.06 -17.64
C GLN D 148 -44.43 -5.61 -16.23
N TYR D 149 -44.47 -6.50 -15.25
CA TYR D 149 -44.09 -6.19 -13.86
C TYR D 149 -43.12 -7.23 -13.37
N THR D 150 -42.14 -6.89 -12.57
CA THR D 150 -41.27 -7.87 -11.91
C THR D 150 -41.12 -7.46 -10.44
N VAL D 151 -40.61 -8.33 -9.60
CA VAL D 151 -40.27 -8.09 -8.18
C VAL D 151 -38.82 -8.41 -8.01
N VAL D 152 -38.07 -7.46 -7.46
CA VAL D 152 -36.65 -7.68 -7.19
C VAL D 152 -36.30 -7.41 -5.74
N ASP D 153 -35.24 -8.02 -5.29
CA ASP D 153 -34.66 -7.63 -4.01
C ASP D 153 -34.07 -6.20 -4.08
N GLU D 154 -34.12 -5.50 -2.96
CA GLU D 154 -33.60 -4.12 -2.93
C GLU D 154 -32.11 -4.11 -3.29
N ILE D 155 -31.33 -5.11 -2.97
CA ILE D 155 -29.89 -5.10 -3.35
C ILE D 155 -29.70 -5.31 -4.84
N SER D 156 -30.79 -5.59 -5.58
CA SER D 156 -30.74 -5.82 -7.02
C SER D 156 -31.51 -4.73 -7.76
N VAL D 157 -31.55 -3.54 -7.19
CA VAL D 157 -32.12 -2.41 -7.96
C VAL D 157 -31.44 -1.09 -7.60
N ALA D 158 -31.22 -0.29 -8.62
CA ALA D 158 -30.68 1.05 -8.47
C ALA D 158 -31.64 2.12 -8.97
N LYS D 159 -31.84 3.17 -8.14
CA LYS D 159 -32.55 4.40 -8.57
C LYS D 159 -31.64 5.16 -9.54
N ILE D 160 -32.20 5.65 -10.61
CA ILE D 160 -31.46 6.43 -11.62
C ILE D 160 -32.15 7.80 -11.84
N ASP D 161 -31.47 8.66 -12.61
CA ASP D 161 -31.91 10.06 -12.88
C ASP D 161 -33.38 10.05 -13.31
N ALA D 162 -34.23 10.84 -12.65
CA ALA D 162 -35.68 10.95 -12.97
C ALA D 162 -35.92 11.41 -14.41
N ALA D 163 -34.95 12.00 -15.09
CA ALA D 163 -35.15 12.45 -16.50
C ALA D 163 -34.53 11.52 -17.52
N SER D 164 -34.02 10.34 -17.09
CA SER D 164 -33.35 9.32 -17.95
C SER D 164 -34.30 8.84 -19.03
N PRO D 165 -33.87 8.67 -20.32
CA PRO D 165 -34.67 8.01 -21.35
C PRO D 165 -34.51 6.47 -21.25
N LEU D 166 -35.55 5.82 -20.74
CA LEU D 166 -35.44 4.41 -20.30
C LEU D 166 -35.25 3.47 -21.50
N GLU D 167 -35.70 3.83 -22.71
CA GLU D 167 -35.53 3.04 -23.93
C GLU D 167 -34.06 3.04 -24.40
N LYS D 168 -33.22 3.88 -23.85
CA LYS D 168 -31.75 3.85 -24.10
C LYS D 168 -31.03 3.26 -22.88
N VAL D 169 -31.32 3.79 -21.69
CA VAL D 169 -30.40 3.55 -20.54
C VAL D 169 -30.61 2.13 -19.99
N CYS D 170 -31.64 1.42 -20.44
CA CYS D 170 -31.74 -0.01 -20.17
C CYS D 170 -30.43 -0.73 -20.50
N LEU D 171 -29.68 -0.32 -21.51
CA LEU D 171 -28.41 -0.98 -21.88
C LEU D 171 -27.32 -0.84 -20.83
N ILE D 172 -27.46 0.11 -19.92
CA ILE D 172 -26.51 0.25 -18.79
C ILE D 172 -26.70 -0.92 -17.82
N GLY D 173 -27.88 -1.52 -17.84
CA GLY D 173 -28.17 -2.72 -17.07
C GLY D 173 -27.36 -3.90 -17.49
N CYS D 174 -26.83 -3.94 -18.68
CA CYS D 174 -25.99 -5.11 -19.02
C CYS D 174 -24.95 -4.74 -20.09
N GLY D 175 -25.35 -4.76 -21.33
CA GLY D 175 -24.40 -4.92 -22.45
C GLY D 175 -23.40 -3.77 -22.48
N PHE D 176 -23.86 -2.49 -22.37
CA PHE D 176 -22.95 -1.34 -22.40
C PHE D 176 -21.94 -1.43 -21.27
N SER D 177 -22.44 -1.54 -20.04
CA SER D 177 -21.59 -1.40 -18.87
C SER D 177 -20.55 -2.54 -18.91
N THR D 178 -21.03 -3.72 -19.27
CA THR D 178 -20.13 -4.91 -19.30
C THR D 178 -18.96 -4.60 -20.25
N GLY D 179 -19.25 -4.23 -21.47
CA GLY D 179 -18.12 -4.14 -22.42
C GLY D 179 -17.24 -2.95 -22.10
N TYR D 180 -17.84 -1.86 -21.73
CA TYR D 180 -17.08 -0.61 -21.46
C TYR D 180 -16.15 -0.85 -20.28
N GLY D 181 -16.72 -1.33 -19.17
CA GLY D 181 -15.94 -1.60 -17.96
C GLY D 181 -14.88 -2.66 -18.20
N SER D 182 -15.21 -3.66 -19.00
CA SER D 182 -14.18 -4.69 -19.31
C SER D 182 -12.90 -4.01 -19.83
N ALA D 183 -13.10 -3.03 -20.71
CA ALA D 183 -11.93 -2.29 -21.28
C ALA D 183 -11.29 -1.38 -20.24
N VAL D 184 -12.10 -0.52 -19.63
CA VAL D 184 -11.55 0.64 -18.88
C VAL D 184 -11.18 0.23 -17.46
N LYS D 185 -11.92 -0.68 -16.81
CA LYS D 185 -11.74 -1.04 -15.41
C LYS D 185 -10.99 -2.38 -15.29
N VAL D 186 -11.38 -3.36 -16.05
CA VAL D 186 -10.85 -4.73 -15.82
C VAL D 186 -9.50 -4.83 -16.56
N ALA D 187 -9.50 -4.63 -17.87
CA ALA D 187 -8.22 -4.71 -18.62
C ALA D 187 -7.34 -3.51 -18.27
N LYS D 188 -7.93 -2.33 -18.02
CA LYS D 188 -7.24 -1.04 -17.79
C LYS D 188 -6.41 -0.72 -19.05
N VAL D 189 -7.07 -0.73 -20.19
CA VAL D 189 -6.44 -0.36 -21.49
C VAL D 189 -5.72 1.00 -21.35
N THR D 190 -4.48 1.00 -21.84
CA THR D 190 -3.59 2.17 -21.83
C THR D 190 -3.61 2.98 -23.13
N GLN D 191 -3.27 4.28 -22.98
CA GLN D 191 -3.17 5.18 -24.15
C GLN D 191 -2.06 4.66 -25.09
N GLY D 192 -2.36 4.54 -26.39
CA GLY D 192 -1.41 4.16 -27.43
C GLY D 192 -1.31 2.70 -27.63
N SER D 193 -2.08 1.88 -26.89
CA SER D 193 -2.00 0.42 -26.95
C SER D 193 -2.73 -0.12 -28.19
N THR D 194 -2.46 -1.39 -28.49
CA THR D 194 -3.19 -2.21 -29.47
C THR D 194 -4.07 -3.25 -28.79
N CYS D 195 -5.31 -3.18 -29.15
CA CYS D 195 -6.36 -4.03 -28.63
C CYS D 195 -6.93 -4.96 -29.70
N ALA D 196 -7.36 -6.18 -29.37
CA ALA D 196 -8.13 -7.12 -30.22
C ALA D 196 -9.44 -7.46 -29.53
N VAL D 197 -10.54 -7.28 -30.19
CA VAL D 197 -11.88 -7.58 -29.64
C VAL D 197 -12.51 -8.68 -30.46
N PHE D 198 -12.72 -9.85 -29.87
CA PHE D 198 -13.33 -11.05 -30.47
C PHE D 198 -14.83 -10.94 -30.19
N GLY D 199 -15.64 -10.72 -31.23
CA GLY D 199 -17.09 -10.62 -31.10
C GLY D 199 -17.50 -9.19 -31.16
N LEU D 200 -18.35 -8.89 -32.14
CA LEU D 200 -18.71 -7.50 -32.43
C LEU D 200 -20.22 -7.35 -32.27
N GLY D 201 -20.80 -8.04 -31.28
CA GLY D 201 -22.17 -7.72 -30.86
C GLY D 201 -22.28 -6.54 -29.92
N GLY D 202 -23.40 -6.37 -29.24
CA GLY D 202 -23.52 -5.16 -28.43
C GLY D 202 -22.41 -5.08 -27.36
N VAL D 203 -22.03 -6.19 -26.72
CA VAL D 203 -20.99 -6.14 -25.68
C VAL D 203 -19.62 -5.88 -26.29
N GLY D 204 -19.31 -6.49 -27.40
CA GLY D 204 -18.01 -6.24 -28.05
C GLY D 204 -17.92 -4.82 -28.59
N LEU D 205 -19.02 -4.30 -29.16
CA LEU D 205 -18.95 -2.88 -29.54
C LEU D 205 -18.72 -1.98 -28.33
N SER D 206 -19.30 -2.31 -27.18
CA SER D 206 -19.10 -1.56 -25.94
C SER D 206 -17.66 -1.69 -25.44
N VAL D 207 -17.00 -2.79 -25.66
CA VAL D 207 -15.55 -2.92 -25.35
C VAL D 207 -14.77 -2.02 -26.31
N ILE D 208 -15.14 -1.97 -27.59
CA ILE D 208 -14.44 -1.03 -28.51
C ILE D 208 -14.62 0.40 -28.01
N MET D 209 -15.82 0.80 -27.66
CA MET D 209 -16.06 2.16 -27.09
C MET D 209 -15.13 2.41 -25.93
N GLY D 210 -14.96 1.42 -25.04
CA GLY D 210 -14.06 1.61 -23.89
C GLY D 210 -12.61 1.69 -24.31
N CYS D 211 -12.20 0.87 -25.27
CA CYS D 211 -10.80 0.90 -25.74
C CYS D 211 -10.50 2.29 -26.34
N LYS D 212 -11.44 2.79 -27.11
CA LYS D 212 -11.24 4.10 -27.76
C LYS D 212 -11.22 5.19 -26.68
N ALA D 213 -12.15 5.12 -25.73
CA ALA D 213 -12.18 6.09 -24.61
C ALA D 213 -10.87 6.06 -23.82
N ALA D 214 -10.21 4.91 -23.71
CA ALA D 214 -8.97 4.78 -22.94
C ALA D 214 -7.78 5.18 -23.80
N GLY D 215 -7.99 5.45 -25.10
CA GLY D 215 -6.93 6.03 -25.94
C GLY D 215 -6.12 5.00 -26.65
N ALA D 216 -6.66 3.80 -26.88
CA ALA D 216 -5.98 2.77 -27.71
C ALA D 216 -5.63 3.41 -29.06
N ALA D 217 -4.46 3.06 -29.59
CA ALA D 217 -4.04 3.54 -30.94
C ALA D 217 -4.63 2.65 -32.04
N ARG D 218 -4.69 1.34 -31.82
CA ARG D 218 -5.26 0.30 -32.73
C ARG D 218 -6.29 -0.56 -32.00
N ILE D 219 -7.39 -0.80 -32.66
CA ILE D 219 -8.47 -1.67 -32.13
C ILE D 219 -8.88 -2.57 -33.25
N ILE D 220 -8.51 -3.84 -33.17
CA ILE D 220 -8.78 -4.83 -34.23
C ILE D 220 -10.04 -5.58 -33.82
N GLY D 221 -11.11 -5.42 -34.55
CA GLY D 221 -12.28 -6.30 -34.35
C GLY D 221 -12.14 -7.61 -35.09
N VAL D 222 -12.67 -8.69 -34.52
CA VAL D 222 -12.68 -10.08 -35.04
C VAL D 222 -14.08 -10.63 -34.98
N ASP D 223 -14.68 -10.89 -36.13
CA ASP D 223 -16.02 -11.54 -36.14
C ASP D 223 -16.11 -12.36 -37.44
N ILE D 224 -16.72 -13.52 -37.37
CA ILE D 224 -17.04 -14.40 -38.53
C ILE D 224 -18.22 -13.82 -39.33
N ASN D 225 -18.89 -12.79 -38.82
CA ASN D 225 -19.96 -12.12 -39.61
C ASN D 225 -19.47 -10.74 -40.05
N LYS D 226 -19.02 -10.59 -41.31
CA LYS D 226 -18.47 -9.33 -41.85
C LYS D 226 -19.49 -8.19 -41.85
N ASP D 227 -20.78 -8.52 -41.74
CA ASP D 227 -21.82 -7.45 -41.64
C ASP D 227 -21.65 -6.64 -40.36
N LYS D 228 -20.89 -7.17 -39.38
CA LYS D 228 -20.65 -6.48 -38.09
C LYS D 228 -19.52 -5.45 -38.19
N PHE D 229 -18.76 -5.41 -39.30
CA PHE D 229 -17.53 -4.58 -39.36
C PHE D 229 -17.84 -3.07 -39.42
N ALA D 230 -18.86 -2.69 -40.20
CA ALA D 230 -19.12 -1.28 -40.45
C ALA D 230 -19.41 -0.56 -39.13
N LYS D 231 -20.25 -1.15 -38.26
CA LYS D 231 -20.62 -0.49 -36.98
C LYS D 231 -19.39 -0.51 -36.03
N ALA D 232 -18.61 -1.55 -36.06
CA ALA D 232 -17.41 -1.69 -35.22
C ALA D 232 -16.46 -0.54 -35.54
N LYS D 233 -16.26 -0.25 -36.83
CA LYS D 233 -15.40 0.88 -37.26
C LYS D 233 -16.06 2.18 -36.82
N GLU D 234 -17.37 2.32 -36.97
CA GLU D 234 -18.02 3.59 -36.55
C GLU D 234 -17.71 3.92 -35.08
N VAL D 235 -17.61 2.95 -34.15
CA VAL D 235 -17.41 3.19 -32.70
C VAL D 235 -15.94 3.05 -32.31
N GLY D 236 -15.05 2.79 -33.28
CA GLY D 236 -13.62 2.99 -33.06
C GLY D 236 -12.71 1.89 -33.57
N ALA D 237 -13.22 0.78 -34.11
CA ALA D 237 -12.33 -0.28 -34.69
C ALA D 237 -11.48 0.35 -35.79
N THR D 238 -10.19 0.11 -35.77
CA THR D 238 -9.27 0.66 -36.82
C THR D 238 -9.15 -0.36 -37.97
N GLU D 239 -9.38 -1.65 -37.72
CA GLU D 239 -9.32 -2.74 -38.72
C GLU D 239 -10.28 -3.77 -38.17
N CYS D 240 -10.83 -4.57 -39.07
CA CYS D 240 -11.64 -5.76 -38.75
C CYS D 240 -11.16 -6.91 -39.60
N VAL D 241 -11.15 -8.09 -38.98
CA VAL D 241 -10.72 -9.32 -39.62
C VAL D 241 -11.74 -10.41 -39.38
N ASN D 242 -11.98 -11.20 -40.41
CA ASN D 242 -12.87 -12.35 -40.42
C ASN D 242 -12.03 -13.60 -40.47
N PRO D 243 -11.95 -14.37 -39.38
CA PRO D 243 -11.17 -15.63 -39.37
C PRO D 243 -11.43 -16.56 -40.57
N GLN D 244 -12.67 -16.61 -41.01
CA GLN D 244 -13.15 -17.46 -42.12
C GLN D 244 -12.48 -17.03 -43.43
N ASP D 245 -11.88 -15.84 -43.50
CA ASP D 245 -11.24 -15.42 -44.77
C ASP D 245 -9.85 -16.03 -44.96
N TYR D 246 -9.23 -16.56 -43.91
CA TYR D 246 -7.82 -16.97 -43.89
C TYR D 246 -7.67 -18.49 -43.86
N LYS D 247 -6.53 -18.95 -44.35
CA LYS D 247 -6.19 -20.39 -44.43
C LYS D 247 -5.20 -20.70 -43.31
N LYS D 248 -5.06 -19.80 -42.34
CA LYS D 248 -4.23 -20.01 -41.14
C LYS D 248 -4.98 -19.47 -39.91
N PRO D 249 -4.65 -19.95 -38.70
CA PRO D 249 -5.37 -19.58 -37.48
C PRO D 249 -5.28 -18.08 -37.24
N ILE D 250 -6.36 -17.49 -36.77
CA ILE D 250 -6.42 -16.01 -36.60
C ILE D 250 -5.39 -15.57 -35.54
N GLN D 251 -4.99 -16.40 -34.58
CA GLN D 251 -4.02 -15.96 -33.54
C GLN D 251 -2.71 -15.61 -34.27
N GLU D 252 -2.37 -16.34 -35.34
CA GLU D 252 -1.20 -16.03 -36.22
C GLU D 252 -1.37 -14.73 -37.02
N VAL D 253 -2.53 -14.52 -37.66
CA VAL D 253 -2.81 -13.26 -38.40
C VAL D 253 -2.63 -12.11 -37.39
N LEU D 254 -3.21 -12.23 -36.18
CA LEU D 254 -3.24 -11.06 -35.26
C LEU D 254 -1.82 -10.85 -34.74
N THR D 255 -1.13 -11.91 -34.38
CA THR D 255 0.26 -11.82 -33.86
C THR D 255 1.13 -11.12 -34.91
N GLU D 256 0.97 -11.47 -36.18
CA GLU D 256 1.71 -10.76 -37.28
C GLU D 256 1.27 -9.31 -37.45
N MET D 257 -0.03 -9.01 -37.44
CA MET D 257 -0.60 -7.66 -37.65
C MET D 257 -0.11 -6.73 -36.54
N SER D 258 0.09 -7.28 -35.34
CA SER D 258 0.50 -6.54 -34.12
C SER D 258 2.01 -6.64 -33.87
N ASN D 259 2.76 -7.23 -34.79
CA ASN D 259 4.25 -7.28 -34.67
C ASN D 259 4.64 -7.95 -33.36
N GLY D 260 3.99 -9.09 -33.11
CA GLY D 260 4.32 -10.07 -32.05
C GLY D 260 3.33 -10.15 -30.91
N GLY D 261 2.09 -9.62 -31.07
CA GLY D 261 0.93 -9.80 -30.17
C GLY D 261 0.38 -8.47 -29.72
N VAL D 262 -0.91 -8.43 -29.33
CA VAL D 262 -1.61 -7.22 -28.88
C VAL D 262 -1.36 -6.98 -27.40
N ASP D 263 -1.53 -5.76 -26.98
CA ASP D 263 -1.42 -5.39 -25.56
C ASP D 263 -2.65 -5.92 -24.78
N PHE D 264 -3.82 -5.81 -25.34
CA PHE D 264 -5.06 -6.22 -24.64
C PHE D 264 -5.94 -6.97 -25.58
N SER D 265 -6.44 -8.18 -25.24
CA SER D 265 -7.40 -8.92 -26.07
C SER D 265 -8.63 -9.21 -25.22
N PHE D 266 -9.76 -9.31 -25.89
CA PHE D 266 -11.04 -9.52 -25.23
C PHE D 266 -11.78 -10.62 -25.96
N GLU D 267 -12.27 -11.59 -25.19
CA GLU D 267 -13.18 -12.62 -25.74
C GLU D 267 -14.62 -12.24 -25.38
N VAL D 268 -15.41 -11.96 -26.39
CA VAL D 268 -16.75 -11.37 -26.18
C VAL D 268 -17.73 -12.15 -27.00
N ILE D 269 -17.60 -13.46 -26.96
CA ILE D 269 -18.44 -14.42 -27.74
C ILE D 269 -19.06 -15.45 -26.81
N GLY D 270 -18.21 -16.19 -26.10
CA GLY D 270 -18.65 -17.34 -25.29
C GLY D 270 -18.26 -18.69 -25.81
N ARG D 271 -17.16 -18.80 -26.51
CA ARG D 271 -16.67 -20.08 -27.00
C ARG D 271 -15.31 -20.39 -26.40
N LEU D 272 -15.14 -21.65 -26.04
CA LEU D 272 -13.87 -22.10 -25.45
C LEU D 272 -12.72 -21.86 -26.43
N ASP D 273 -12.90 -22.12 -27.70
CA ASP D 273 -11.76 -22.00 -28.64
C ASP D 273 -11.32 -20.55 -28.74
N THR D 274 -12.25 -19.62 -28.83
CA THR D 274 -11.90 -18.21 -28.94
C THR D 274 -11.29 -17.71 -27.63
N MET D 275 -11.65 -18.28 -26.49
CA MET D 275 -11.01 -17.87 -25.24
C MET D 275 -9.53 -18.19 -25.34
N VAL D 276 -9.19 -19.33 -25.86
CA VAL D 276 -7.75 -19.70 -25.90
C VAL D 276 -7.06 -18.85 -26.99
N THR D 277 -7.70 -18.68 -28.11
CA THR D 277 -7.16 -17.81 -29.20
C THR D 277 -6.91 -16.38 -28.74
N ALA D 278 -7.84 -15.80 -27.99
CA ALA D 278 -7.67 -14.42 -27.56
C ALA D 278 -6.49 -14.41 -26.61
N LEU D 279 -6.40 -15.35 -25.68
CA LEU D 279 -5.22 -15.39 -24.79
C LEU D 279 -3.92 -15.44 -25.63
N SER D 280 -3.87 -16.32 -26.60
CA SER D 280 -2.66 -16.57 -27.42
C SER D 280 -2.27 -15.29 -28.19
N CYS D 281 -3.21 -14.52 -28.70
CA CYS D 281 -2.86 -13.35 -29.53
CA CYS D 281 -2.97 -13.31 -29.52
C CYS D 281 -2.36 -12.14 -28.73
N CYS D 282 -2.45 -12.17 -27.38
CA CYS D 282 -1.85 -11.06 -26.61
CA CYS D 282 -1.83 -11.17 -26.49
C CYS D 282 -0.33 -11.40 -26.47
N GLN D 283 0.44 -10.34 -26.37
CA GLN D 283 1.92 -10.49 -26.37
C GLN D 283 2.33 -11.40 -25.21
N GLU D 284 3.25 -12.35 -25.47
CA GLU D 284 3.51 -13.44 -24.51
C GLU D 284 4.12 -12.94 -23.20
N ALA D 285 4.80 -11.77 -23.19
CA ALA D 285 5.54 -11.32 -22.01
C ALA D 285 4.69 -10.38 -21.18
N TYR D 286 3.80 -9.58 -21.77
CA TYR D 286 3.16 -8.45 -21.03
C TYR D 286 1.70 -8.25 -21.48
N GLY D 287 1.20 -9.18 -22.28
CA GLY D 287 -0.19 -9.11 -22.78
C GLY D 287 -1.23 -9.41 -21.70
N VAL D 288 -2.43 -8.84 -21.89
CA VAL D 288 -3.56 -9.06 -20.96
C VAL D 288 -4.74 -9.48 -21.79
N SER D 289 -5.41 -10.59 -21.40
CA SER D 289 -6.62 -11.07 -22.08
C SER D 289 -7.75 -11.14 -21.08
N VAL D 290 -8.91 -10.64 -21.45
CA VAL D 290 -10.10 -10.61 -20.61
C VAL D 290 -11.17 -11.47 -21.28
N ILE D 291 -11.67 -12.42 -20.51
CA ILE D 291 -12.87 -13.21 -20.87
C ILE D 291 -14.10 -12.43 -20.44
N VAL D 292 -14.96 -12.15 -21.41
CA VAL D 292 -16.29 -11.56 -21.18
C VAL D 292 -17.40 -12.58 -21.54
N GLY D 293 -17.22 -13.32 -22.62
CA GLY D 293 -18.25 -14.26 -23.04
C GLY D 293 -18.60 -15.29 -21.99
N VAL D 294 -19.88 -15.71 -21.98
CA VAL D 294 -20.34 -16.76 -21.06
C VAL D 294 -20.09 -18.10 -21.73
N PRO D 295 -19.28 -18.92 -21.04
CA PRO D 295 -18.96 -20.22 -21.59
C PRO D 295 -20.13 -21.16 -21.51
N PRO D 296 -20.05 -22.24 -22.30
CA PRO D 296 -21.09 -23.27 -22.33
C PRO D 296 -21.10 -24.19 -21.10
N ASP D 297 -22.26 -24.40 -20.55
CA ASP D 297 -22.43 -25.08 -19.26
C ASP D 297 -21.52 -26.32 -19.12
N SER D 298 -20.73 -26.32 -18.05
CA SER D 298 -19.94 -27.44 -17.45
C SER D 298 -18.74 -27.81 -18.32
N GLN D 299 -18.48 -27.11 -19.42
CA GLN D 299 -17.41 -27.54 -20.35
C GLN D 299 -16.09 -26.87 -19.96
N ASN D 300 -15.01 -27.63 -20.00
CA ASN D 300 -13.66 -27.12 -19.66
C ASN D 300 -12.93 -26.81 -20.93
N LEU D 301 -12.12 -25.77 -20.91
CA LEU D 301 -11.19 -25.57 -22.02
C LEU D 301 -9.87 -26.28 -21.71
N SER D 302 -9.08 -26.36 -22.74
CA SER D 302 -7.77 -26.98 -22.75
C SER D 302 -6.77 -25.92 -23.17
N MET D 303 -5.68 -25.76 -22.39
CA MET D 303 -4.69 -24.74 -22.78
C MET D 303 -3.33 -25.12 -22.25
N ASN D 304 -2.30 -24.59 -22.89
CA ASN D 304 -0.90 -24.85 -22.48
C ASN D 304 -0.49 -23.77 -21.49
N PRO D 305 -0.18 -24.11 -20.21
CA PRO D 305 0.15 -23.07 -19.26
C PRO D 305 1.43 -22.31 -19.55
N MET D 306 2.26 -22.75 -20.50
CA MET D 306 3.36 -21.88 -20.98
C MET D 306 2.89 -20.56 -21.57
N LEU D 307 1.61 -20.47 -22.00
CA LEU D 307 1.05 -19.19 -22.43
C LEU D 307 1.05 -18.21 -21.29
N LEU D 308 0.87 -18.69 -20.04
CA LEU D 308 0.88 -17.80 -18.85
C LEU D 308 2.31 -17.65 -18.28
N LEU D 309 3.11 -18.69 -18.27
CA LEU D 309 4.43 -18.63 -17.61
C LEU D 309 5.29 -17.54 -18.29
N SER D 310 5.16 -17.29 -19.58
CA SER D 310 5.97 -16.26 -20.25
C SER D 310 5.63 -14.87 -19.72
N GLY D 311 4.45 -14.68 -19.10
CA GLY D 311 4.15 -13.32 -18.64
C GLY D 311 2.72 -12.88 -18.88
N ARG D 312 1.93 -13.61 -19.63
CA ARG D 312 0.54 -13.13 -19.88
C ARG D 312 -0.27 -13.09 -18.61
N THR D 313 -1.30 -12.25 -18.65
CA THR D 313 -2.32 -12.16 -17.60
C THR D 313 -3.65 -12.53 -18.24
N TRP D 314 -4.37 -13.41 -17.58
CA TRP D 314 -5.69 -13.90 -18.05
C TRP D 314 -6.68 -13.55 -17.00
N LYS D 315 -7.76 -12.88 -17.31
CA LYS D 315 -8.78 -12.56 -16.30
C LYS D 315 -10.15 -12.59 -16.93
N GLY D 316 -11.19 -12.68 -16.12
CA GLY D 316 -12.54 -12.46 -16.61
C GLY D 316 -13.26 -11.48 -15.69
N ALA D 317 -14.48 -11.18 -16.03
CA ALA D 317 -15.29 -10.32 -15.17
C ALA D 317 -16.77 -10.47 -15.57
N ILE D 318 -17.62 -10.18 -14.57
CA ILE D 318 -19.05 -9.99 -14.70
C ILE D 318 -19.31 -8.47 -14.68
N PHE D 319 -20.22 -8.08 -15.55
CA PHE D 319 -20.70 -6.69 -15.54
C PHE D 319 -19.58 -5.63 -15.53
N GLY D 320 -18.55 -5.94 -16.34
CA GLY D 320 -17.44 -4.99 -16.54
C GLY D 320 -16.64 -4.71 -15.30
N GLY D 321 -16.79 -5.45 -14.21
CA GLY D 321 -16.11 -5.19 -12.94
C GLY D 321 -16.78 -4.09 -12.12
N PHE D 322 -17.92 -3.57 -12.57
CA PHE D 322 -18.60 -2.47 -11.82
C PHE D 322 -19.33 -2.94 -10.57
N LYS D 323 -19.11 -2.33 -9.42
CA LYS D 323 -19.99 -2.52 -8.22
C LYS D 323 -21.33 -1.97 -8.65
N SER D 324 -22.36 -2.81 -8.75
CA SER D 324 -23.53 -2.49 -9.58
C SER D 324 -24.30 -1.26 -9.05
N LYS D 325 -24.67 -1.31 -7.79
CA LYS D 325 -25.56 -0.23 -7.27
C LYS D 325 -24.82 1.09 -7.16
N ASP D 326 -23.53 1.06 -6.83
CA ASP D 326 -22.73 2.31 -6.87
C ASP D 326 -22.64 2.84 -8.30
N SER D 327 -22.45 1.96 -9.28
CA SER D 327 -21.99 2.36 -10.63
C SER D 327 -23.13 2.74 -11.52
N VAL D 328 -24.27 2.03 -11.48
CA VAL D 328 -25.28 2.23 -12.50
C VAL D 328 -25.79 3.67 -12.45
N PRO D 329 -26.13 4.23 -11.26
CA PRO D 329 -26.61 5.63 -11.26
C PRO D 329 -25.56 6.63 -11.80
N LYS D 330 -24.29 6.35 -11.55
CA LYS D 330 -23.16 7.19 -12.08
C LYS D 330 -23.05 7.03 -13.60
N LEU D 331 -23.12 5.82 -14.10
CA LEU D 331 -23.11 5.62 -15.57
C LEU D 331 -24.32 6.29 -16.22
N VAL D 332 -25.50 6.30 -15.59
CA VAL D 332 -26.68 6.96 -16.22
C VAL D 332 -26.35 8.49 -16.21
N ALA D 333 -25.87 9.05 -15.10
CA ALA D 333 -25.48 10.49 -14.99
C ALA D 333 -24.48 10.79 -16.10
N ASP D 334 -23.51 9.91 -16.35
CA ASP D 334 -22.48 10.14 -17.39
C ASP D 334 -23.12 10.10 -18.77
N PHE D 335 -24.08 9.22 -19.01
CA PHE D 335 -24.81 9.17 -20.28
C PHE D 335 -25.54 10.51 -20.47
N MET D 336 -26.17 10.98 -19.39
CA MET D 336 -26.98 12.23 -19.46
C MET D 336 -26.04 13.45 -19.71
N ALA D 337 -24.80 13.37 -19.23
CA ALA D 337 -23.72 14.35 -19.47
C ALA D 337 -22.99 14.07 -20.81
N LYS D 338 -23.50 13.22 -21.69
CA LYS D 338 -22.96 12.94 -23.05
C LYS D 338 -21.53 12.39 -23.01
N LYS D 339 -21.15 11.64 -21.98
CA LYS D 339 -19.76 11.11 -21.87
C LYS D 339 -19.55 9.89 -22.76
N PHE D 340 -20.64 9.24 -23.17
CA PHE D 340 -20.64 8.07 -24.11
C PHE D 340 -21.99 8.04 -24.81
N ALA D 341 -22.05 7.26 -25.88
CA ALA D 341 -23.26 7.11 -26.71
C ALA D 341 -23.83 5.69 -26.55
N LEU D 342 -25.15 5.52 -26.56
CA LEU D 342 -25.82 4.19 -26.61
C LEU D 342 -26.52 3.94 -27.94
N ASP D 343 -26.87 5.00 -28.69
CA ASP D 343 -27.62 4.82 -29.95
C ASP D 343 -26.91 3.88 -30.92
N PRO D 344 -25.56 3.82 -30.99
CA PRO D 344 -24.90 2.90 -31.90
C PRO D 344 -25.23 1.42 -31.60
N LEU D 345 -25.61 1.08 -30.34
CA LEU D 345 -25.92 -0.32 -30.00
C LEU D 345 -27.34 -0.69 -30.41
N ILE D 346 -28.23 0.31 -30.60
CA ILE D 346 -29.68 0.05 -30.78
C ILE D 346 -29.97 -0.03 -32.27
N THR D 347 -30.20 -1.22 -32.79
CA THR D 347 -30.45 -1.40 -34.24
C THR D 347 -31.94 -1.64 -34.51
N HIS D 348 -32.71 -2.13 -33.54
CA HIS D 348 -34.13 -2.52 -33.73
C HIS D 348 -34.91 -2.13 -32.49
N VAL D 349 -36.18 -1.79 -32.69
CA VAL D 349 -37.14 -1.51 -31.60
C VAL D 349 -38.38 -2.33 -31.93
N LEU D 350 -38.93 -2.98 -30.92
CA LEU D 350 -40.17 -3.79 -31.06
C LEU D 350 -41.00 -3.66 -29.81
N PRO D 351 -42.32 -3.81 -29.93
CA PRO D 351 -43.17 -3.97 -28.76
C PRO D 351 -42.82 -5.33 -28.13
N PHE D 352 -42.96 -5.41 -26.82
CA PHE D 352 -42.69 -6.61 -26.00
C PHE D 352 -43.33 -7.87 -26.54
N GLU D 353 -44.55 -7.76 -27.06
CA GLU D 353 -45.26 -8.96 -27.54
C GLU D 353 -44.57 -9.61 -28.75
N LYS D 354 -43.68 -8.89 -29.39
CA LYS D 354 -42.88 -9.39 -30.53
C LYS D 354 -41.48 -9.85 -30.07
N ILE D 355 -41.37 -10.25 -28.81
CA ILE D 355 -40.09 -10.72 -28.23
C ILE D 355 -39.46 -11.77 -29.17
N ASN D 356 -40.21 -12.76 -29.62
CA ASN D 356 -39.65 -13.86 -30.44
C ASN D 356 -39.05 -13.32 -31.74
N GLU D 357 -39.65 -12.28 -32.32
CA GLU D 357 -39.02 -11.65 -33.52
C GLU D 357 -37.66 -11.05 -33.12
N GLY D 358 -37.59 -10.45 -31.91
CA GLY D 358 -36.33 -9.85 -31.46
C GLY D 358 -35.26 -10.92 -31.31
N PHE D 359 -35.62 -12.09 -30.79
CA PHE D 359 -34.66 -13.23 -30.66
C PHE D 359 -34.28 -13.75 -32.05
N ASP D 360 -35.23 -13.75 -32.98
CA ASP D 360 -34.93 -14.23 -34.35
C ASP D 360 -33.94 -13.25 -35.00
N LEU D 361 -34.06 -11.93 -34.79
CA LEU D 361 -33.12 -10.89 -35.29
C LEU D 361 -31.73 -11.16 -34.72
N LEU D 362 -31.63 -11.49 -33.44
CA LEU D 362 -30.31 -11.69 -32.84
C LEU D 362 -29.69 -12.92 -33.48
N ARG D 363 -30.49 -13.96 -33.54
CA ARG D 363 -29.97 -15.28 -33.98
C ARG D 363 -29.51 -15.21 -35.43
N SER D 364 -30.20 -14.44 -36.24
CA SER D 364 -29.91 -14.40 -37.69
C SER D 364 -28.66 -13.56 -37.95
N GLY D 365 -28.16 -12.82 -36.95
CA GLY D 365 -26.97 -11.96 -37.12
C GLY D 365 -27.31 -10.55 -37.54
N GLU D 366 -28.62 -10.23 -37.64
CA GLU D 366 -29.07 -8.94 -38.21
CA GLU D 366 -29.13 -8.96 -38.20
C GLU D 366 -29.03 -7.86 -37.14
N SER D 367 -29.26 -8.18 -35.87
CA SER D 367 -29.32 -7.08 -34.87
C SER D 367 -28.07 -7.00 -34.00
N ILE D 368 -27.92 -5.83 -33.39
CA ILE D 368 -27.04 -5.67 -32.21
C ILE D 368 -27.98 -5.78 -30.99
N ARG D 369 -28.58 -4.67 -30.56
CA ARG D 369 -29.59 -4.70 -29.50
C ARG D 369 -30.94 -4.33 -30.10
N THR D 370 -31.89 -5.20 -29.87
CA THR D 370 -33.33 -4.89 -29.96
C THR D 370 -33.81 -4.45 -28.59
N ILE D 371 -34.46 -3.31 -28.52
CA ILE D 371 -35.06 -2.81 -27.28
C ILE D 371 -36.57 -3.10 -27.39
N LEU D 372 -37.09 -3.83 -26.42
CA LEU D 372 -38.55 -4.07 -26.35
C LEU D 372 -39.18 -2.97 -25.50
N THR D 373 -40.32 -2.49 -25.98
CA THR D 373 -41.13 -1.44 -25.33
C THR D 373 -42.37 -2.12 -24.76
N PHE D 374 -42.79 -1.75 -23.56
CA PHE D 374 -44.01 -2.29 -22.91
C PHE D 374 -45.21 -1.38 -23.12
#